data_3RT1
#
_entry.id   3RT1
#
_cell.length_a   193.439
_cell.length_b   205.328
_cell.length_c   206.889
_cell.angle_alpha   90.00
_cell.angle_beta   90.00
_cell.angle_gamma   90.00
#
_symmetry.space_group_name_H-M   'I 2 2 2'
#
loop_
_entity.id
_entity.type
_entity.pdbx_description
1 polymer 'PROTEIN (Glycogen [starch] synthase isoform 2)'
2 branched alpha-D-glucopyranose-(1-4)-alpha-D-glucopyranose-(1-4)-alpha-D-glucopyranose-(1-4)-alpha-D-glucopyranose-(1-4)-alpha-D-glucopyranose-(1-4)-alpha-D-glucopyranose-(1-4)-alpha-D-glucopyranose-(1-4)-alpha-D-glucopyranose
3 branched alpha-D-glucopyranose-(1-4)-alpha-D-glucopyranose-(1-4)-alpha-D-glucopyranose
4 branched alpha-D-glucopyranose-(1-4)-alpha-D-glucopyranose-(1-4)-alpha-D-glucopyranose-(1-4)-alpha-D-glucopyranose
5 branched alpha-D-glucopyranose-(1-4)-alpha-D-glucopyranose-(1-4)-alpha-D-glucopyranose-(1-4)-alpha-D-glucopyranose-(1-4)-alpha-D-glucopyranose
6 non-polymer 6-O-phosphono-alpha-D-glucopyranose
7 non-polymer DI(HYDROXYETHYL)ETHER
#
_entity_poly.entity_id   1
_entity_poly.type   'polypeptide(L)'
_entity_poly.pdbx_seq_one_letter_code
;MGSSHHHHHHSSGLVPRGSHMSRDLQNHLLFETATEVANRVGGIYSVLKSKAPITVAQYKDHYHLIGPLNKATYQNEVDI
LDWKKPEAFSDEMRPVQHALQTMESRGVHFVYGRWLIEGAPKVILFDLDSVRGYSNEWKGDLWSLVGIPSPENDFETNDA
ILLGYTVAWFLGEVAHLDSQHAIVAHFHEWLAGVALPLCRKRRIDVVTIFTTHATLLGRYLCASGSFDFYNCLESVDVDH
EAGRFGIYHRYCIERAAAHSADVFTTVSQITAFEAEHLLKRKPDGILPNGLNVIKFQAFHEFQNLHALKKEKINDFVRGH
FHGCFDFDLDNTLYFFIAGRYEYKNKGADMFIEALARLNYRLKVSGSKKTVVAFIVMPAKNNSFTVEALKGQAEVRALEN
TVHEVTTSIGKRIFDHAIRYPHNGLTTELPTDLGELLKSSDKVMLKRRILALRRPEGQLPPIVTHNMVDDANDLILNKIR
QVQLFNSPSDRVKMIFHPEFLNANNPILGLDYDEFVRGCHLGVFPSYYEPWGYTPAECTVMGVPSITTNVSGFGSYMEDL
IETNQAKDYGIYIVDRRFKAPDESVEQLVDYMEEFVKKTRRQRINQRNATEALSDLLDWKRMGLEYVKARQLALRRGYPD
QFRELVGEELNDSNMDALAGGKKLKVARPLSVPGSPRDLRSNSTVYMTPGDLGTLQEVNNADDYFSLGVNPAADDDDDGP
YADDS
;
_entity_poly.pdbx_strand_id   A,B,C,D
#
# COMPACT_ATOMS: atom_id res chain seq x y z
N SER A 22 -51.00 -22.05 -51.19
CA SER A 22 -49.53 -22.16 -51.25
C SER A 22 -48.87 -21.40 -50.11
N ARG A 23 -47.94 -22.07 -49.42
CA ARG A 23 -47.18 -21.43 -48.36
C ARG A 23 -45.71 -21.87 -48.40
N ASP A 24 -44.85 -21.13 -47.71
CA ASP A 24 -43.41 -21.33 -47.80
C ASP A 24 -42.83 -22.07 -46.59
N LEU A 25 -42.22 -23.21 -46.84
CA LEU A 25 -41.57 -23.99 -45.78
C LEU A 25 -40.10 -23.59 -45.62
N GLN A 26 -39.61 -22.79 -46.56
CA GLN A 26 -38.23 -22.31 -46.55
C GLN A 26 -38.13 -20.98 -45.81
N ASN A 27 -39.25 -20.26 -45.74
CA ASN A 27 -39.29 -18.95 -45.12
C ASN A 27 -40.59 -18.79 -44.33
N HIS A 28 -40.52 -19.02 -43.03
CA HIS A 28 -41.73 -19.06 -42.21
C HIS A 28 -41.67 -18.14 -40.99
N LEU A 29 -42.83 -17.86 -40.41
CA LEU A 29 -42.90 -17.12 -39.15
C LEU A 29 -42.58 -18.05 -37.99
N LEU A 30 -42.55 -17.48 -36.78
CA LEU A 30 -42.32 -18.26 -35.57
C LEU A 30 -42.87 -17.52 -34.38
N PHE A 31 -43.80 -18.15 -33.69
CA PHE A 31 -44.35 -17.57 -32.48
C PHE A 31 -44.09 -18.50 -31.30
N GLU A 32 -43.23 -18.04 -30.39
CA GLU A 32 -42.93 -18.76 -29.16
C GLU A 32 -43.73 -18.14 -28.04
N THR A 33 -44.63 -18.93 -27.46
CA THR A 33 -45.52 -18.42 -26.43
C THR A 33 -45.17 -19.06 -25.09
N ALA A 34 -45.25 -18.28 -24.02
CA ALA A 34 -44.96 -18.81 -22.69
C ALA A 34 -45.37 -17.85 -21.59
N THR A 35 -45.59 -18.38 -20.39
CA THR A 35 -46.10 -17.57 -19.29
C THR A 35 -45.04 -16.67 -18.70
N GLU A 36 -43.78 -16.95 -19.02
CA GLU A 36 -42.70 -16.23 -18.37
C GLU A 36 -41.97 -15.25 -19.29
N VAL A 37 -42.58 -14.91 -20.43
CA VAL A 37 -41.91 -14.05 -21.40
C VAL A 37 -41.52 -12.68 -20.83
N ALA A 38 -42.45 -12.02 -20.16
CA ALA A 38 -42.14 -10.72 -19.60
C ALA A 38 -41.39 -10.88 -18.28
N ASN A 39 -41.79 -11.89 -17.51
CA ASN A 39 -41.41 -11.94 -16.10
C ASN A 39 -40.78 -13.25 -15.63
N ARG A 40 -39.82 -13.12 -14.70
CA ARG A 40 -39.11 -14.26 -14.12
C ARG A 40 -39.98 -14.94 -13.07
N VAL A 41 -40.33 -16.19 -13.32
CA VAL A 41 -41.09 -16.98 -12.37
C VAL A 41 -40.29 -18.20 -11.93
N GLY A 42 -39.89 -19.03 -12.89
CA GLY A 42 -39.09 -20.21 -12.64
C GLY A 42 -37.95 -20.32 -13.65
N GLY A 43 -37.48 -21.55 -13.85
CA GLY A 43 -36.39 -21.77 -14.79
C GLY A 43 -36.66 -21.27 -16.19
N ILE A 44 -37.91 -21.31 -16.63
CA ILE A 44 -38.27 -21.03 -18.02
C ILE A 44 -37.80 -19.67 -18.54
N TYR A 45 -37.93 -18.65 -17.69
CA TYR A 45 -37.50 -17.31 -18.04
C TYR A 45 -36.06 -17.32 -18.53
N SER A 46 -35.20 -18.01 -17.80
CA SER A 46 -33.79 -18.05 -18.14
C SER A 46 -33.58 -18.70 -19.51
N VAL A 47 -34.28 -19.80 -19.74
CA VAL A 47 -34.17 -20.54 -20.99
C VAL A 47 -34.53 -19.66 -22.18
N LEU A 48 -35.69 -19.04 -22.14
CA LEU A 48 -36.16 -18.22 -23.24
C LEU A 48 -35.24 -17.04 -23.47
N LYS A 49 -34.82 -16.41 -22.38
CA LYS A 49 -33.90 -15.29 -22.44
C LYS A 49 -32.60 -15.71 -23.11
N SER A 50 -31.94 -16.69 -22.55
CA SER A 50 -30.63 -17.07 -23.02
C SER A 50 -30.67 -17.59 -24.45
N LYS A 51 -31.85 -17.99 -24.91
CA LYS A 51 -32.00 -18.56 -26.25
C LYS A 51 -32.30 -17.48 -27.30
N ALA A 52 -32.58 -16.26 -26.85
CA ALA A 52 -32.95 -15.19 -27.78
C ALA A 52 -31.90 -14.92 -28.85
N PRO A 53 -30.66 -14.60 -28.45
CA PRO A 53 -29.60 -14.40 -29.43
C PRO A 53 -29.66 -15.38 -30.59
N ILE A 54 -29.48 -16.68 -30.31
CA ILE A 54 -29.43 -17.69 -31.37
C ILE A 54 -30.63 -17.66 -32.31
N THR A 55 -31.75 -17.11 -31.87
CA THR A 55 -32.98 -17.14 -32.66
C THR A 55 -33.13 -15.93 -33.57
N VAL A 56 -33.01 -14.73 -33.00
CA VAL A 56 -33.06 -13.52 -33.81
C VAL A 56 -32.06 -13.61 -34.96
N ALA A 57 -30.94 -14.30 -34.72
CA ALA A 57 -29.92 -14.53 -35.73
C ALA A 57 -30.36 -15.56 -36.78
N GLN A 58 -31.64 -15.53 -37.13
CA GLN A 58 -32.15 -16.48 -38.12
C GLN A 58 -33.60 -16.16 -38.49
N TYR A 59 -34.21 -15.29 -37.70
CA TYR A 59 -35.60 -14.92 -37.91
C TYR A 59 -35.77 -13.40 -37.92
N LYS A 60 -34.94 -12.71 -37.13
CA LYS A 60 -34.98 -11.26 -37.08
C LYS A 60 -36.34 -10.73 -36.63
N ASP A 61 -37.18 -10.39 -37.60
CA ASP A 61 -38.51 -9.85 -37.31
C ASP A 61 -39.63 -10.83 -37.66
N HIS A 62 -39.25 -12.03 -38.10
CA HIS A 62 -40.18 -13.14 -38.28
C HIS A 62 -40.51 -13.73 -36.91
N TYR A 63 -39.48 -13.82 -36.08
CA TYR A 63 -39.60 -14.35 -34.74
C TYR A 63 -40.37 -13.43 -33.80
N HIS A 64 -41.28 -14.02 -33.03
CA HIS A 64 -42.08 -13.28 -32.08
C HIS A 64 -42.32 -14.07 -30.81
N LEU A 65 -42.43 -13.35 -29.70
CA LEU A 65 -42.68 -13.98 -28.41
C LEU A 65 -43.96 -13.43 -27.83
N ILE A 66 -44.89 -14.31 -27.48
CA ILE A 66 -46.18 -13.89 -26.96
C ILE A 66 -46.29 -14.25 -25.49
N GLY A 67 -47.01 -13.43 -24.71
CA GLY A 67 -47.18 -13.70 -23.30
C GLY A 67 -48.08 -12.70 -22.59
N PRO A 68 -48.44 -13.00 -21.33
CA PRO A 68 -49.30 -12.10 -20.54
C PRO A 68 -48.48 -10.96 -19.98
N LEU A 69 -49.16 -9.89 -19.53
CA LEU A 69 -48.48 -8.72 -18.97
C LEU A 69 -48.45 -8.70 -17.46
N ASN A 70 -47.26 -8.58 -16.92
CA ASN A 70 -47.11 -8.25 -15.51
C ASN A 70 -47.10 -6.73 -15.40
N LYS A 71 -48.26 -6.16 -15.04
CA LYS A 71 -48.41 -4.72 -14.96
C LYS A 71 -47.48 -4.12 -13.91
N ALA A 72 -47.05 -4.94 -12.95
CA ALA A 72 -46.23 -4.46 -11.83
C ALA A 72 -44.72 -4.46 -12.09
N THR A 73 -44.28 -4.92 -13.27
CA THR A 73 -42.85 -5.02 -13.54
C THR A 73 -42.50 -4.81 -15.01
N TYR A 74 -43.51 -4.82 -15.87
CA TYR A 74 -43.26 -4.93 -17.32
C TYR A 74 -42.37 -3.84 -17.92
N GLN A 75 -42.12 -2.78 -17.14
CA GLN A 75 -41.36 -1.66 -17.68
C GLN A 75 -39.86 -1.75 -17.46
N ASN A 76 -39.42 -2.55 -16.49
CA ASN A 76 -38.00 -2.78 -16.26
C ASN A 76 -37.42 -3.68 -17.33
N GLU A 77 -38.30 -4.38 -18.05
CA GLU A 77 -37.88 -5.42 -18.98
C GLU A 77 -38.12 -5.01 -20.43
N VAL A 78 -39.16 -4.22 -20.66
CA VAL A 78 -39.60 -3.93 -22.01
C VAL A 78 -39.43 -2.47 -22.43
N ASP A 79 -38.71 -2.26 -23.52
CA ASP A 79 -38.69 -0.96 -24.18
C ASP A 79 -39.94 -0.93 -25.05
N ILE A 80 -40.85 0.00 -24.74
CA ILE A 80 -42.19 -0.02 -25.31
C ILE A 80 -42.28 0.64 -26.69
N LEU A 81 -42.27 -0.19 -27.74
CA LEU A 81 -42.35 0.28 -29.13
C LEU A 81 -43.79 0.60 -29.58
N ASP A 82 -43.94 1.67 -30.37
CA ASP A 82 -45.22 2.02 -30.98
C ASP A 82 -45.41 1.18 -32.25
N TRP A 83 -46.45 0.36 -32.24
CA TRP A 83 -46.64 -0.68 -33.26
C TRP A 83 -47.45 -0.21 -34.47
N LYS A 84 -47.80 1.06 -34.50
CA LYS A 84 -48.68 1.59 -35.54
C LYS A 84 -47.94 2.15 -36.77
N LYS A 85 -47.01 3.08 -36.55
CA LYS A 85 -46.25 3.67 -37.64
C LYS A 85 -45.81 2.61 -38.67
N PRO A 86 -46.06 2.89 -39.96
CA PRO A 86 -45.85 1.98 -41.10
C PRO A 86 -44.43 1.42 -41.31
N GLU A 87 -43.46 1.77 -40.48
CA GLU A 87 -42.13 1.19 -40.62
C GLU A 87 -41.86 0.09 -39.59
N ALA A 88 -42.74 0.00 -38.59
CA ALA A 88 -42.60 -0.95 -37.49
C ALA A 88 -42.46 -2.40 -37.98
N PHE A 89 -43.07 -2.69 -39.12
CA PHE A 89 -43.01 -4.02 -39.71
C PHE A 89 -42.57 -3.92 -41.17
N SER A 90 -41.78 -4.87 -41.63
CA SER A 90 -41.38 -4.92 -43.02
C SER A 90 -42.60 -5.21 -43.90
N ASP A 91 -42.37 -5.49 -45.18
CA ASP A 91 -43.48 -5.72 -46.10
C ASP A 91 -44.13 -7.10 -45.91
N GLU A 92 -43.33 -8.16 -45.85
CA GLU A 92 -43.88 -9.49 -45.67
C GLU A 92 -44.41 -9.72 -44.25
N MET A 93 -44.00 -8.86 -43.32
CA MET A 93 -44.49 -8.94 -41.94
C MET A 93 -45.57 -7.90 -41.70
N ARG A 94 -46.30 -7.55 -42.76
CA ARG A 94 -47.44 -6.65 -42.65
C ARG A 94 -48.66 -7.36 -42.07
N PRO A 95 -48.90 -8.61 -42.51
CA PRO A 95 -50.05 -9.34 -41.98
C PRO A 95 -50.12 -9.22 -40.47
N VAL A 96 -48.99 -9.44 -39.82
CA VAL A 96 -48.91 -9.37 -38.36
C VAL A 96 -49.42 -8.03 -37.84
N GLN A 97 -49.11 -6.95 -38.56
CA GLN A 97 -49.52 -5.62 -38.14
C GLN A 97 -51.03 -5.45 -38.21
N HIS A 98 -51.62 -5.95 -39.30
CA HIS A 98 -53.06 -5.86 -39.52
C HIS A 98 -53.83 -6.84 -38.62
N ALA A 99 -53.21 -7.98 -38.34
CA ALA A 99 -53.75 -8.93 -37.37
C ALA A 99 -53.68 -8.34 -35.96
N LEU A 100 -52.77 -7.40 -35.76
CA LEU A 100 -52.66 -6.67 -34.51
C LEU A 100 -53.76 -5.61 -34.43
N GLN A 101 -54.12 -5.07 -35.59
CA GLN A 101 -55.21 -4.09 -35.69
C GLN A 101 -56.50 -4.72 -35.20
N THR A 102 -56.81 -5.87 -35.78
CA THR A 102 -58.05 -6.58 -35.51
C THR A 102 -58.24 -6.83 -34.02
N MET A 103 -57.13 -6.98 -33.30
CA MET A 103 -57.19 -7.18 -31.86
C MET A 103 -57.51 -5.88 -31.12
N GLU A 104 -57.06 -4.74 -31.68
CA GLU A 104 -57.34 -3.44 -31.07
C GLU A 104 -58.78 -3.00 -31.38
N SER A 105 -59.34 -3.53 -32.46
CA SER A 105 -60.76 -3.30 -32.78
C SER A 105 -61.64 -3.55 -31.56
N ARG A 106 -61.61 -4.80 -31.10
CA ARG A 106 -62.55 -5.32 -30.11
C ARG A 106 -62.32 -4.71 -28.73
N GLY A 107 -61.08 -4.37 -28.42
CA GLY A 107 -60.74 -3.77 -27.15
C GLY A 107 -59.57 -4.48 -26.50
N VAL A 108 -58.97 -5.40 -27.24
CA VAL A 108 -57.85 -6.19 -26.74
C VAL A 108 -56.62 -5.32 -26.56
N HIS A 109 -56.39 -4.84 -25.34
CA HIS A 109 -55.22 -4.02 -25.02
C HIS A 109 -53.93 -4.86 -25.02
N PHE A 110 -52.85 -4.32 -25.57
CA PHE A 110 -51.62 -5.10 -25.69
C PHE A 110 -50.34 -4.31 -25.98
N VAL A 111 -49.37 -4.43 -25.08
CA VAL A 111 -48.05 -3.81 -25.25
C VAL A 111 -47.22 -4.53 -26.33
N TYR A 112 -46.56 -3.75 -27.18
CA TYR A 112 -45.68 -4.29 -28.20
C TYR A 112 -44.32 -3.62 -28.01
N GLY A 113 -43.24 -4.35 -28.27
CA GLY A 113 -41.92 -3.78 -28.12
C GLY A 113 -40.72 -4.70 -28.18
N ARG A 114 -39.63 -4.27 -27.56
CA ARG A 114 -38.38 -5.02 -27.52
C ARG A 114 -38.03 -5.44 -26.10
N TRP A 115 -37.54 -6.67 -25.96
CA TRP A 115 -37.13 -7.18 -24.66
C TRP A 115 -35.69 -6.76 -24.39
N LEU A 116 -35.51 -5.94 -23.36
CA LEU A 116 -34.20 -5.38 -23.04
C LEU A 116 -33.20 -6.46 -22.65
N ILE A 117 -32.76 -7.21 -23.65
CA ILE A 117 -31.86 -8.33 -23.44
C ILE A 117 -31.04 -8.58 -24.70
N GLU A 118 -29.88 -9.19 -24.55
CA GLU A 118 -29.06 -9.52 -25.70
C GLU A 118 -29.95 -10.24 -26.69
N GLY A 119 -29.93 -9.76 -27.94
CA GLY A 119 -30.75 -10.33 -29.00
C GLY A 119 -32.00 -9.52 -29.29
N ALA A 120 -32.42 -8.72 -28.31
CA ALA A 120 -33.61 -7.86 -28.42
C ALA A 120 -34.66 -8.34 -29.43
N PRO A 121 -35.44 -9.38 -29.06
CA PRO A 121 -36.46 -9.93 -29.94
C PRO A 121 -37.76 -9.15 -29.78
N LYS A 122 -38.58 -9.16 -30.84
CA LYS A 122 -39.86 -8.47 -30.78
C LYS A 122 -40.81 -9.29 -29.91
N VAL A 123 -41.48 -8.62 -28.98
CA VAL A 123 -42.31 -9.33 -28.03
C VAL A 123 -43.75 -8.78 -27.96
N ILE A 124 -44.72 -9.62 -28.31
CA ILE A 124 -46.13 -9.27 -28.19
C ILE A 124 -46.67 -9.65 -26.82
N LEU A 125 -47.13 -8.67 -26.06
CA LEU A 125 -47.65 -8.96 -24.73
C LEU A 125 -49.14 -8.63 -24.67
N PHE A 126 -49.95 -9.59 -24.23
CA PHE A 126 -51.39 -9.38 -24.13
C PHE A 126 -51.82 -9.12 -22.69
N ASP A 127 -52.53 -8.00 -22.47
CA ASP A 127 -53.09 -7.77 -21.14
C ASP A 127 -54.22 -8.76 -20.93
N LEU A 128 -54.25 -9.38 -19.75
CA LEU A 128 -55.31 -10.32 -19.44
C LEU A 128 -56.58 -9.60 -19.02
N ASP A 129 -56.44 -8.59 -18.17
CA ASP A 129 -57.57 -7.82 -17.66
C ASP A 129 -58.53 -7.35 -18.75
N SER A 130 -57.98 -7.01 -19.93
CA SER A 130 -58.80 -6.56 -21.04
C SER A 130 -59.49 -7.73 -21.73
N VAL A 131 -59.98 -8.68 -20.93
CA VAL A 131 -60.75 -9.83 -21.41
C VAL A 131 -61.41 -10.57 -20.24
N ARG A 132 -60.96 -10.24 -19.02
CA ARG A 132 -61.48 -10.87 -17.81
C ARG A 132 -62.99 -11.13 -17.86
N GLY A 133 -63.72 -10.23 -18.52
CA GLY A 133 -65.15 -10.37 -18.66
C GLY A 133 -65.55 -11.63 -19.41
N TYR A 134 -64.91 -11.85 -20.56
CA TYR A 134 -65.21 -13.02 -21.40
C TYR A 134 -64.88 -14.34 -20.68
N SER A 135 -64.50 -14.24 -19.41
CA SER A 135 -64.19 -15.39 -18.58
C SER A 135 -65.18 -16.54 -18.77
N ASN A 136 -66.39 -16.36 -18.25
CA ASN A 136 -67.40 -17.42 -18.24
C ASN A 136 -67.69 -18.09 -19.59
N GLU A 137 -67.82 -17.30 -20.66
CA GLU A 137 -68.10 -17.91 -21.96
C GLU A 137 -67.01 -18.91 -22.31
N TRP A 138 -65.76 -18.53 -22.05
CA TRP A 138 -64.62 -19.35 -22.44
C TRP A 138 -64.42 -20.56 -21.54
N LYS A 139 -64.53 -20.36 -20.23
CA LYS A 139 -64.55 -21.48 -19.31
C LYS A 139 -65.57 -22.50 -19.81
N GLY A 140 -66.76 -22.02 -20.12
CA GLY A 140 -67.83 -22.86 -20.65
C GLY A 140 -67.52 -23.53 -21.98
N ASP A 141 -67.03 -22.75 -22.94
CA ASP A 141 -66.69 -23.31 -24.25
C ASP A 141 -65.60 -24.38 -24.13
N LEU A 142 -64.65 -24.12 -23.25
CA LEU A 142 -63.55 -25.05 -22.99
C LEU A 142 -64.06 -26.35 -22.39
N TRP A 143 -65.01 -26.25 -21.46
CA TRP A 143 -65.57 -27.42 -20.81
C TRP A 143 -66.23 -28.37 -21.80
N SER A 144 -66.80 -27.81 -22.86
CA SER A 144 -67.55 -28.62 -23.82
C SER A 144 -66.70 -29.12 -24.98
N LEU A 145 -65.58 -28.47 -25.23
CA LEU A 145 -64.70 -28.92 -26.29
C LEU A 145 -63.77 -30.02 -25.81
N VAL A 146 -63.04 -29.74 -24.75
CA VAL A 146 -61.99 -30.64 -24.28
C VAL A 146 -62.29 -31.22 -22.90
N GLY A 147 -63.31 -30.69 -22.22
CA GLY A 147 -63.78 -31.25 -20.97
C GLY A 147 -63.01 -30.79 -19.75
N ILE A 148 -62.55 -29.54 -19.76
CA ILE A 148 -61.67 -29.08 -18.70
C ILE A 148 -62.41 -28.21 -17.69
N PRO A 149 -62.60 -28.73 -16.46
CA PRO A 149 -63.26 -27.96 -15.38
C PRO A 149 -62.42 -26.73 -15.08
N SER A 150 -62.83 -25.93 -14.11
CA SER A 150 -62.06 -24.73 -13.78
C SER A 150 -62.64 -23.96 -12.60
N PRO A 151 -62.27 -24.37 -11.38
CA PRO A 151 -62.76 -23.64 -10.20
C PRO A 151 -62.46 -22.15 -10.34
N GLU A 152 -63.20 -21.31 -9.61
CA GLU A 152 -63.02 -19.87 -9.69
C GLU A 152 -61.79 -19.42 -8.89
N ASN A 153 -61.46 -20.18 -7.85
CA ASN A 153 -60.39 -19.82 -6.92
C ASN A 153 -58.97 -20.08 -7.42
N ASP A 154 -58.82 -21.03 -8.35
CA ASP A 154 -57.53 -21.27 -8.97
C ASP A 154 -57.25 -20.14 -9.94
N PHE A 155 -56.49 -19.13 -9.49
CA PHE A 155 -56.26 -17.96 -10.31
C PHE A 155 -55.25 -18.19 -11.42
N GLU A 156 -54.41 -19.22 -11.27
CA GLU A 156 -53.45 -19.59 -12.31
C GLU A 156 -54.11 -20.08 -13.60
N THR A 157 -55.02 -21.06 -13.46
CA THR A 157 -55.66 -21.64 -14.63
C THR A 157 -56.58 -20.62 -15.27
N ASN A 158 -57.21 -19.81 -14.44
CA ASN A 158 -58.06 -18.72 -14.93
C ASN A 158 -57.26 -17.86 -15.89
N ASP A 159 -56.10 -17.40 -15.44
CA ASP A 159 -55.21 -16.61 -16.28
C ASP A 159 -54.79 -17.43 -17.50
N ALA A 160 -54.52 -18.72 -17.28
CA ALA A 160 -54.02 -19.60 -18.33
C ALA A 160 -55.05 -19.88 -19.43
N ILE A 161 -56.34 -19.78 -19.11
CA ILE A 161 -57.38 -19.95 -20.10
C ILE A 161 -57.55 -18.69 -20.93
N LEU A 162 -57.68 -17.56 -20.24
CA LEU A 162 -57.72 -16.26 -20.89
C LEU A 162 -56.63 -16.19 -21.95
N LEU A 163 -55.39 -16.42 -21.51
CA LEU A 163 -54.25 -16.40 -22.40
C LEU A 163 -54.43 -17.31 -23.62
N GLY A 164 -54.66 -18.59 -23.38
CA GLY A 164 -54.79 -19.56 -24.45
C GLY A 164 -55.83 -19.19 -25.50
N TYR A 165 -56.95 -18.63 -25.05
CA TYR A 165 -58.00 -18.21 -25.98
C TYR A 165 -57.58 -17.00 -26.83
N THR A 166 -57.01 -15.99 -26.19
CA THR A 166 -56.50 -14.83 -26.91
C THR A 166 -55.46 -15.22 -27.95
N VAL A 167 -54.43 -15.93 -27.51
CA VAL A 167 -53.33 -16.31 -28.39
C VAL A 167 -53.82 -17.19 -29.54
N ALA A 168 -54.95 -17.85 -29.35
CA ALA A 168 -55.55 -18.67 -30.40
C ALA A 168 -56.31 -17.79 -31.39
N TRP A 169 -56.87 -16.70 -30.88
CA TRP A 169 -57.49 -15.65 -31.69
C TRP A 169 -56.44 -15.04 -32.61
N PHE A 170 -55.47 -14.37 -32.00
CA PHE A 170 -54.39 -13.73 -32.71
C PHE A 170 -53.78 -14.64 -33.78
N LEU A 171 -53.50 -15.89 -33.42
CA LEU A 171 -52.88 -16.81 -34.36
C LEU A 171 -53.81 -17.15 -35.53
N GLY A 172 -55.11 -16.94 -35.32
CA GLY A 172 -56.09 -17.19 -36.37
C GLY A 172 -56.05 -16.13 -37.46
N GLU A 173 -56.07 -14.86 -37.05
CA GLU A 173 -56.04 -13.73 -37.98
C GLU A 173 -54.76 -13.73 -38.80
N VAL A 174 -53.65 -14.11 -38.17
CA VAL A 174 -52.37 -14.14 -38.85
C VAL A 174 -52.33 -15.20 -39.95
N ALA A 175 -53.12 -16.26 -39.79
CA ALA A 175 -53.20 -17.32 -40.80
C ALA A 175 -54.17 -16.94 -41.91
N HIS A 176 -55.02 -15.95 -41.59
CA HIS A 176 -55.98 -15.41 -42.52
C HIS A 176 -55.25 -14.52 -43.54
N LEU A 177 -54.42 -13.61 -43.02
CA LEU A 177 -53.76 -12.59 -43.81
C LEU A 177 -52.47 -13.08 -44.49
N ASP A 178 -51.44 -13.39 -43.69
CA ASP A 178 -50.20 -13.92 -44.27
C ASP A 178 -50.49 -15.15 -45.12
N SER A 179 -50.07 -15.12 -46.37
CA SER A 179 -50.35 -16.20 -47.31
C SER A 179 -49.09 -16.71 -48.00
N GLN A 180 -47.94 -16.26 -47.51
CA GLN A 180 -46.64 -16.63 -48.09
C GLN A 180 -45.81 -17.51 -47.15
N HIS A 181 -45.94 -17.27 -45.85
CA HIS A 181 -45.19 -18.01 -44.85
C HIS A 181 -46.02 -19.10 -44.18
N ALA A 182 -45.41 -20.24 -43.92
CA ALA A 182 -46.01 -21.25 -43.06
C ALA A 182 -45.78 -20.81 -41.62
N ILE A 183 -46.85 -20.73 -40.82
CA ILE A 183 -46.74 -20.26 -39.44
C ILE A 183 -46.46 -21.40 -38.46
N VAL A 184 -45.45 -21.23 -37.60
CA VAL A 184 -45.18 -22.20 -36.54
C VAL A 184 -45.24 -21.55 -35.17
N ALA A 185 -46.06 -22.11 -34.28
CA ALA A 185 -46.21 -21.60 -32.93
C ALA A 185 -45.71 -22.62 -31.91
N HIS A 186 -44.91 -22.14 -30.95
CA HIS A 186 -44.28 -22.99 -29.95
C HIS A 186 -44.80 -22.56 -28.58
N PHE A 187 -45.29 -23.53 -27.80
CA PHE A 187 -45.80 -23.23 -26.46
C PHE A 187 -44.96 -23.92 -25.39
N HIS A 188 -44.74 -23.22 -24.28
CA HIS A 188 -43.90 -23.75 -23.20
C HIS A 188 -44.64 -23.91 -21.88
N GLU A 189 -44.76 -25.16 -21.43
CA GLU A 189 -45.39 -25.48 -20.14
C GLU A 189 -46.92 -25.37 -20.17
N TRP A 190 -47.60 -26.18 -19.36
CA TRP A 190 -49.06 -26.23 -19.37
C TRP A 190 -49.71 -24.86 -19.23
N LEU A 191 -49.15 -24.01 -18.38
CA LEU A 191 -49.73 -22.70 -18.14
C LEU A 191 -49.99 -21.91 -19.44
N ALA A 192 -49.20 -22.18 -20.47
CA ALA A 192 -49.34 -21.46 -21.72
C ALA A 192 -49.81 -22.40 -22.82
N GLY A 193 -50.42 -23.52 -22.42
CA GLY A 193 -50.77 -24.57 -23.36
C GLY A 193 -52.21 -24.59 -23.81
N VAL A 194 -53.07 -23.81 -23.15
CA VAL A 194 -54.50 -23.85 -23.46
C VAL A 194 -54.83 -23.60 -24.93
N ALA A 195 -54.06 -22.74 -25.57
CA ALA A 195 -54.29 -22.42 -26.97
C ALA A 195 -54.21 -23.65 -27.87
N LEU A 196 -53.49 -24.67 -27.43
CA LEU A 196 -53.19 -25.83 -28.28
C LEU A 196 -54.39 -26.66 -28.72
N PRO A 197 -55.30 -27.00 -27.78
CA PRO A 197 -56.51 -27.68 -28.25
C PRO A 197 -57.33 -26.78 -29.18
N LEU A 198 -57.41 -25.50 -28.85
CA LEU A 198 -58.14 -24.54 -29.68
C LEU A 198 -57.68 -24.53 -31.14
N CYS A 199 -56.42 -24.87 -31.38
CA CYS A 199 -55.88 -24.86 -32.73
C CYS A 199 -56.16 -26.12 -33.53
N ARG A 200 -56.64 -27.17 -32.86
CA ARG A 200 -56.96 -28.40 -33.58
C ARG A 200 -58.45 -28.49 -33.85
N LYS A 201 -59.25 -28.09 -32.87
CA LYS A 201 -60.69 -28.01 -33.06
C LYS A 201 -60.99 -26.96 -34.13
N ARG A 202 -60.61 -25.71 -33.87
CA ARG A 202 -60.77 -24.62 -34.83
C ARG A 202 -60.01 -24.87 -36.13
N ARG A 203 -59.29 -25.99 -36.20
CA ARG A 203 -58.59 -26.41 -37.41
C ARG A 203 -57.77 -25.27 -38.05
N ILE A 204 -57.40 -24.28 -37.23
CA ILE A 204 -56.59 -23.13 -37.68
C ILE A 204 -55.31 -23.52 -38.40
N ASP A 205 -54.86 -22.69 -39.34
CA ASP A 205 -53.69 -23.03 -40.16
C ASP A 205 -52.36 -22.53 -39.60
N VAL A 206 -51.84 -23.24 -38.61
CA VAL A 206 -50.49 -23.08 -38.11
C VAL A 206 -50.00 -24.47 -37.72
N VAL A 207 -48.71 -24.65 -37.49
CA VAL A 207 -48.23 -25.91 -36.96
C VAL A 207 -47.74 -25.70 -35.54
N THR A 208 -48.29 -26.47 -34.60
CA THR A 208 -48.02 -26.26 -33.20
C THR A 208 -46.88 -27.13 -32.64
N ILE A 209 -46.12 -26.55 -31.73
CA ILE A 209 -45.18 -27.31 -30.92
C ILE A 209 -45.48 -27.03 -29.45
N PHE A 210 -45.37 -28.06 -28.62
CA PHE A 210 -45.54 -27.91 -27.18
C PHE A 210 -44.37 -28.55 -26.46
N THR A 211 -43.63 -27.74 -25.71
CA THR A 211 -42.55 -28.27 -24.89
C THR A 211 -42.95 -28.28 -23.42
N THR A 212 -42.88 -29.44 -22.79
CA THR A 212 -43.12 -29.54 -21.38
C THR A 212 -41.79 -29.66 -20.65
N HIS A 213 -41.63 -28.90 -19.58
CA HIS A 213 -40.38 -28.84 -18.83
C HIS A 213 -40.42 -29.68 -17.57
N ALA A 214 -41.56 -30.33 -17.34
CA ALA A 214 -41.75 -31.26 -16.25
C ALA A 214 -43.10 -31.90 -16.51
N THR A 215 -43.61 -32.67 -15.56
CA THR A 215 -45.00 -33.03 -15.64
C THR A 215 -45.63 -32.68 -14.31
N LEU A 216 -46.92 -32.39 -14.31
CA LEU A 216 -47.63 -32.10 -13.08
C LEU A 216 -47.57 -33.30 -12.15
N LEU A 217 -48.05 -34.44 -12.63
CA LEU A 217 -48.09 -35.61 -11.79
C LEU A 217 -46.70 -36.01 -11.33
N GLY A 218 -45.68 -35.59 -12.08
CA GLY A 218 -44.30 -35.88 -11.72
C GLY A 218 -43.91 -35.16 -10.44
N ARG A 219 -43.93 -33.83 -10.48
CA ARG A 219 -43.62 -33.04 -9.30
C ARG A 219 -44.47 -33.44 -8.10
N TYR A 220 -45.71 -33.89 -8.34
CA TYR A 220 -46.64 -34.18 -7.24
C TYR A 220 -46.47 -35.58 -6.64
N LEU A 221 -46.25 -36.58 -7.48
CA LEU A 221 -46.02 -37.93 -6.98
C LEU A 221 -44.72 -38.00 -6.19
N CYS A 222 -43.80 -37.09 -6.47
CA CYS A 222 -42.50 -37.08 -5.80
C CYS A 222 -42.41 -36.14 -4.59
N ALA A 223 -43.47 -35.38 -4.35
CA ALA A 223 -43.46 -34.41 -3.26
C ALA A 223 -43.29 -35.05 -1.87
N SER A 224 -44.17 -35.97 -1.50
CA SER A 224 -44.02 -36.67 -0.22
C SER A 224 -42.62 -37.28 -0.10
N GLY A 225 -42.21 -38.02 -1.13
CA GLY A 225 -40.87 -38.58 -1.16
C GLY A 225 -40.85 -40.02 -0.70
N SER A 226 -42.04 -40.57 -0.46
CA SER A 226 -42.18 -41.97 -0.07
C SER A 226 -42.50 -42.84 -1.29
N PHE A 227 -42.93 -42.21 -2.37
CA PHE A 227 -43.32 -42.91 -3.60
C PHE A 227 -42.09 -43.35 -4.41
N ASP A 228 -42.11 -44.59 -4.88
CA ASP A 228 -41.04 -45.11 -5.72
C ASP A 228 -41.27 -44.75 -7.18
N PHE A 229 -40.98 -43.51 -7.54
CA PHE A 229 -41.42 -42.93 -8.80
C PHE A 229 -41.04 -43.70 -10.07
N TYR A 230 -39.76 -44.02 -10.23
CA TYR A 230 -39.27 -44.50 -11.53
C TYR A 230 -39.62 -45.96 -11.82
N ASN A 231 -40.23 -46.62 -10.85
CA ASN A 231 -40.59 -48.01 -10.99
C ASN A 231 -42.10 -48.27 -11.03
N CYS A 232 -42.87 -47.30 -10.56
CA CYS A 232 -44.31 -47.50 -10.41
C CYS A 232 -45.15 -46.53 -11.24
N LEU A 233 -44.49 -45.68 -12.02
CA LEU A 233 -45.23 -44.72 -12.81
C LEU A 233 -45.83 -45.41 -14.01
N GLU A 234 -45.19 -46.48 -14.46
CA GLU A 234 -45.72 -47.25 -15.57
C GLU A 234 -47.11 -47.83 -15.24
N SER A 235 -47.44 -47.92 -13.95
CA SER A 235 -48.71 -48.48 -13.52
C SER A 235 -49.56 -47.50 -12.69
N VAL A 236 -49.45 -46.22 -13.01
CA VAL A 236 -50.23 -45.18 -12.34
C VAL A 236 -51.55 -44.93 -13.08
N ASP A 237 -52.64 -44.82 -12.33
CA ASP A 237 -53.90 -44.38 -12.90
C ASP A 237 -53.98 -42.85 -12.83
N VAL A 238 -53.68 -42.20 -13.96
CA VAL A 238 -53.49 -40.76 -13.95
C VAL A 238 -54.69 -39.97 -13.46
N ASP A 239 -55.87 -40.24 -14.01
CA ASP A 239 -57.06 -39.48 -13.60
C ASP A 239 -57.30 -39.63 -12.10
N HIS A 240 -57.03 -40.82 -11.58
CA HIS A 240 -57.24 -41.06 -10.17
C HIS A 240 -56.28 -40.27 -9.31
N GLU A 241 -55.00 -40.25 -9.70
CA GLU A 241 -53.98 -39.54 -8.94
C GLU A 241 -54.16 -38.03 -9.07
N ALA A 242 -54.42 -37.55 -10.28
CA ALA A 242 -54.66 -36.14 -10.46
C ALA A 242 -55.79 -35.67 -9.55
N GLY A 243 -56.75 -36.55 -9.28
CA GLY A 243 -57.89 -36.20 -8.45
C GLY A 243 -57.57 -36.19 -6.97
N ARG A 244 -56.73 -37.14 -6.56
CA ARG A 244 -56.25 -37.25 -5.20
C ARG A 244 -55.53 -35.99 -4.77
N PHE A 245 -54.91 -35.32 -5.75
CA PHE A 245 -54.07 -34.17 -5.47
C PHE A 245 -54.75 -32.81 -5.66
N GLY A 246 -56.00 -32.81 -6.09
CA GLY A 246 -56.75 -31.58 -6.30
C GLY A 246 -56.26 -30.86 -7.54
N ILE A 247 -55.92 -31.66 -8.54
CA ILE A 247 -55.11 -31.20 -9.66
C ILE A 247 -55.78 -31.51 -10.97
N TYR A 248 -56.96 -32.13 -10.90
CA TYR A 248 -57.59 -32.67 -12.11
C TYR A 248 -57.68 -31.65 -13.24
N HIS A 249 -58.17 -30.45 -12.96
CA HIS A 249 -58.34 -29.46 -14.02
C HIS A 249 -57.00 -29.14 -14.71
N ARG A 250 -56.00 -28.81 -13.91
CA ARG A 250 -54.67 -28.50 -14.41
C ARG A 250 -54.09 -29.64 -15.23
N TYR A 251 -54.17 -30.84 -14.70
CA TYR A 251 -53.68 -32.02 -15.41
C TYR A 251 -54.29 -32.16 -16.81
N CYS A 252 -55.57 -31.77 -16.93
CA CYS A 252 -56.28 -31.93 -18.19
C CYS A 252 -55.75 -30.98 -19.25
N ILE A 253 -55.36 -29.79 -18.81
CA ILE A 253 -54.74 -28.80 -19.68
C ILE A 253 -53.40 -29.30 -20.21
N GLU A 254 -52.56 -29.76 -19.29
CA GLU A 254 -51.25 -30.26 -19.68
C GLU A 254 -51.43 -31.45 -20.61
N ARG A 255 -52.47 -32.24 -20.37
CA ARG A 255 -52.75 -33.39 -21.22
C ARG A 255 -53.26 -32.98 -22.59
N ALA A 256 -54.18 -32.02 -22.61
CA ALA A 256 -54.72 -31.49 -23.85
C ALA A 256 -53.63 -30.90 -24.72
N ALA A 257 -52.71 -30.16 -24.10
CA ALA A 257 -51.61 -29.55 -24.83
C ALA A 257 -50.72 -30.61 -25.49
N ALA A 258 -50.42 -31.67 -24.77
CA ALA A 258 -49.58 -32.73 -25.32
C ALA A 258 -50.24 -33.45 -26.50
N HIS A 259 -51.55 -33.63 -26.46
CA HIS A 259 -52.24 -34.39 -27.51
C HIS A 259 -52.56 -33.54 -28.73
N SER A 260 -52.86 -32.27 -28.50
CA SER A 260 -53.18 -31.34 -29.58
C SER A 260 -51.96 -30.98 -30.44
N ALA A 261 -50.81 -30.81 -29.81
CA ALA A 261 -49.63 -30.35 -30.50
C ALA A 261 -49.19 -31.27 -31.65
N ASP A 262 -48.86 -30.65 -32.79
CA ASP A 262 -48.28 -31.36 -33.92
C ASP A 262 -47.02 -32.07 -33.48
N VAL A 263 -46.13 -31.33 -32.82
CA VAL A 263 -44.94 -31.92 -32.23
C VAL A 263 -45.01 -31.80 -30.70
N PHE A 264 -44.55 -32.83 -30.01
CA PHE A 264 -44.58 -32.84 -28.55
C PHE A 264 -43.19 -33.17 -28.01
N THR A 265 -42.65 -32.28 -27.19
CA THR A 265 -41.27 -32.38 -26.73
C THR A 265 -41.13 -32.15 -25.22
N THR A 266 -40.19 -32.87 -24.60
CA THR A 266 -39.79 -32.58 -23.23
C THR A 266 -38.37 -32.04 -23.28
N VAL A 267 -37.78 -31.78 -22.11
CA VAL A 267 -36.44 -31.21 -22.05
C VAL A 267 -35.36 -32.27 -21.83
N SER A 268 -35.75 -33.52 -21.66
CA SER A 268 -34.76 -34.57 -21.44
C SER A 268 -35.30 -35.97 -21.61
N GLN A 269 -34.42 -36.92 -21.87
CA GLN A 269 -34.81 -38.32 -22.01
C GLN A 269 -35.64 -38.81 -20.83
N ILE A 270 -35.19 -38.50 -19.63
CA ILE A 270 -35.83 -39.03 -18.43
C ILE A 270 -37.22 -38.46 -18.24
N THR A 271 -37.44 -37.22 -18.65
CA THR A 271 -38.75 -36.64 -18.56
C THR A 271 -39.63 -37.16 -19.70
N ALA A 272 -39.00 -37.65 -20.76
CA ALA A 272 -39.77 -38.21 -21.86
C ALA A 272 -40.43 -39.50 -21.43
N PHE A 273 -39.69 -40.33 -20.70
CA PHE A 273 -40.19 -41.55 -20.11
C PHE A 273 -41.39 -41.23 -19.24
N GLU A 274 -41.12 -40.45 -18.21
CA GLU A 274 -42.12 -39.95 -17.28
C GLU A 274 -43.35 -39.40 -18.02
N ALA A 275 -43.13 -38.71 -19.13
CA ALA A 275 -44.21 -38.05 -19.86
C ALA A 275 -45.08 -39.00 -20.70
N GLU A 276 -44.47 -40.02 -21.30
CA GLU A 276 -45.20 -40.96 -22.13
C GLU A 276 -46.21 -41.77 -21.31
N HIS A 277 -45.84 -42.14 -20.08
CA HIS A 277 -46.72 -42.96 -19.27
C HIS A 277 -47.67 -42.13 -18.40
N LEU A 278 -47.43 -40.82 -18.32
CA LEU A 278 -48.25 -39.96 -17.46
C LEU A 278 -49.05 -38.93 -18.23
N LEU A 279 -48.57 -38.55 -19.41
CA LEU A 279 -49.35 -37.68 -20.28
C LEU A 279 -49.92 -38.48 -21.43
N LYS A 280 -49.50 -39.74 -21.50
CA LYS A 280 -50.03 -40.74 -22.43
C LYS A 280 -49.72 -40.42 -23.89
N ARG A 281 -48.49 -40.00 -24.16
CA ARG A 281 -48.02 -39.79 -25.53
C ARG A 281 -46.50 -39.78 -25.60
N LYS A 282 -45.91 -40.65 -26.41
CA LYS A 282 -44.47 -40.65 -26.56
C LYS A 282 -44.04 -39.38 -27.28
N PRO A 283 -43.09 -38.64 -26.70
CA PRO A 283 -42.66 -37.35 -27.23
C PRO A 283 -41.81 -37.53 -28.47
N ASP A 284 -41.96 -36.62 -29.43
CA ASP A 284 -41.31 -36.70 -30.72
C ASP A 284 -39.82 -36.34 -30.64
N GLY A 285 -39.43 -35.68 -29.56
CA GLY A 285 -38.03 -35.32 -29.38
C GLY A 285 -37.67 -34.70 -28.06
N ILE A 286 -36.36 -34.60 -27.83
CA ILE A 286 -35.79 -33.94 -26.68
C ILE A 286 -35.34 -32.54 -27.09
N LEU A 287 -35.57 -31.56 -26.21
CA LEU A 287 -35.08 -30.19 -26.44
C LEU A 287 -34.27 -29.69 -25.23
N PRO A 288 -33.03 -30.18 -25.07
CA PRO A 288 -32.22 -29.83 -23.91
C PRO A 288 -32.02 -28.32 -23.79
N ASN A 289 -31.80 -27.84 -22.58
CA ASN A 289 -31.66 -26.41 -22.32
C ASN A 289 -30.23 -25.89 -22.45
N GLY A 290 -30.05 -24.93 -23.36
CA GLY A 290 -28.75 -24.36 -23.60
C GLY A 290 -28.43 -23.23 -22.65
N LEU A 291 -27.17 -22.83 -22.65
CA LEU A 291 -26.77 -21.62 -21.98
C LEU A 291 -26.18 -20.66 -23.00
N ASN A 292 -26.06 -19.40 -22.62
CA ASN A 292 -25.34 -18.45 -23.45
C ASN A 292 -23.90 -18.34 -22.95
N VAL A 293 -23.07 -19.27 -23.37
CA VAL A 293 -21.72 -19.39 -22.83
C VAL A 293 -20.83 -18.29 -23.37
N ILE A 294 -20.39 -17.40 -22.49
CA ILE A 294 -19.53 -16.30 -22.89
C ILE A 294 -18.05 -16.56 -22.53
N LYS A 295 -17.23 -16.87 -23.53
CA LYS A 295 -15.85 -17.27 -23.29
C LYS A 295 -14.89 -16.08 -23.09
N PHE A 296 -13.81 -16.32 -22.35
CA PHE A 296 -12.77 -15.31 -22.13
C PHE A 296 -11.79 -15.31 -23.30
N GLN A 297 -11.13 -14.18 -23.53
CA GLN A 297 -10.16 -14.08 -24.61
C GLN A 297 -9.14 -15.22 -24.59
N ALA A 298 -8.59 -15.50 -23.41
CA ALA A 298 -7.58 -16.55 -23.26
C ALA A 298 -8.17 -17.81 -22.62
N PHE A 299 -7.89 -18.96 -23.19
CA PHE A 299 -8.47 -20.20 -22.70
C PHE A 299 -8.17 -20.42 -21.23
N HIS A 300 -6.93 -20.14 -20.83
CA HIS A 300 -6.50 -20.44 -19.47
C HIS A 300 -7.02 -19.44 -18.42
N GLU A 301 -7.79 -18.45 -18.84
CA GLU A 301 -8.26 -17.43 -17.90
C GLU A 301 -9.12 -18.01 -16.78
N PHE A 302 -10.02 -18.92 -17.12
CA PHE A 302 -10.96 -19.46 -16.15
C PHE A 302 -10.18 -20.20 -15.07
N GLN A 303 -9.02 -20.68 -15.45
CA GLN A 303 -8.12 -21.32 -14.52
C GLN A 303 -7.54 -20.31 -13.52
N ASN A 304 -7.27 -19.09 -13.96
CA ASN A 304 -6.81 -18.05 -13.06
C ASN A 304 -7.92 -17.60 -12.16
N LEU A 305 -9.09 -17.38 -12.73
CA LEU A 305 -10.27 -17.04 -11.92
C LEU A 305 -10.46 -18.02 -10.78
N HIS A 306 -10.26 -19.31 -11.07
CA HIS A 306 -10.46 -20.33 -10.05
C HIS A 306 -9.60 -20.07 -8.83
N ALA A 307 -8.33 -19.78 -9.05
CA ALA A 307 -7.40 -19.59 -7.94
C ALA A 307 -7.63 -18.27 -7.21
N LEU A 308 -8.21 -17.29 -7.90
CA LEU A 308 -8.55 -16.04 -7.21
C LEU A 308 -9.77 -16.24 -6.32
N LYS A 309 -10.80 -16.85 -6.89
CA LYS A 309 -12.04 -17.08 -6.19
C LYS A 309 -11.83 -18.04 -5.02
N LYS A 310 -11.03 -19.07 -5.26
CA LYS A 310 -10.73 -20.03 -4.21
C LYS A 310 -10.00 -19.36 -3.06
N GLU A 311 -9.32 -18.24 -3.31
CA GLU A 311 -8.69 -17.50 -2.21
C GLU A 311 -9.70 -16.90 -1.23
N LYS A 312 -10.79 -16.36 -1.74
CA LYS A 312 -11.87 -15.83 -0.92
C LYS A 312 -12.47 -16.94 -0.05
N ILE A 313 -12.61 -18.14 -0.60
CA ILE A 313 -13.09 -19.28 0.17
C ILE A 313 -12.11 -19.61 1.30
N ASN A 314 -10.82 -19.65 0.98
CA ASN A 314 -9.82 -19.87 2.03
C ASN A 314 -9.99 -18.89 3.18
N ASP A 315 -10.21 -17.61 2.85
CA ASP A 315 -10.44 -16.62 3.89
C ASP A 315 -11.64 -16.95 4.79
N PHE A 316 -12.74 -17.39 4.19
CA PHE A 316 -13.91 -17.79 4.96
C PHE A 316 -13.58 -18.95 5.90
N VAL A 317 -12.93 -19.96 5.34
CA VAL A 317 -12.54 -21.13 6.08
C VAL A 317 -11.58 -20.81 7.25
N ARG A 318 -10.54 -20.01 7.00
CA ARG A 318 -9.61 -19.65 8.08
C ARG A 318 -10.38 -19.02 9.24
N GLY A 319 -11.29 -18.13 8.91
CA GLY A 319 -12.14 -17.50 9.89
C GLY A 319 -12.99 -18.53 10.61
N HIS A 320 -13.63 -19.42 9.84
CA HIS A 320 -14.58 -20.37 10.41
C HIS A 320 -13.94 -21.35 11.38
N PHE A 321 -12.71 -21.74 11.10
CA PHE A 321 -12.01 -22.74 11.91
C PHE A 321 -11.01 -22.12 12.88
N HIS A 322 -11.12 -20.83 13.13
CA HIS A 322 -10.23 -20.17 14.07
C HIS A 322 -10.09 -20.95 15.38
N GLY A 323 -8.85 -21.04 15.86
CA GLY A 323 -8.54 -21.68 17.13
C GLY A 323 -8.67 -23.19 17.05
N CYS A 324 -8.86 -23.70 15.84
CA CYS A 324 -9.16 -25.09 15.64
C CYS A 324 -8.77 -25.49 14.22
N PHE A 325 -7.62 -24.99 13.78
CA PHE A 325 -7.25 -25.03 12.38
C PHE A 325 -5.97 -25.85 12.17
N ASP A 326 -6.15 -27.14 11.91
CA ASP A 326 -5.05 -28.09 11.94
C ASP A 326 -4.76 -28.76 10.61
N PHE A 327 -5.40 -28.32 9.54
CA PHE A 327 -5.12 -28.90 8.24
C PHE A 327 -4.48 -27.88 7.32
N ASP A 328 -4.28 -28.26 6.08
CA ASP A 328 -3.52 -27.43 5.14
C ASP A 328 -4.35 -27.11 3.90
N LEU A 329 -4.57 -25.81 3.66
CA LEU A 329 -5.43 -25.37 2.56
C LEU A 329 -4.93 -25.66 1.12
N ASP A 330 -3.62 -25.90 0.93
CA ASP A 330 -3.13 -26.32 -0.38
C ASP A 330 -3.56 -27.76 -0.63
N ASN A 331 -3.99 -28.41 0.44
CA ASN A 331 -4.30 -29.81 0.37
C ASN A 331 -5.74 -30.09 0.78
N THR A 332 -6.62 -29.11 0.58
CA THR A 332 -8.03 -29.36 0.85
C THR A 332 -8.88 -29.04 -0.38
N LEU A 333 -9.99 -29.74 -0.50
CA LEU A 333 -10.85 -29.56 -1.65
C LEU A 333 -12.21 -29.10 -1.17
N TYR A 334 -12.91 -28.36 -2.02
CA TYR A 334 -14.25 -27.89 -1.68
C TYR A 334 -15.30 -28.58 -2.54
N PHE A 335 -16.21 -29.29 -1.89
CA PHE A 335 -17.36 -29.87 -2.55
C PHE A 335 -18.53 -28.97 -2.19
N PHE A 336 -19.57 -28.92 -3.02
CA PHE A 336 -20.77 -28.19 -2.66
C PHE A 336 -22.00 -28.76 -3.35
N ILE A 337 -23.13 -28.65 -2.67
CA ILE A 337 -24.40 -28.87 -3.33
C ILE A 337 -25.15 -27.56 -3.22
N ALA A 338 -26.06 -27.30 -4.15
CA ALA A 338 -26.80 -26.05 -4.17
C ALA A 338 -28.14 -26.20 -4.88
N GLY A 339 -29.11 -25.38 -4.49
CA GLY A 339 -30.43 -25.38 -5.09
C GLY A 339 -31.52 -25.20 -4.06
N ARG A 340 -32.78 -25.30 -4.50
CA ARG A 340 -33.94 -25.24 -3.60
C ARG A 340 -33.77 -26.22 -2.45
N TYR A 341 -34.24 -25.84 -1.27
CA TYR A 341 -34.21 -26.75 -0.15
C TYR A 341 -35.24 -27.85 -0.44
N GLU A 342 -34.80 -28.89 -1.12
CA GLU A 342 -35.61 -30.06 -1.34
C GLU A 342 -34.82 -31.28 -0.91
N TYR A 343 -34.84 -31.55 0.39
CA TYR A 343 -34.00 -32.56 1.00
C TYR A 343 -33.96 -33.86 0.20
N LYS A 344 -35.12 -34.44 -0.09
CA LYS A 344 -35.18 -35.75 -0.75
C LYS A 344 -34.97 -35.67 -2.27
N ASN A 345 -35.67 -34.78 -2.96
CA ASN A 345 -35.55 -34.66 -4.41
C ASN A 345 -34.23 -34.13 -4.97
N LYS A 346 -33.48 -33.36 -4.18
CA LYS A 346 -32.21 -32.83 -4.67
C LYS A 346 -31.03 -33.60 -4.08
N GLY A 347 -31.34 -34.62 -3.31
CA GLY A 347 -30.32 -35.54 -2.83
C GLY A 347 -29.48 -35.08 -1.67
N ALA A 348 -29.99 -34.11 -0.89
CA ALA A 348 -29.23 -33.63 0.25
C ALA A 348 -28.96 -34.77 1.24
N ASP A 349 -29.86 -35.76 1.25
CA ASP A 349 -29.71 -36.91 2.13
C ASP A 349 -28.56 -37.82 1.68
N MET A 350 -28.58 -38.26 0.42
CA MET A 350 -27.47 -39.05 -0.13
C MET A 350 -26.14 -38.33 0.05
N PHE A 351 -26.17 -37.02 -0.12
CA PHE A 351 -24.95 -36.25 -0.07
C PHE A 351 -24.35 -36.34 1.31
N ILE A 352 -25.16 -36.03 2.32
CA ILE A 352 -24.64 -36.05 3.68
C ILE A 352 -24.21 -37.47 4.01
N GLU A 353 -25.08 -38.44 3.72
CA GLU A 353 -24.75 -39.84 3.93
C GLU A 353 -23.43 -40.23 3.26
N ALA A 354 -23.29 -39.93 1.98
CA ALA A 354 -22.06 -40.24 1.25
C ALA A 354 -20.83 -39.57 1.88
N LEU A 355 -20.98 -38.33 2.37
CA LEU A 355 -19.85 -37.67 3.02
C LEU A 355 -19.41 -38.41 4.28
N ALA A 356 -20.34 -38.88 5.09
CA ALA A 356 -19.98 -39.64 6.29
C ALA A 356 -19.20 -40.90 5.92
N ARG A 357 -19.64 -41.60 4.88
CA ARG A 357 -18.89 -42.72 4.33
C ARG A 357 -17.53 -42.29 3.77
N LEU A 358 -17.48 -41.12 3.13
CA LEU A 358 -16.22 -40.67 2.59
C LEU A 358 -15.24 -40.40 3.71
N ASN A 359 -15.77 -39.96 4.84
CA ASN A 359 -14.93 -39.57 5.97
C ASN A 359 -14.18 -40.76 6.53
N TYR A 360 -14.88 -41.89 6.63
CA TYR A 360 -14.29 -43.15 7.04
C TYR A 360 -13.21 -43.62 6.05
N ARG A 361 -13.52 -43.65 4.76
CA ARG A 361 -12.55 -44.11 3.79
C ARG A 361 -11.27 -43.27 3.76
N LEU A 362 -11.39 -41.98 4.09
CA LEU A 362 -10.22 -41.11 4.08
C LEU A 362 -9.39 -41.22 5.37
N LYS A 363 -10.06 -41.36 6.51
CA LYS A 363 -9.34 -41.63 7.76
C LYS A 363 -8.54 -42.95 7.69
N VAL A 364 -9.18 -44.03 7.25
CA VAL A 364 -8.55 -45.34 7.14
C VAL A 364 -7.31 -45.43 6.21
N SER A 365 -7.36 -44.76 5.07
CA SER A 365 -6.22 -44.79 4.15
C SER A 365 -5.09 -43.85 4.57
N GLY A 366 -5.26 -43.18 5.70
CA GLY A 366 -4.22 -42.29 6.23
C GLY A 366 -3.81 -41.12 5.35
N SER A 367 -4.71 -40.68 4.49
CA SER A 367 -4.49 -39.50 3.67
C SER A 367 -4.49 -38.24 4.50
N LYS A 368 -3.76 -37.23 4.04
CA LYS A 368 -3.67 -35.95 4.73
C LYS A 368 -4.50 -34.86 4.04
N LYS A 369 -5.32 -35.27 3.06
CA LYS A 369 -6.19 -34.33 2.39
C LYS A 369 -7.39 -33.97 3.30
N THR A 370 -8.00 -32.82 3.06
CA THR A 370 -9.24 -32.50 3.74
C THR A 370 -10.30 -32.09 2.74
N VAL A 371 -11.52 -32.57 2.93
CA VAL A 371 -12.64 -32.08 2.16
C VAL A 371 -13.52 -31.15 2.99
N VAL A 372 -13.70 -29.92 2.54
CA VAL A 372 -14.69 -29.05 3.15
C VAL A 372 -15.92 -29.01 2.24
N ALA A 373 -17.03 -29.56 2.72
CA ALA A 373 -18.29 -29.65 1.98
C ALA A 373 -19.28 -28.52 2.32
N PHE A 374 -19.84 -27.88 1.31
CA PHE A 374 -20.75 -26.76 1.51
C PHE A 374 -22.15 -27.12 1.07
N ILE A 375 -23.13 -26.79 1.90
CA ILE A 375 -24.54 -26.92 1.51
C ILE A 375 -25.15 -25.54 1.42
N VAL A 376 -25.58 -25.19 0.22
CA VAL A 376 -26.15 -23.88 -0.02
C VAL A 376 -27.60 -24.07 -0.45
N MET A 377 -28.49 -24.11 0.53
CA MET A 377 -29.92 -24.28 0.30
C MET A 377 -30.66 -23.38 1.25
N PRO A 378 -31.44 -22.45 0.70
CA PRO A 378 -32.17 -21.44 1.49
C PRO A 378 -33.12 -22.07 2.47
N ALA A 379 -33.07 -21.66 3.74
CA ALA A 379 -34.03 -22.11 4.75
C ALA A 379 -34.39 -20.93 5.64
N LYS A 380 -35.52 -20.99 6.33
CA LYS A 380 -35.93 -19.90 7.20
C LYS A 380 -34.86 -19.70 8.25
N ASN A 381 -34.36 -18.47 8.39
CA ASN A 381 -33.31 -18.18 9.36
C ASN A 381 -33.37 -16.76 9.93
N ASN A 382 -32.63 -16.53 11.00
CA ASN A 382 -32.51 -15.20 11.59
C ASN A 382 -31.11 -14.62 11.37
N SER A 383 -30.66 -14.66 10.11
CA SER A 383 -29.34 -14.18 9.73
C SER A 383 -28.15 -14.87 10.41
N PHE A 384 -26.97 -14.30 10.19
CA PHE A 384 -25.72 -14.91 10.61
C PHE A 384 -25.59 -15.02 12.11
N THR A 385 -24.80 -15.96 12.59
CA THR A 385 -24.57 -16.02 14.02
C THR A 385 -23.51 -15.03 14.46
N VAL A 386 -23.53 -14.74 15.76
CA VAL A 386 -22.47 -13.95 16.35
C VAL A 386 -21.14 -14.63 16.10
N GLU A 387 -21.12 -15.95 16.27
CA GLU A 387 -19.88 -16.73 16.12
C GLU A 387 -19.26 -16.60 14.73
N ALA A 388 -20.09 -16.73 13.70
CA ALA A 388 -19.60 -16.57 12.35
C ALA A 388 -18.96 -15.19 12.11
N LEU A 389 -19.61 -14.11 12.56
CA LEU A 389 -19.14 -12.76 12.25
C LEU A 389 -17.95 -12.38 13.10
N LYS A 390 -17.96 -12.82 14.34
CA LYS A 390 -16.87 -12.57 15.27
C LYS A 390 -15.57 -13.16 14.73
N GLY A 391 -15.64 -14.38 14.20
CA GLY A 391 -14.47 -15.08 13.71
C GLY A 391 -13.83 -14.43 12.49
N GLN A 392 -14.62 -14.06 11.48
CA GLN A 392 -14.07 -13.38 10.32
C GLN A 392 -13.26 -12.18 10.78
N ALA A 393 -13.74 -11.53 11.84
CA ALA A 393 -13.20 -10.25 12.28
C ALA A 393 -11.98 -10.42 13.14
N GLU A 394 -11.98 -11.46 13.97
CA GLU A 394 -10.81 -11.78 14.78
C GLU A 394 -9.63 -12.21 13.89
N VAL A 395 -9.91 -12.96 12.83
CA VAL A 395 -8.91 -13.29 11.82
C VAL A 395 -8.47 -12.05 11.06
N ARG A 396 -9.43 -11.24 10.67
CA ARG A 396 -9.14 -10.03 9.94
C ARG A 396 -8.27 -9.10 10.78
N ALA A 397 -8.43 -9.16 12.10
CA ALA A 397 -7.62 -8.34 12.99
C ALA A 397 -6.21 -8.88 13.10
N LEU A 398 -6.08 -10.20 13.10
CA LEU A 398 -4.77 -10.82 13.08
C LEU A 398 -4.07 -10.36 11.82
N GLU A 399 -4.76 -10.43 10.69
CA GLU A 399 -4.21 -9.98 9.41
C GLU A 399 -3.63 -8.57 9.48
N ASN A 400 -4.39 -7.63 10.02
CA ASN A 400 -3.96 -6.24 10.09
C ASN A 400 -2.73 -6.08 10.95
N THR A 401 -2.70 -6.79 12.07
CA THR A 401 -1.58 -6.68 12.98
C THR A 401 -0.30 -7.25 12.37
N VAL A 402 -0.43 -8.37 11.66
CA VAL A 402 0.72 -8.97 10.98
C VAL A 402 1.26 -7.96 9.97
N HIS A 403 0.36 -7.14 9.43
CA HIS A 403 0.75 -6.15 8.45
C HIS A 403 1.55 -5.01 9.07
N GLU A 404 1.21 -4.62 10.30
CA GLU A 404 1.98 -3.59 10.99
C GLU A 404 3.38 -4.10 11.30
N VAL A 405 3.45 -5.31 11.83
CA VAL A 405 4.72 -5.92 12.22
C VAL A 405 5.66 -6.08 11.03
N THR A 406 5.15 -6.52 9.89
CA THR A 406 6.03 -6.74 8.74
C THR A 406 6.63 -5.43 8.23
N THR A 407 5.85 -4.36 8.29
CA THR A 407 6.36 -3.04 7.96
C THR A 407 7.56 -2.68 8.86
N SER A 408 7.46 -2.99 10.16
CA SER A 408 8.56 -2.77 11.09
C SER A 408 9.74 -3.63 10.65
N ILE A 409 9.47 -4.91 10.43
CA ILE A 409 10.51 -5.83 10.03
C ILE A 409 11.24 -5.30 8.79
N GLY A 410 10.48 -4.73 7.87
CA GLY A 410 11.03 -4.23 6.62
C GLY A 410 11.94 -3.05 6.81
N LYS A 411 11.61 -2.21 7.78
CA LYS A 411 12.44 -1.08 8.14
C LYS A 411 13.81 -1.56 8.66
N ARG A 412 13.80 -2.62 9.47
CA ARG A 412 15.02 -3.14 10.09
C ARG A 412 15.89 -3.94 9.12
N ILE A 413 15.26 -4.65 8.18
CA ILE A 413 16.00 -5.32 7.13
C ILE A 413 16.66 -4.29 6.23
N PHE A 414 15.87 -3.29 5.85
CA PHE A 414 16.39 -2.24 4.99
C PHE A 414 17.57 -1.55 5.66
N ASP A 415 17.44 -1.24 6.94
CA ASP A 415 18.53 -0.54 7.61
C ASP A 415 19.77 -1.39 7.66
N HIS A 416 19.61 -2.71 7.59
CA HIS A 416 20.76 -3.58 7.54
C HIS A 416 21.42 -3.48 6.17
N ALA A 417 20.70 -3.88 5.13
CA ALA A 417 21.22 -3.90 3.76
C ALA A 417 21.98 -2.61 3.41
N ILE A 418 21.35 -1.47 3.67
CA ILE A 418 21.87 -0.18 3.25
C ILE A 418 23.22 0.15 3.91
N ARG A 419 23.42 -0.28 5.16
CA ARG A 419 24.61 0.11 5.91
C ARG A 419 25.72 -0.95 6.00
N TYR A 420 25.47 -2.13 5.42
CA TYR A 420 26.49 -3.16 5.32
C TYR A 420 27.61 -2.68 4.38
N PRO A 421 28.87 -2.89 4.78
CA PRO A 421 29.31 -3.67 5.93
C PRO A 421 29.85 -2.85 7.10
N HIS A 422 29.33 -1.64 7.30
CA HIS A 422 29.85 -0.77 8.36
C HIS A 422 29.21 -0.98 9.73
N ASN A 423 29.69 -0.23 10.70
CA ASN A 423 29.12 -0.28 12.05
C ASN A 423 29.13 -1.68 12.63
N GLY A 424 30.03 -2.51 12.08
CA GLY A 424 30.25 -3.85 12.61
C GLY A 424 29.24 -4.87 12.14
N LEU A 425 28.68 -4.65 10.96
CA LEU A 425 27.75 -5.60 10.37
C LEU A 425 28.49 -6.66 9.57
N THR A 426 28.70 -7.81 10.20
CA THR A 426 29.50 -8.89 9.60
C THR A 426 28.78 -9.61 8.46
N THR A 427 27.46 -9.72 8.56
CA THR A 427 26.66 -10.46 7.59
C THR A 427 25.90 -9.55 6.64
N GLU A 428 25.72 -9.99 5.40
CA GLU A 428 24.96 -9.22 4.43
C GLU A 428 23.54 -8.98 4.94
N LEU A 429 22.94 -10.01 5.53
CA LEU A 429 21.58 -9.92 6.04
C LEU A 429 21.52 -10.24 7.54
N PRO A 430 20.41 -9.88 8.20
CA PRO A 430 20.23 -10.25 9.61
C PRO A 430 20.23 -11.76 9.77
N THR A 431 20.57 -12.23 10.97
CA THR A 431 20.66 -13.67 11.22
C THR A 431 19.81 -14.06 12.42
N ASP A 432 19.72 -13.15 13.38
CA ASP A 432 18.88 -13.40 14.56
C ASP A 432 17.50 -12.80 14.32
N LEU A 433 16.47 -13.64 14.35
CA LEU A 433 15.11 -13.14 14.23
C LEU A 433 14.87 -12.06 15.27
N GLY A 434 15.60 -12.13 16.37
CA GLY A 434 15.46 -11.17 17.46
C GLY A 434 15.68 -9.73 17.05
N GLU A 435 16.61 -9.50 16.13
CA GLU A 435 16.92 -8.13 15.73
C GLU A 435 15.96 -7.60 14.64
N LEU A 436 14.96 -8.40 14.30
CA LEU A 436 13.93 -7.97 13.35
C LEU A 436 12.59 -7.85 14.03
N LEU A 437 12.38 -8.72 15.02
CA LEU A 437 11.11 -8.82 15.72
C LEU A 437 11.28 -8.33 17.15
N LYS A 438 10.81 -7.12 17.43
CA LYS A 438 10.92 -6.53 18.78
C LYS A 438 9.96 -7.19 19.76
N SER A 439 9.83 -6.63 20.97
CA SER A 439 8.95 -7.24 21.96
C SER A 439 7.57 -6.60 22.00
N SER A 440 7.49 -5.31 21.67
CA SER A 440 6.17 -4.72 21.48
C SER A 440 5.49 -5.50 20.36
N ASP A 441 6.29 -5.95 19.39
CA ASP A 441 5.78 -6.72 18.26
C ASP A 441 5.22 -8.08 18.69
N LYS A 442 6.00 -8.82 19.49
CA LYS A 442 5.58 -10.11 20.03
C LYS A 442 4.32 -10.03 20.90
N VAL A 443 4.16 -8.96 21.67
CA VAL A 443 3.02 -8.84 22.55
C VAL A 443 1.74 -8.68 21.74
N MET A 444 1.81 -7.79 20.76
CA MET A 444 0.74 -7.56 19.81
C MET A 444 0.24 -8.88 19.20
N LEU A 445 1.09 -9.57 18.44
CA LEU A 445 0.75 -10.82 17.80
C LEU A 445 0.21 -11.88 18.76
N LYS A 446 0.81 -12.01 19.93
CA LYS A 446 0.27 -12.98 20.87
C LYS A 446 -1.16 -12.64 21.27
N ARG A 447 -1.43 -11.36 21.49
CA ARG A 447 -2.78 -10.91 21.88
C ARG A 447 -3.83 -11.29 20.83
N ARG A 448 -3.49 -11.17 19.55
CA ARG A 448 -4.42 -11.51 18.47
C ARG A 448 -4.63 -13.02 18.39
N ILE A 449 -3.57 -13.77 18.68
CA ILE A 449 -3.65 -15.22 18.70
C ILE A 449 -4.59 -15.68 19.82
N LEU A 450 -4.49 -15.00 20.95
CA LEU A 450 -5.30 -15.33 22.11
C LEU A 450 -6.78 -15.09 21.86
N ALA A 451 -7.08 -14.09 21.03
CA ALA A 451 -8.45 -13.77 20.66
C ALA A 451 -9.03 -14.90 19.81
N LEU A 452 -8.16 -15.62 19.12
CA LEU A 452 -8.56 -16.62 18.14
C LEU A 452 -8.87 -17.96 18.78
N ARG A 453 -8.43 -18.12 20.02
CA ARG A 453 -8.69 -19.32 20.80
C ARG A 453 -10.19 -19.50 20.92
N ARG A 454 -10.64 -20.74 21.11
CA ARG A 454 -12.05 -20.94 21.41
C ARG A 454 -12.27 -21.80 22.65
N PRO A 455 -13.41 -21.61 23.34
CA PRO A 455 -13.74 -22.30 24.59
C PRO A 455 -13.28 -23.74 24.54
N GLU A 456 -12.72 -24.28 25.62
CA GLU A 456 -12.30 -25.66 25.52
C GLU A 456 -13.53 -26.54 25.30
N GLY A 457 -13.39 -27.47 24.35
CA GLY A 457 -14.48 -28.37 23.98
C GLY A 457 -15.24 -28.00 22.72
N GLN A 458 -15.27 -26.72 22.37
CA GLN A 458 -16.04 -26.26 21.22
C GLN A 458 -15.38 -26.58 19.87
N LEU A 459 -16.21 -26.97 18.90
CA LEU A 459 -15.78 -27.30 17.55
C LEU A 459 -16.34 -26.23 16.61
N PRO A 460 -15.68 -26.00 15.45
CA PRO A 460 -16.24 -25.13 14.41
C PRO A 460 -17.67 -25.59 14.10
N PRO A 461 -18.63 -24.67 14.08
CA PRO A 461 -20.01 -25.10 13.91
C PRO A 461 -20.27 -25.70 12.54
N ILE A 462 -21.46 -26.26 12.35
CA ILE A 462 -21.85 -26.88 11.09
C ILE A 462 -22.86 -26.04 10.34
N VAL A 463 -23.02 -24.79 10.76
CA VAL A 463 -24.00 -23.89 10.16
C VAL A 463 -23.61 -22.47 10.49
N THR A 464 -23.78 -21.59 9.51
CA THR A 464 -23.36 -20.20 9.65
C THR A 464 -24.47 -19.28 10.20
N HIS A 465 -25.70 -19.78 10.30
CA HIS A 465 -26.85 -18.95 10.65
C HIS A 465 -27.61 -19.42 11.88
N ASN A 466 -28.41 -18.51 12.44
CA ASN A 466 -29.41 -18.88 13.43
C ASN A 466 -30.67 -19.33 12.70
N MET A 467 -31.04 -20.59 12.89
CA MET A 467 -32.12 -21.17 12.12
C MET A 467 -33.42 -20.95 12.86
N VAL A 468 -34.50 -20.76 12.12
CA VAL A 468 -35.82 -20.60 12.73
C VAL A 468 -36.17 -21.85 13.53
N ASP A 469 -36.18 -23.02 12.88
CA ASP A 469 -36.60 -24.25 13.54
C ASP A 469 -35.47 -25.29 13.50
N ASP A 470 -34.41 -25.03 14.27
CA ASP A 470 -33.20 -25.86 14.27
C ASP A 470 -33.46 -27.35 14.56
N ALA A 471 -34.20 -27.62 15.64
CA ALA A 471 -34.45 -29.01 16.07
C ALA A 471 -35.12 -29.89 15.02
N ASN A 472 -35.91 -29.29 14.13
CA ASN A 472 -36.69 -30.06 13.18
C ASN A 472 -36.18 -29.99 11.75
N ASP A 473 -34.99 -29.43 11.57
CA ASP A 473 -34.47 -29.18 10.24
C ASP A 473 -33.88 -30.46 9.66
N LEU A 474 -34.39 -30.86 8.50
CA LEU A 474 -33.93 -32.08 7.85
C LEU A 474 -32.43 -32.11 7.67
N ILE A 475 -31.89 -31.11 6.99
CA ILE A 475 -30.48 -31.12 6.68
C ILE A 475 -29.63 -31.17 7.95
N LEU A 476 -29.98 -30.36 8.94
CA LEU A 476 -29.20 -30.36 10.17
C LEU A 476 -29.36 -31.65 10.96
N ASN A 477 -30.56 -32.20 11.02
CA ASN A 477 -30.77 -33.48 11.71
C ASN A 477 -29.97 -34.63 11.11
N LYS A 478 -29.84 -34.63 9.79
CA LYS A 478 -29.06 -35.64 9.09
C LYS A 478 -27.60 -35.49 9.46
N ILE A 479 -27.11 -34.26 9.52
CA ILE A 479 -25.71 -34.05 9.90
C ILE A 479 -25.44 -34.55 11.30
N ARG A 480 -26.34 -34.26 12.24
CA ARG A 480 -26.20 -34.74 13.62
C ARG A 480 -26.34 -36.26 13.76
N GLN A 481 -27.07 -36.88 12.85
CA GLN A 481 -27.30 -38.32 12.89
C GLN A 481 -26.04 -39.07 12.51
N VAL A 482 -25.33 -38.59 11.49
CA VAL A 482 -24.13 -39.25 11.01
C VAL A 482 -22.93 -38.69 11.73
N GLN A 483 -23.19 -37.81 12.69
CA GLN A 483 -22.15 -37.18 13.50
C GLN A 483 -20.93 -36.60 12.73
N LEU A 484 -21.18 -35.74 11.74
CA LEU A 484 -20.10 -34.92 11.18
C LEU A 484 -20.06 -33.58 11.91
N PHE A 485 -19.18 -33.46 12.89
CA PHE A 485 -19.20 -32.30 13.77
C PHE A 485 -17.94 -31.49 13.67
N ASN A 486 -17.15 -31.71 12.63
CA ASN A 486 -15.96 -30.88 12.42
C ASN A 486 -14.88 -31.05 13.49
N SER A 487 -14.81 -32.23 14.08
CA SER A 487 -13.77 -32.53 15.06
C SER A 487 -12.46 -32.66 14.31
N PRO A 488 -11.36 -32.38 15.00
CA PRO A 488 -10.06 -32.34 14.32
C PRO A 488 -9.80 -33.63 13.55
N SER A 489 -10.21 -34.77 14.11
CA SER A 489 -9.96 -36.08 13.48
C SER A 489 -10.73 -36.32 12.16
N ASP A 490 -11.87 -35.67 11.98
CA ASP A 490 -12.64 -35.77 10.74
C ASP A 490 -11.89 -35.20 9.54
N ARG A 491 -11.93 -35.93 8.45
CA ARG A 491 -11.23 -35.52 7.26
C ARG A 491 -12.23 -34.85 6.31
N VAL A 492 -13.52 -35.04 6.58
CA VAL A 492 -14.57 -34.33 5.87
C VAL A 492 -15.22 -33.35 6.83
N LYS A 493 -15.25 -32.07 6.47
CA LYS A 493 -15.89 -31.06 7.32
C LYS A 493 -17.20 -30.58 6.72
N MET A 494 -18.17 -30.24 7.56
CA MET A 494 -19.49 -29.84 7.07
C MET A 494 -19.84 -28.38 7.40
N ILE A 495 -20.41 -27.70 6.41
CA ILE A 495 -20.85 -26.34 6.61
C ILE A 495 -22.14 -26.06 5.87
N PHE A 496 -23.25 -26.04 6.59
CA PHE A 496 -24.54 -25.63 6.06
C PHE A 496 -24.62 -24.10 6.02
N HIS A 497 -24.97 -23.53 4.86
CA HIS A 497 -25.13 -22.08 4.70
C HIS A 497 -26.51 -21.81 4.12
N PRO A 498 -27.53 -21.75 4.97
CA PRO A 498 -28.95 -21.78 4.58
C PRO A 498 -29.45 -20.52 3.87
N GLU A 499 -28.66 -19.97 2.96
CA GLU A 499 -28.97 -18.69 2.33
C GLU A 499 -28.33 -18.64 0.96
N PHE A 500 -28.95 -17.92 0.04
CA PHE A 500 -28.34 -17.73 -1.28
C PHE A 500 -27.02 -17.00 -1.14
N LEU A 501 -26.01 -17.45 -1.86
CA LEU A 501 -24.75 -16.72 -1.86
C LEU A 501 -24.94 -15.37 -2.53
N ASN A 502 -24.26 -14.36 -1.99
CA ASN A 502 -24.37 -13.02 -2.54
C ASN A 502 -23.16 -12.20 -2.14
N ALA A 503 -22.64 -11.40 -3.06
CA ALA A 503 -21.42 -10.66 -2.77
C ALA A 503 -21.51 -9.61 -1.66
N ASN A 504 -22.69 -9.20 -1.20
CA ASN A 504 -22.65 -8.38 0.00
C ASN A 504 -22.93 -9.05 1.35
N ASN A 505 -22.92 -10.38 1.37
CA ASN A 505 -22.80 -11.11 2.62
C ASN A 505 -21.54 -10.65 3.35
N PRO A 506 -21.58 -10.61 4.68
CA PRO A 506 -20.41 -10.11 5.41
C PRO A 506 -19.39 -11.19 5.62
N ILE A 507 -19.75 -12.40 5.19
CA ILE A 507 -19.02 -13.58 5.58
C ILE A 507 -18.43 -14.34 4.40
N LEU A 508 -19.27 -14.67 3.43
CA LEU A 508 -18.77 -15.35 2.25
C LEU A 508 -19.09 -14.43 1.08
N GLY A 509 -18.33 -13.35 0.99
CA GLY A 509 -18.63 -12.27 0.07
C GLY A 509 -18.38 -12.61 -1.38
N LEU A 510 -18.96 -13.71 -1.84
CA LEU A 510 -18.88 -14.12 -3.24
C LEU A 510 -20.30 -14.24 -3.81
N ASP A 511 -20.50 -13.81 -5.05
CA ASP A 511 -21.73 -14.14 -5.76
C ASP A 511 -21.66 -15.63 -6.03
N TYR A 512 -22.80 -16.23 -6.38
CA TYR A 512 -22.87 -17.68 -6.60
C TYR A 512 -21.88 -18.19 -7.64
N ASP A 513 -21.89 -17.56 -8.82
CA ASP A 513 -21.01 -17.98 -9.89
C ASP A 513 -19.54 -17.86 -9.50
N GLU A 514 -19.21 -16.92 -8.62
CA GLU A 514 -17.84 -16.78 -8.16
C GLU A 514 -17.45 -17.96 -7.28
N PHE A 515 -18.34 -18.29 -6.35
CA PHE A 515 -18.14 -19.39 -5.42
C PHE A 515 -17.88 -20.67 -6.19
N VAL A 516 -18.68 -20.91 -7.21
CA VAL A 516 -18.51 -22.11 -8.00
C VAL A 516 -17.11 -22.18 -8.61
N ARG A 517 -16.71 -21.19 -9.37
CA ARG A 517 -15.37 -21.20 -9.95
C ARG A 517 -14.32 -21.55 -8.89
N GLY A 518 -14.50 -21.05 -7.67
CA GLY A 518 -13.55 -21.32 -6.62
C GLY A 518 -13.55 -22.75 -6.11
N CYS A 519 -14.68 -23.45 -6.23
CA CYS A 519 -14.78 -24.80 -5.69
C CYS A 519 -14.11 -25.83 -6.60
N HIS A 520 -13.99 -27.07 -6.11
CA HIS A 520 -13.36 -28.11 -6.90
C HIS A 520 -14.33 -29.09 -7.55
N LEU A 521 -15.47 -29.33 -6.91
CA LEU A 521 -16.39 -30.38 -7.31
C LEU A 521 -17.81 -30.11 -6.88
N GLY A 522 -18.73 -30.11 -7.83
CA GLY A 522 -20.15 -29.98 -7.55
C GLY A 522 -20.77 -31.36 -7.38
N VAL A 523 -21.68 -31.50 -6.42
CA VAL A 523 -22.28 -32.79 -6.16
C VAL A 523 -23.78 -32.65 -6.07
N PHE A 524 -24.50 -33.16 -7.06
CA PHE A 524 -25.94 -32.95 -7.09
C PHE A 524 -26.68 -34.25 -7.34
N PRO A 525 -26.87 -35.05 -6.29
CA PRO A 525 -27.47 -36.37 -6.46
C PRO A 525 -28.99 -36.30 -6.57
N SER A 526 -29.50 -35.65 -7.62
CA SER A 526 -30.93 -35.41 -7.75
C SER A 526 -31.78 -36.67 -7.91
N TYR A 527 -33.03 -36.58 -7.48
CA TYR A 527 -34.00 -37.66 -7.68
C TYR A 527 -35.05 -37.22 -8.65
N TYR A 528 -35.52 -35.98 -8.50
CA TYR A 528 -36.42 -35.39 -9.47
C TYR A 528 -35.86 -34.07 -9.99
N GLU A 529 -35.45 -34.10 -11.25
CA GLU A 529 -34.81 -32.96 -11.88
C GLU A 529 -34.97 -33.10 -13.37
N PRO A 530 -36.07 -32.59 -13.92
CA PRO A 530 -36.28 -32.66 -15.36
C PRO A 530 -35.11 -32.04 -16.17
N TRP A 531 -34.45 -30.99 -15.66
CA TRP A 531 -33.20 -30.53 -16.29
C TRP A 531 -31.99 -30.41 -15.37
N GLY A 532 -32.09 -29.69 -14.28
CA GLY A 532 -30.89 -29.52 -13.49
C GLY A 532 -29.95 -28.52 -14.16
N TYR A 533 -30.26 -27.25 -13.93
CA TYR A 533 -29.49 -26.17 -14.49
C TYR A 533 -28.22 -26.12 -13.68
N THR A 534 -28.33 -26.58 -12.43
CA THR A 534 -27.21 -26.48 -11.52
C THR A 534 -25.95 -27.16 -12.08
N PRO A 535 -25.98 -28.48 -12.29
CA PRO A 535 -24.73 -29.11 -12.79
C PRO A 535 -24.31 -28.61 -14.18
N ALA A 536 -25.28 -28.22 -15.01
CA ALA A 536 -24.96 -27.69 -16.33
C ALA A 536 -24.16 -26.40 -16.21
N GLU A 537 -24.62 -25.51 -15.33
CA GLU A 537 -24.01 -24.20 -15.15
C GLU A 537 -22.64 -24.39 -14.52
N CYS A 538 -22.56 -25.32 -13.60
CA CYS A 538 -21.32 -25.73 -12.97
C CYS A 538 -20.30 -26.24 -14.01
N THR A 539 -20.79 -26.96 -15.01
CA THR A 539 -19.92 -27.48 -16.04
C THR A 539 -19.35 -26.35 -16.90
N VAL A 540 -20.17 -25.35 -17.18
CA VAL A 540 -19.73 -24.23 -18.00
C VAL A 540 -18.62 -23.41 -17.36
N MET A 541 -18.56 -23.41 -16.02
CA MET A 541 -17.46 -22.76 -15.32
C MET A 541 -16.21 -23.66 -15.22
N GLY A 542 -16.26 -24.81 -15.84
CA GLY A 542 -15.15 -25.73 -15.81
C GLY A 542 -14.97 -26.47 -14.49
N VAL A 543 -16.07 -26.73 -13.80
CA VAL A 543 -16.00 -27.44 -12.54
C VAL A 543 -16.61 -28.84 -12.65
N PRO A 544 -15.83 -29.87 -12.28
CA PRO A 544 -16.33 -31.24 -12.37
C PRO A 544 -17.56 -31.41 -11.48
N SER A 545 -18.48 -32.29 -11.85
CA SER A 545 -19.67 -32.47 -11.03
C SER A 545 -20.21 -33.87 -11.08
N ILE A 546 -20.85 -34.28 -9.98
CA ILE A 546 -21.56 -35.55 -9.95
C ILE A 546 -23.06 -35.28 -10.16
N THR A 547 -23.70 -36.07 -10.99
CA THR A 547 -25.13 -35.92 -11.24
C THR A 547 -25.77 -37.32 -11.22
N THR A 548 -27.04 -37.43 -11.59
CA THR A 548 -27.62 -38.77 -11.65
C THR A 548 -28.28 -39.06 -12.98
N ASN A 549 -28.61 -40.33 -13.23
CA ASN A 549 -29.24 -40.69 -14.48
C ASN A 549 -30.75 -40.42 -14.49
N VAL A 550 -31.30 -40.06 -13.34
CA VAL A 550 -32.69 -39.60 -13.31
C VAL A 550 -32.73 -38.08 -13.35
N SER A 551 -31.57 -37.46 -13.44
CA SER A 551 -31.52 -36.03 -13.69
C SER A 551 -31.44 -35.79 -15.18
N GLY A 552 -32.16 -34.78 -15.66
CA GLY A 552 -32.24 -34.51 -17.08
C GLY A 552 -30.93 -34.13 -17.73
N PHE A 553 -29.96 -33.71 -16.93
CA PHE A 553 -28.67 -33.31 -17.46
C PHE A 553 -27.71 -34.50 -17.44
N GLY A 554 -27.93 -35.43 -16.53
CA GLY A 554 -27.14 -36.64 -16.52
C GLY A 554 -27.58 -37.51 -17.67
N SER A 555 -28.89 -37.55 -17.87
CA SER A 555 -29.51 -38.37 -18.89
C SER A 555 -29.12 -37.85 -20.28
N TYR A 556 -28.89 -36.56 -20.38
CA TYR A 556 -28.44 -35.97 -21.64
C TYR A 556 -26.95 -36.20 -21.89
N MET A 557 -26.18 -36.29 -20.80
CA MET A 557 -24.75 -36.52 -20.90
C MET A 557 -24.40 -37.98 -21.11
N GLU A 558 -25.15 -38.88 -20.50
CA GLU A 558 -24.98 -40.31 -20.74
C GLU A 558 -24.92 -40.60 -22.24
N ASP A 559 -25.79 -39.93 -23.00
CA ASP A 559 -25.95 -40.22 -24.42
C ASP A 559 -24.89 -39.58 -25.31
N LEU A 560 -24.17 -38.59 -24.79
CA LEU A 560 -23.15 -37.92 -25.57
C LEU A 560 -21.75 -38.50 -25.35
N ILE A 561 -21.58 -39.27 -24.29
CA ILE A 561 -20.24 -39.64 -23.84
C ILE A 561 -20.23 -41.03 -23.23
N GLU A 562 -19.31 -41.86 -23.68
CA GLU A 562 -19.18 -43.20 -23.09
C GLU A 562 -18.83 -43.06 -21.61
N THR A 563 -19.68 -43.60 -20.74
CA THR A 563 -19.65 -43.24 -19.31
C THR A 563 -18.28 -43.39 -18.61
N ASN A 564 -17.38 -44.20 -19.19
CA ASN A 564 -16.05 -44.32 -18.63
C ASN A 564 -15.13 -43.19 -19.10
N GLN A 565 -15.37 -42.73 -20.31
CA GLN A 565 -14.68 -41.56 -20.86
C GLN A 565 -15.16 -40.25 -20.17
N ALA A 566 -16.39 -40.28 -19.66
CA ALA A 566 -17.00 -39.10 -19.04
C ALA A 566 -16.28 -38.64 -17.78
N LYS A 567 -15.86 -39.56 -16.93
CA LYS A 567 -15.15 -39.16 -15.74
C LYS A 567 -13.92 -38.32 -16.09
N ASP A 568 -13.33 -38.60 -17.24
CA ASP A 568 -12.15 -37.83 -17.68
C ASP A 568 -12.50 -36.41 -18.11
N TYR A 569 -13.77 -36.17 -18.39
CA TYR A 569 -14.23 -34.84 -18.73
C TYR A 569 -14.87 -34.21 -17.49
N GLY A 570 -14.74 -34.88 -16.37
CA GLY A 570 -15.27 -34.36 -15.12
C GLY A 570 -16.78 -34.52 -14.92
N ILE A 571 -17.42 -35.35 -15.71
CA ILE A 571 -18.84 -35.62 -15.52
C ILE A 571 -19.10 -37.02 -14.98
N TYR A 572 -19.27 -37.12 -13.67
CA TYR A 572 -19.58 -38.39 -13.00
C TYR A 572 -21.09 -38.60 -12.92
N ILE A 573 -21.57 -39.79 -13.25
CA ILE A 573 -23.00 -40.02 -13.28
C ILE A 573 -23.43 -41.16 -12.39
N VAL A 574 -24.20 -40.86 -11.35
CA VAL A 574 -24.65 -41.89 -10.42
C VAL A 574 -25.94 -42.55 -10.91
N ASP A 575 -26.05 -43.86 -10.69
CA ASP A 575 -27.21 -44.64 -11.10
C ASP A 575 -28.24 -44.72 -9.97
N ARG A 576 -29.42 -44.15 -10.20
CA ARG A 576 -30.45 -44.09 -9.19
C ARG A 576 -31.66 -44.85 -9.71
N ARG A 577 -31.43 -45.63 -10.75
CA ARG A 577 -32.54 -46.27 -11.44
C ARG A 577 -32.43 -47.80 -11.47
N PHE A 578 -31.23 -48.33 -11.63
CA PHE A 578 -31.05 -49.79 -11.70
C PHE A 578 -30.12 -50.32 -10.63
N LYS A 579 -29.84 -49.49 -9.62
CA LYS A 579 -29.07 -49.96 -8.47
C LYS A 579 -29.96 -49.89 -7.25
N ALA A 580 -29.60 -50.62 -6.20
CA ALA A 580 -30.32 -50.52 -4.94
C ALA A 580 -29.98 -49.18 -4.32
N PRO A 581 -30.81 -48.71 -3.40
CA PRO A 581 -30.53 -47.40 -2.81
C PRO A 581 -29.13 -47.37 -2.20
N ASP A 582 -28.78 -48.40 -1.44
CA ASP A 582 -27.48 -48.43 -0.80
C ASP A 582 -26.35 -48.55 -1.80
N GLU A 583 -26.62 -49.08 -2.98
CA GLU A 583 -25.57 -49.19 -3.99
C GLU A 583 -25.31 -47.84 -4.65
N SER A 584 -26.36 -47.03 -4.75
CA SER A 584 -26.25 -45.68 -5.29
C SER A 584 -25.34 -44.84 -4.37
N VAL A 585 -25.57 -44.93 -3.06
CA VAL A 585 -24.76 -44.21 -2.08
C VAL A 585 -23.30 -44.63 -2.20
N GLU A 586 -23.07 -45.94 -2.36
CA GLU A 586 -21.72 -46.47 -2.44
C GLU A 586 -21.00 -46.02 -3.70
N GLN A 587 -21.75 -45.91 -4.78
CA GLN A 587 -21.18 -45.45 -6.03
C GLN A 587 -20.78 -43.99 -5.88
N LEU A 588 -21.67 -43.20 -5.28
CA LEU A 588 -21.41 -41.81 -4.98
C LEU A 588 -20.12 -41.63 -4.20
N VAL A 589 -19.92 -42.45 -3.18
CA VAL A 589 -18.67 -42.38 -2.43
C VAL A 589 -17.49 -42.77 -3.29
N ASP A 590 -17.70 -43.73 -4.20
CA ASP A 590 -16.63 -44.19 -5.07
C ASP A 590 -16.11 -43.05 -5.96
N TYR A 591 -17.02 -42.32 -6.59
CA TYR A 591 -16.66 -41.13 -7.35
C TYR A 591 -16.00 -40.06 -6.48
N MET A 592 -16.63 -39.68 -5.38
CA MET A 592 -16.04 -38.68 -4.51
C MET A 592 -14.61 -39.04 -4.19
N GLU A 593 -14.38 -40.33 -3.93
CA GLU A 593 -13.08 -40.76 -3.46
C GLU A 593 -12.10 -40.91 -4.62
N GLU A 594 -12.61 -41.31 -5.78
CA GLU A 594 -11.79 -41.31 -6.98
C GLU A 594 -11.22 -39.91 -7.21
N PHE A 595 -12.02 -38.89 -6.89
CA PHE A 595 -11.65 -37.51 -7.15
C PHE A 595 -10.64 -36.96 -6.16
N VAL A 596 -10.80 -37.32 -4.89
CA VAL A 596 -9.92 -36.80 -3.84
C VAL A 596 -8.51 -37.30 -4.06
N LYS A 597 -8.40 -38.43 -4.77
CA LYS A 597 -7.11 -39.07 -4.97
C LYS A 597 -6.25 -38.34 -6.01
N LYS A 598 -6.91 -37.69 -6.96
CA LYS A 598 -6.22 -36.88 -7.96
C LYS A 598 -5.20 -35.91 -7.37
N THR A 599 -4.18 -35.62 -8.16
CA THR A 599 -3.13 -34.68 -7.80
C THR A 599 -3.53 -33.32 -8.36
N ARG A 600 -2.87 -32.25 -7.94
CA ARG A 600 -3.15 -30.94 -8.54
C ARG A 600 -3.07 -30.97 -10.08
N ARG A 601 -2.01 -31.56 -10.65
CA ARG A 601 -1.88 -31.55 -12.11
C ARG A 601 -3.05 -32.29 -12.72
N GLN A 602 -3.49 -33.36 -12.04
CA GLN A 602 -4.64 -34.09 -12.51
C GLN A 602 -5.92 -33.23 -12.45
N ARG A 603 -6.12 -32.53 -11.33
CA ARG A 603 -7.32 -31.70 -11.22
C ARG A 603 -7.35 -30.60 -12.28
N ILE A 604 -6.21 -29.94 -12.52
CA ILE A 604 -6.14 -28.91 -13.57
C ILE A 604 -6.51 -29.47 -14.96
N ASN A 605 -5.80 -30.51 -15.39
CA ASN A 605 -6.11 -31.13 -16.67
C ASN A 605 -7.57 -31.50 -16.79
N GLN A 606 -8.15 -32.07 -15.72
CA GLN A 606 -9.58 -32.41 -15.75
C GLN A 606 -10.51 -31.20 -15.94
N ARG A 607 -10.21 -30.07 -15.29
CA ARG A 607 -11.01 -28.88 -15.51
C ARG A 607 -10.94 -28.43 -16.96
N ASN A 608 -9.75 -28.43 -17.54
CA ASN A 608 -9.61 -28.02 -18.94
C ASN A 608 -10.55 -28.86 -19.79
N ALA A 609 -10.59 -30.15 -19.49
CA ALA A 609 -11.47 -31.06 -20.21
C ALA A 609 -12.93 -30.69 -19.97
N THR A 610 -13.33 -30.54 -18.71
CA THR A 610 -14.73 -30.18 -18.45
C THR A 610 -15.08 -28.82 -19.06
N GLU A 611 -14.15 -27.85 -19.00
CA GLU A 611 -14.33 -26.58 -19.71
C GLU A 611 -14.61 -26.76 -21.21
N ALA A 612 -13.80 -27.60 -21.86
CA ALA A 612 -14.03 -27.99 -23.26
C ALA A 612 -15.46 -28.47 -23.57
N LEU A 613 -16.06 -29.23 -22.65
CA LEU A 613 -17.43 -29.69 -22.83
C LEU A 613 -18.42 -28.55 -22.90
N SER A 614 -18.06 -27.39 -22.37
CA SER A 614 -18.99 -26.28 -22.30
C SER A 614 -19.61 -25.99 -23.67
N ASP A 615 -18.84 -26.15 -24.74
CA ASP A 615 -19.39 -25.91 -26.07
C ASP A 615 -20.61 -26.77 -26.35
N LEU A 616 -20.61 -28.00 -25.87
CA LEU A 616 -21.73 -28.91 -26.08
C LEU A 616 -22.96 -28.50 -25.30
N LEU A 617 -22.90 -27.40 -24.59
CA LEU A 617 -24.03 -26.96 -23.78
C LEU A 617 -24.47 -25.59 -24.22
N ASP A 618 -23.82 -25.08 -25.25
CA ASP A 618 -24.12 -23.74 -25.73
C ASP A 618 -25.35 -23.79 -26.64
N TRP A 619 -26.04 -22.67 -26.76
CA TRP A 619 -27.19 -22.60 -27.66
C TRP A 619 -26.80 -22.84 -29.12
N LYS A 620 -25.58 -22.45 -29.49
CA LYS A 620 -25.11 -22.63 -30.85
C LYS A 620 -25.14 -24.10 -31.26
N ARG A 621 -25.33 -25.00 -30.31
CA ARG A 621 -25.37 -26.44 -30.59
C ARG A 621 -26.66 -27.10 -30.13
N MET A 622 -27.30 -26.49 -29.14
CA MET A 622 -28.53 -27.04 -28.57
C MET A 622 -29.73 -26.48 -29.30
N GLY A 623 -29.50 -25.37 -30.00
CA GLY A 623 -30.54 -24.71 -30.78
C GLY A 623 -30.82 -25.46 -32.07
N LEU A 624 -29.92 -26.36 -32.42
CA LEU A 624 -30.09 -27.18 -33.60
C LEU A 624 -31.06 -28.31 -33.33
N GLU A 625 -31.62 -28.33 -32.12
CA GLU A 625 -32.65 -29.31 -31.77
C GLU A 625 -34.00 -28.63 -31.87
N TYR A 626 -34.03 -27.34 -31.53
CA TYR A 626 -35.23 -26.55 -31.76
C TYR A 626 -35.50 -26.52 -33.26
N VAL A 627 -34.45 -26.39 -34.05
CA VAL A 627 -34.59 -26.40 -35.49
C VAL A 627 -35.18 -27.74 -35.96
N LYS A 628 -34.57 -28.85 -35.53
CA LYS A 628 -35.07 -30.18 -35.89
C LYS A 628 -36.54 -30.35 -35.48
N ALA A 629 -36.96 -29.60 -34.47
CA ALA A 629 -38.34 -29.63 -34.02
C ALA A 629 -39.23 -28.81 -34.93
N ARG A 630 -38.89 -27.53 -35.09
CA ARG A 630 -39.64 -26.63 -35.96
C ARG A 630 -39.79 -27.18 -37.38
N GLN A 631 -39.03 -28.22 -37.69
CA GLN A 631 -39.08 -28.80 -39.03
C GLN A 631 -39.59 -30.22 -39.03
N LEU A 632 -40.19 -30.64 -37.93
CA LEU A 632 -40.94 -31.88 -37.91
C LEU A 632 -42.39 -31.43 -37.93
N ALA A 633 -42.60 -30.20 -37.47
CA ALA A 633 -43.91 -29.59 -37.47
C ALA A 633 -44.27 -29.10 -38.88
N LEU A 634 -43.26 -29.01 -39.74
CA LEU A 634 -43.50 -28.60 -41.12
C LEU A 634 -43.61 -29.80 -42.05
N ARG A 635 -42.82 -30.83 -41.78
CA ARG A 635 -42.94 -32.10 -42.49
C ARG A 635 -44.26 -32.79 -42.14
N ARG A 636 -44.88 -32.38 -41.04
CA ARG A 636 -46.15 -32.96 -40.60
C ARG A 636 -47.34 -32.11 -40.99
N GLY A 637 -47.16 -30.80 -40.95
CA GLY A 637 -48.22 -29.90 -41.38
C GLY A 637 -48.49 -30.09 -42.86
N TYR A 638 -47.45 -29.90 -43.68
CA TYR A 638 -47.61 -29.94 -45.12
C TYR A 638 -46.61 -30.91 -45.77
N PRO A 639 -46.91 -32.22 -45.73
CA PRO A 639 -46.05 -33.27 -46.29
C PRO A 639 -45.91 -33.18 -47.82
N ASP A 640 -46.92 -32.61 -48.47
CA ASP A 640 -46.88 -32.42 -49.91
C ASP A 640 -45.87 -31.34 -50.29
N GLN A 641 -46.08 -30.13 -49.78
CA GLN A 641 -45.17 -29.02 -50.05
C GLN A 641 -43.75 -29.34 -49.56
N PHE A 642 -43.65 -30.26 -48.61
CA PHE A 642 -42.37 -30.63 -48.02
C PHE A 642 -41.57 -31.57 -48.92
N ARG A 643 -42.14 -32.72 -49.27
CA ARG A 643 -41.45 -33.69 -50.12
C ARG A 643 -40.92 -33.01 -51.37
N GLU A 644 -41.71 -32.09 -51.92
CA GLU A 644 -41.32 -31.34 -53.10
C GLU A 644 -40.16 -30.39 -52.77
N LEU A 645 -40.40 -29.49 -51.82
CA LEU A 645 -39.41 -28.49 -51.42
C LEU A 645 -38.19 -29.12 -50.74
N VAL A 646 -37.95 -30.40 -51.02
CA VAL A 646 -36.78 -31.10 -50.52
C VAL A 646 -36.12 -31.90 -51.64
N GLY A 647 -36.64 -33.08 -51.91
CA GLY A 647 -36.08 -33.99 -52.90
C GLY A 647 -36.74 -35.36 -52.88
N GLU A 648 -36.92 -35.90 -51.68
CA GLU A 648 -37.58 -37.20 -51.51
C GLU A 648 -38.31 -37.22 -50.16
N GLU A 649 -38.95 -38.34 -49.83
CA GLU A 649 -39.67 -38.43 -48.56
C GLU A 649 -38.84 -39.07 -47.44
N LEU A 650 -38.66 -38.30 -46.38
CA LEU A 650 -37.87 -38.72 -45.22
C LEU A 650 -38.78 -39.07 -44.03
N ASN A 651 -38.57 -40.26 -43.48
CA ASN A 651 -39.25 -40.75 -42.29
C ASN A 651 -39.62 -39.65 -41.29
N ASP A 652 -40.82 -39.70 -40.71
CA ASP A 652 -41.27 -38.61 -39.83
C ASP A 652 -41.89 -39.02 -38.47
N SER A 653 -41.45 -40.13 -37.90
CA SER A 653 -41.93 -40.55 -36.59
C SER A 653 -41.11 -39.98 -35.42
N ASN A 654 -39.90 -39.51 -35.73
CA ASN A 654 -39.04 -38.82 -34.76
C ASN A 654 -38.60 -37.49 -35.33
N MET A 655 -37.94 -36.68 -34.50
CA MET A 655 -37.19 -35.55 -35.00
C MET A 655 -35.85 -36.11 -35.45
N ASP A 656 -35.52 -37.28 -34.87
CA ASP A 656 -34.26 -37.97 -35.14
C ASP A 656 -34.26 -38.63 -36.52
N ALA A 657 -35.22 -39.53 -36.72
CA ALA A 657 -35.35 -40.26 -37.98
C ALA A 657 -35.49 -39.31 -39.17
N LEU A 658 -35.91 -38.07 -38.91
CA LEU A 658 -36.09 -37.08 -39.96
C LEU A 658 -34.78 -36.51 -40.52
N ALA A 659 -33.70 -36.55 -39.74
CA ALA A 659 -32.41 -36.09 -40.22
C ALA A 659 -31.27 -36.93 -39.65
N SER B 22 43.05 -54.60 -16.01
CA SER B 22 41.70 -54.57 -16.58
C SER B 22 40.78 -53.57 -15.89
N ARG B 23 40.64 -52.41 -16.52
CA ARG B 23 39.80 -51.34 -16.02
C ARG B 23 38.31 -51.61 -16.26
N ASP B 24 37.48 -51.16 -15.32
CA ASP B 24 36.03 -51.33 -15.42
C ASP B 24 35.47 -50.30 -16.39
N LEU B 25 34.83 -50.78 -17.46
CA LEU B 25 34.28 -49.88 -18.46
C LEU B 25 32.97 -49.25 -18.01
N GLN B 26 32.19 -50.02 -17.25
CA GLN B 26 30.89 -49.57 -16.77
C GLN B 26 31.06 -48.62 -15.57
N ASN B 27 32.00 -48.95 -14.69
CA ASN B 27 32.37 -48.08 -13.58
C ASN B 27 33.54 -47.18 -13.99
N HIS B 28 33.24 -46.05 -14.63
CA HIS B 28 34.29 -45.17 -15.11
C HIS B 28 34.18 -43.74 -14.61
N LEU B 29 35.24 -42.96 -14.80
CA LEU B 29 35.26 -41.58 -14.32
C LEU B 29 35.05 -40.63 -15.48
N LEU B 30 34.60 -39.41 -15.18
CA LEU B 30 34.49 -38.39 -16.22
C LEU B 30 35.16 -37.08 -15.82
N PHE B 31 36.01 -36.58 -16.70
CA PHE B 31 36.64 -35.30 -16.50
C PHE B 31 36.34 -34.42 -17.69
N GLU B 32 35.68 -33.30 -17.44
CA GLU B 32 35.29 -32.40 -18.51
C GLU B 32 36.08 -31.11 -18.36
N THR B 33 36.82 -30.75 -19.39
CA THR B 33 37.71 -29.59 -19.31
C THR B 33 37.30 -28.52 -20.31
N ALA B 34 37.41 -27.26 -19.89
CA ALA B 34 37.15 -26.13 -20.76
C ALA B 34 37.69 -24.88 -20.05
N THR B 35 38.10 -23.89 -20.83
CA THR B 35 38.63 -22.65 -20.29
C THR B 35 37.54 -21.84 -19.61
N GLU B 36 36.28 -22.23 -19.84
CA GLU B 36 35.15 -21.53 -19.24
C GLU B 36 34.42 -22.42 -18.24
N VAL B 37 35.18 -23.02 -17.33
CA VAL B 37 34.61 -23.89 -16.31
C VAL B 37 33.87 -23.09 -15.24
N ALA B 38 34.61 -22.59 -14.26
CA ALA B 38 34.01 -21.80 -13.19
C ALA B 38 34.28 -20.31 -13.39
N ASN B 39 33.90 -19.79 -14.55
CA ASN B 39 34.10 -18.39 -14.88
C ASN B 39 33.58 -18.08 -16.29
N ARG B 40 32.72 -17.07 -16.39
CA ARG B 40 32.00 -16.82 -17.64
C ARG B 40 32.81 -16.08 -18.70
N VAL B 41 33.88 -16.72 -19.19
CA VAL B 41 34.66 -16.18 -20.30
C VAL B 41 33.85 -16.20 -21.59
N GLY B 42 32.93 -17.16 -21.74
CA GLY B 42 32.16 -17.26 -22.98
C GLY B 42 30.98 -18.21 -22.96
N GLY B 43 30.25 -18.24 -24.08
CA GLY B 43 29.02 -19.01 -24.21
C GLY B 43 29.05 -20.46 -23.77
N ILE B 44 30.26 -21.03 -23.66
CA ILE B 44 30.41 -22.42 -23.24
C ILE B 44 30.18 -22.56 -21.74
N TYR B 45 30.35 -21.46 -21.01
CA TYR B 45 30.06 -21.45 -19.57
C TYR B 45 28.65 -21.97 -19.32
N SER B 46 27.71 -21.45 -20.10
CA SER B 46 26.31 -21.82 -19.96
C SER B 46 26.07 -23.31 -20.18
N VAL B 47 26.66 -23.84 -21.25
CA VAL B 47 26.45 -25.24 -21.61
C VAL B 47 26.87 -26.19 -20.50
N LEU B 48 28.06 -26.00 -19.95
CA LEU B 48 28.56 -26.85 -18.87
C LEU B 48 27.71 -26.73 -17.61
N LYS B 49 27.22 -25.51 -17.35
CA LYS B 49 26.38 -25.22 -16.19
C LYS B 49 24.99 -25.83 -16.29
N SER B 50 24.35 -25.66 -17.44
CA SER B 50 23.00 -26.16 -17.65
C SER B 50 22.97 -27.69 -17.79
N LYS B 51 24.12 -28.26 -18.14
CA LYS B 51 24.22 -29.69 -18.34
C LYS B 51 24.65 -30.40 -17.06
N ALA B 52 24.83 -29.63 -15.98
CA ALA B 52 25.37 -30.16 -14.73
C ALA B 52 24.45 -31.18 -14.03
N PRO B 53 23.14 -30.86 -13.93
CA PRO B 53 22.20 -31.78 -13.29
C PRO B 53 22.16 -33.21 -13.86
N ILE B 54 21.98 -33.38 -15.17
CA ILE B 54 21.92 -34.73 -15.74
C ILE B 54 23.23 -35.49 -15.63
N THR B 55 24.34 -34.76 -15.68
CA THR B 55 25.65 -35.36 -15.58
C THR B 55 25.94 -35.83 -14.16
N VAL B 56 25.75 -34.93 -13.18
CA VAL B 56 25.92 -35.29 -11.77
C VAL B 56 24.95 -36.37 -11.37
N ALA B 57 23.75 -36.34 -11.95
CA ALA B 57 22.71 -37.32 -11.63
C ALA B 57 23.12 -38.73 -12.02
N GLN B 58 24.03 -38.85 -12.98
CA GLN B 58 24.42 -40.14 -13.52
C GLN B 58 25.75 -40.63 -12.96
N TYR B 59 26.71 -39.72 -12.78
CA TYR B 59 28.03 -40.10 -12.28
C TYR B 59 28.21 -39.84 -10.78
N LYS B 60 27.57 -38.78 -10.29
CA LYS B 60 27.69 -38.37 -8.88
C LYS B 60 29.07 -37.83 -8.54
N ASP B 61 29.78 -38.61 -7.72
CA ASP B 61 31.11 -38.25 -7.23
C ASP B 61 32.24 -38.65 -8.19
N HIS B 62 31.90 -39.44 -9.21
CA HIS B 62 32.85 -39.89 -10.22
C HIS B 62 33.15 -38.77 -11.21
N TYR B 63 32.25 -37.81 -11.30
CA TYR B 63 32.34 -36.74 -12.28
C TYR B 63 33.15 -35.58 -11.74
N HIS B 64 34.03 -35.03 -12.57
CA HIS B 64 34.80 -33.85 -12.18
C HIS B 64 34.96 -32.90 -13.34
N LEU B 65 34.58 -31.65 -13.13
CA LEU B 65 34.90 -30.59 -14.08
C LEU B 65 36.33 -30.11 -13.83
N ILE B 66 36.91 -29.43 -14.81
CA ILE B 66 38.30 -28.96 -14.73
C ILE B 66 38.48 -27.71 -15.58
N GLY B 67 39.11 -26.69 -15.00
CA GLY B 67 39.30 -25.43 -15.72
C GLY B 67 40.48 -24.63 -15.22
N PRO B 68 40.74 -23.49 -15.88
CA PRO B 68 41.81 -22.56 -15.48
C PRO B 68 41.29 -21.65 -14.38
N LEU B 69 41.84 -21.80 -13.17
CA LEU B 69 41.45 -20.96 -12.05
C LEU B 69 41.52 -19.46 -12.35
N ASN B 70 40.36 -18.81 -12.32
CA ASN B 70 40.32 -17.35 -12.43
C ASN B 70 40.33 -16.72 -11.04
N LYS B 71 41.39 -15.96 -10.76
CA LYS B 71 41.66 -15.43 -9.43
C LYS B 71 40.72 -14.29 -9.01
N ALA B 72 40.26 -13.52 -9.98
CA ALA B 72 39.41 -12.36 -9.71
C ALA B 72 37.96 -12.68 -9.37
N THR B 73 37.45 -13.83 -9.84
CA THR B 73 36.01 -14.12 -9.71
C THR B 73 35.68 -15.50 -9.10
N TYR B 74 36.70 -16.25 -8.71
CA TYR B 74 36.47 -17.64 -8.34
C TYR B 74 35.81 -17.87 -6.98
N GLN B 75 35.87 -16.89 -6.11
CA GLN B 75 35.29 -17.04 -4.77
C GLN B 75 33.77 -16.78 -4.74
N ASN B 76 33.27 -16.20 -5.82
CA ASN B 76 31.84 -15.91 -5.94
C ASN B 76 31.06 -17.07 -6.53
N GLU B 77 31.77 -18.04 -7.08
CA GLU B 77 31.16 -19.17 -7.78
C GLU B 77 31.50 -20.52 -7.18
N VAL B 78 32.57 -20.59 -6.40
CA VAL B 78 32.99 -21.88 -5.85
C VAL B 78 32.94 -21.95 -4.33
N ASP B 79 32.36 -23.04 -3.84
CA ASP B 79 32.48 -23.44 -2.44
C ASP B 79 33.81 -24.17 -2.30
N ILE B 80 34.82 -23.49 -1.74
CA ILE B 80 36.14 -24.09 -1.60
C ILE B 80 36.17 -25.17 -0.52
N LEU B 81 36.77 -26.31 -0.84
CA LEU B 81 36.81 -27.45 0.07
C LEU B 81 38.25 -27.84 0.42
N ASP B 82 38.39 -28.63 1.49
CA ASP B 82 39.68 -29.25 1.82
C ASP B 82 39.69 -30.68 1.33
N TRP B 83 40.72 -31.02 0.56
CA TRP B 83 40.80 -32.31 -0.12
C TRP B 83 41.68 -33.33 0.60
N LYS B 84 42.39 -32.90 1.64
CA LYS B 84 43.20 -33.83 2.43
C LYS B 84 42.39 -34.51 3.55
N LYS B 85 41.14 -34.08 3.69
CA LYS B 85 40.19 -34.75 4.58
C LYS B 85 39.99 -36.21 4.17
N PRO B 86 40.03 -37.12 5.15
CA PRO B 86 39.81 -38.56 4.92
C PRO B 86 38.55 -38.89 4.11
N GLU B 87 37.36 -38.56 4.60
CA GLU B 87 36.12 -38.92 3.89
C GLU B 87 35.72 -37.92 2.82
N ALA B 88 36.63 -37.00 2.47
CA ALA B 88 36.39 -36.05 1.39
C ALA B 88 36.39 -36.75 0.03
N PHE B 89 36.80 -38.03 0.05
CA PHE B 89 36.82 -38.89 -1.13
C PHE B 89 36.48 -40.30 -0.69
N SER B 90 35.73 -41.03 -1.50
CA SER B 90 35.41 -42.43 -1.19
C SER B 90 36.67 -43.28 -1.36
N ASP B 91 36.64 -44.50 -0.85
CA ASP B 91 37.79 -45.40 -0.99
C ASP B 91 38.10 -45.68 -2.46
N GLU B 92 37.05 -45.94 -3.25
CA GLU B 92 37.22 -46.24 -4.67
C GLU B 92 37.63 -44.99 -5.45
N MET B 93 37.29 -43.82 -4.90
CA MET B 93 37.61 -42.56 -5.55
C MET B 93 38.89 -41.98 -4.96
N ARG B 94 39.55 -42.76 -4.12
CA ARG B 94 40.76 -42.31 -3.44
C ARG B 94 41.82 -41.77 -4.39
N PRO B 95 42.11 -42.50 -5.49
CA PRO B 95 43.16 -42.09 -6.41
C PRO B 95 43.19 -40.59 -6.72
N VAL B 96 42.03 -39.98 -6.93
CA VAL B 96 41.98 -38.56 -7.26
C VAL B 96 42.60 -37.73 -6.14
N GLN B 97 42.54 -38.24 -4.91
CA GLN B 97 43.12 -37.57 -3.76
C GLN B 97 44.65 -37.64 -3.79
N HIS B 98 45.19 -38.84 -3.99
CA HIS B 98 46.63 -39.04 -4.05
C HIS B 98 47.26 -38.29 -5.23
N ALA B 99 46.55 -38.27 -6.36
CA ALA B 99 47.05 -37.57 -7.55
C ALA B 99 47.18 -36.07 -7.29
N LEU B 100 46.39 -35.55 -6.36
CA LEU B 100 46.43 -34.14 -6.03
C LEU B 100 47.56 -33.78 -5.07
N GLN B 101 47.82 -34.65 -4.10
CA GLN B 101 48.96 -34.45 -3.19
C GLN B 101 50.26 -34.50 -3.98
N THR B 102 50.26 -35.30 -5.05
CA THR B 102 51.40 -35.40 -5.96
C THR B 102 51.62 -34.08 -6.70
N MET B 103 50.51 -33.42 -7.03
CA MET B 103 50.55 -32.14 -7.73
C MET B 103 50.98 -31.02 -6.79
N GLU B 104 50.63 -31.15 -5.52
CA GLU B 104 51.00 -30.16 -4.53
C GLU B 104 52.50 -30.15 -4.30
N SER B 105 53.08 -31.34 -4.13
CA SER B 105 54.50 -31.51 -3.86
C SER B 105 55.40 -31.09 -5.02
N ARG B 106 54.98 -31.42 -6.25
CA ARG B 106 55.74 -31.03 -7.44
C ARG B 106 55.70 -29.51 -7.63
N GLY B 107 54.79 -28.84 -6.92
CA GLY B 107 54.78 -27.39 -6.85
C GLY B 107 53.62 -26.68 -7.54
N VAL B 108 52.42 -27.26 -7.47
CA VAL B 108 51.27 -26.70 -8.17
C VAL B 108 50.17 -26.24 -7.22
N HIS B 109 49.59 -25.08 -7.52
CA HIS B 109 48.49 -24.54 -6.73
C HIS B 109 47.15 -24.75 -7.44
N PHE B 110 46.26 -25.51 -6.82
CA PHE B 110 44.99 -25.88 -7.43
C PHE B 110 43.82 -25.75 -6.47
N VAL B 111 42.79 -25.02 -6.90
CA VAL B 111 41.60 -24.83 -6.08
C VAL B 111 40.62 -25.98 -6.27
N TYR B 112 40.49 -26.83 -5.26
CA TYR B 112 39.45 -27.86 -5.25
C TYR B 112 38.24 -27.30 -4.52
N GLY B 113 37.06 -27.71 -4.94
CA GLY B 113 35.84 -27.21 -4.33
C GLY B 113 34.57 -27.80 -4.91
N ARG B 114 33.53 -26.97 -4.96
CA ARG B 114 32.22 -27.41 -5.40
C ARG B 114 31.47 -26.25 -6.04
N TRP B 115 31.35 -26.29 -7.36
CA TRP B 115 30.68 -25.23 -8.11
C TRP B 115 29.34 -24.90 -7.47
N LEU B 116 28.97 -23.61 -7.48
CA LEU B 116 27.74 -23.15 -6.85
C LEU B 116 26.62 -22.96 -7.88
N ILE B 117 26.38 -24.02 -8.66
CA ILE B 117 25.24 -24.09 -9.58
C ILE B 117 24.40 -25.32 -9.26
N GLU B 118 23.19 -25.35 -9.79
CA GLU B 118 22.29 -26.46 -9.51
C GLU B 118 22.88 -27.80 -9.95
N GLY B 119 22.91 -28.77 -9.03
CA GLY B 119 23.54 -30.05 -9.29
C GLY B 119 24.86 -30.18 -8.56
N ALA B 120 25.54 -29.04 -8.39
CA ALA B 120 26.80 -28.95 -7.63
C ALA B 120 27.88 -29.98 -8.04
N PRO B 121 28.52 -29.74 -9.19
CA PRO B 121 29.59 -30.58 -9.73
C PRO B 121 30.96 -30.21 -9.16
N LYS B 122 31.62 -31.16 -8.49
CA LYS B 122 32.94 -30.90 -7.92
C LYS B 122 33.94 -30.42 -8.98
N VAL B 123 34.59 -29.28 -8.73
CA VAL B 123 35.55 -28.70 -9.69
C VAL B 123 37.03 -28.80 -9.31
N ILE B 124 37.89 -28.46 -10.26
CA ILE B 124 39.33 -28.45 -10.07
C ILE B 124 39.90 -27.38 -10.98
N LEU B 125 40.13 -26.19 -10.44
CA LEU B 125 40.66 -25.08 -11.22
C LEU B 125 42.15 -24.89 -10.94
N PHE B 126 42.96 -25.06 -11.98
CA PHE B 126 44.42 -24.96 -11.83
C PHE B 126 44.92 -23.52 -11.97
N ASP B 127 45.75 -23.11 -11.02
CA ASP B 127 46.38 -21.79 -11.07
C ASP B 127 47.54 -21.80 -12.06
N LEU B 128 47.40 -21.05 -13.15
CA LEU B 128 48.37 -21.05 -14.26
C LEU B 128 49.65 -20.28 -13.96
N ASP B 129 49.70 -19.57 -12.83
CA ASP B 129 50.88 -18.78 -12.49
C ASP B 129 51.94 -19.64 -11.81
N SER B 130 51.49 -20.57 -10.99
CA SER B 130 52.40 -21.46 -10.25
C SER B 130 53.09 -22.44 -11.20
N VAL B 131 52.90 -22.24 -12.50
CA VAL B 131 53.36 -23.17 -13.51
C VAL B 131 54.03 -22.41 -14.67
N ARG B 132 53.82 -21.09 -14.71
CA ARG B 132 54.31 -20.27 -15.80
C ARG B 132 55.84 -20.33 -15.97
N GLY B 133 56.54 -20.79 -14.93
CA GLY B 133 57.98 -20.93 -14.99
C GLY B 133 58.45 -22.01 -15.96
N TYR B 134 57.55 -22.95 -16.23
CA TYR B 134 57.84 -24.03 -17.17
C TYR B 134 57.51 -23.60 -18.58
N SER B 135 56.85 -22.45 -18.71
CA SER B 135 56.30 -21.97 -19.99
C SER B 135 57.15 -22.22 -21.23
N ASN B 136 58.43 -21.86 -21.17
CA ASN B 136 59.30 -21.93 -22.34
C ASN B 136 59.77 -23.34 -22.68
N GLU B 137 59.90 -24.20 -21.66
CA GLU B 137 60.22 -25.59 -21.91
C GLU B 137 59.12 -26.26 -22.73
N TRP B 138 57.88 -25.93 -22.39
CA TRP B 138 56.72 -26.54 -23.02
C TRP B 138 56.47 -26.03 -24.44
N LYS B 139 56.52 -24.71 -24.63
CA LYS B 139 56.30 -24.14 -25.96
C LYS B 139 57.21 -24.78 -27.00
N GLY B 140 58.34 -25.33 -26.53
CA GLY B 140 59.25 -26.06 -27.39
C GLY B 140 58.90 -27.54 -27.44
N ASP B 141 58.46 -28.07 -26.29
CA ASP B 141 58.02 -29.47 -26.23
C ASP B 141 56.80 -29.66 -27.12
N LEU B 142 56.18 -28.55 -27.51
CA LEU B 142 55.01 -28.56 -28.40
C LEU B 142 55.47 -28.48 -29.85
N TRP B 143 56.52 -27.69 -30.06
CA TRP B 143 57.10 -27.48 -31.38
C TRP B 143 57.79 -28.75 -31.90
N SER B 144 58.23 -29.62 -30.99
CA SER B 144 58.97 -30.81 -31.38
C SER B 144 58.23 -32.13 -31.14
N LEU B 145 57.02 -32.04 -30.57
CA LEU B 145 56.15 -33.21 -30.49
C LEU B 145 55.08 -33.13 -31.56
N VAL B 146 54.59 -31.91 -31.81
CA VAL B 146 53.47 -31.70 -32.70
C VAL B 146 53.84 -30.91 -33.95
N GLY B 147 54.35 -29.69 -33.75
CA GLY B 147 54.65 -28.78 -34.83
C GLY B 147 53.72 -27.58 -34.76
N ILE B 148 53.58 -27.05 -33.55
CA ILE B 148 52.64 -25.95 -33.29
C ILE B 148 53.33 -24.66 -32.85
N PRO B 149 53.20 -23.60 -33.68
CA PRO B 149 53.74 -22.28 -33.35
C PRO B 149 53.20 -21.82 -32.00
N SER B 150 53.88 -20.89 -31.34
CA SER B 150 53.39 -20.35 -30.07
C SER B 150 53.96 -18.96 -29.73
N PRO B 151 53.57 -17.94 -30.53
CA PRO B 151 53.92 -16.53 -30.28
C PRO B 151 53.80 -16.13 -28.81
N GLU B 152 54.66 -15.23 -28.36
CA GLU B 152 54.67 -14.77 -26.97
C GLU B 152 53.87 -13.48 -26.80
N ASN B 153 53.33 -12.99 -27.91
CA ASN B 153 52.50 -11.80 -27.92
C ASN B 153 51.01 -12.13 -27.80
N ASP B 154 50.69 -13.41 -27.90
CA ASP B 154 49.32 -13.90 -27.77
C ASP B 154 49.14 -14.61 -26.43
N PHE B 155 48.57 -13.91 -25.46
CA PHE B 155 48.43 -14.47 -24.12
C PHE B 155 47.21 -15.37 -23.97
N GLU B 156 46.46 -15.53 -25.07
CA GLU B 156 45.44 -16.56 -25.16
C GLU B 156 46.11 -17.92 -25.14
N THR B 157 46.91 -18.17 -26.17
CA THR B 157 47.58 -19.45 -26.36
C THR B 157 48.58 -19.74 -25.25
N ASN B 158 49.10 -18.69 -24.62
CA ASN B 158 49.98 -18.87 -23.49
C ASN B 158 49.25 -19.59 -22.36
N ASP B 159 48.09 -19.05 -22.00
CA ASP B 159 47.28 -19.60 -20.92
C ASP B 159 46.69 -20.94 -21.32
N ALA B 160 46.57 -21.17 -22.63
CA ALA B 160 46.03 -22.42 -23.16
C ALA B 160 47.03 -23.57 -23.07
N ILE B 161 48.29 -23.28 -23.40
CA ILE B 161 49.36 -24.28 -23.34
C ILE B 161 49.66 -24.66 -21.89
N LEU B 162 49.57 -23.68 -21.00
CA LEU B 162 49.72 -23.95 -19.57
C LEU B 162 48.63 -24.91 -19.11
N LEU B 163 47.39 -24.49 -19.27
CA LEU B 163 46.25 -25.35 -18.99
C LEU B 163 46.47 -26.70 -19.65
N GLY B 164 46.76 -26.68 -20.95
CA GLY B 164 47.00 -27.89 -21.70
C GLY B 164 47.98 -28.84 -21.04
N TYR B 165 49.16 -28.32 -20.71
CA TYR B 165 50.22 -29.16 -20.12
C TYR B 165 49.97 -29.53 -18.66
N THR B 166 49.29 -28.66 -17.94
CA THR B 166 48.96 -28.91 -16.53
C THR B 166 47.89 -29.99 -16.43
N VAL B 167 46.86 -29.86 -17.27
CA VAL B 167 45.80 -30.85 -17.33
C VAL B 167 46.34 -32.19 -17.79
N ALA B 168 47.18 -32.17 -18.82
CA ALA B 168 47.77 -33.38 -19.35
C ALA B 168 48.63 -34.05 -18.29
N TRP B 169 49.12 -33.25 -17.35
CA TRP B 169 49.92 -33.73 -16.24
C TRP B 169 49.02 -34.41 -15.21
N PHE B 170 47.99 -33.70 -14.76
CA PHE B 170 47.07 -34.24 -13.77
C PHE B 170 46.54 -35.60 -14.18
N LEU B 171 46.06 -35.68 -15.42
CA LEU B 171 45.46 -36.91 -15.94
C LEU B 171 46.43 -38.08 -15.92
N GLY B 172 47.69 -37.82 -16.25
CA GLY B 172 48.71 -38.87 -16.23
C GLY B 172 48.82 -39.52 -14.86
N GLU B 173 48.85 -38.69 -13.83
CA GLU B 173 49.03 -39.16 -12.46
C GLU B 173 47.82 -39.98 -12.01
N VAL B 174 46.65 -39.69 -12.58
CA VAL B 174 45.46 -40.41 -12.17
C VAL B 174 45.40 -41.81 -12.78
N ALA B 175 45.84 -41.93 -14.02
CA ALA B 175 45.94 -43.23 -14.69
C ALA B 175 47.06 -44.05 -14.05
N HIS B 176 48.02 -43.34 -13.48
CA HIS B 176 49.10 -43.97 -12.74
C HIS B 176 48.51 -44.70 -11.53
N LEU B 177 47.76 -43.96 -10.74
CA LEU B 177 47.31 -44.41 -9.42
C LEU B 177 46.03 -45.25 -9.41
N ASP B 178 45.27 -45.22 -10.52
CA ASP B 178 44.01 -45.93 -10.58
C ASP B 178 44.05 -47.15 -11.50
N SER B 179 43.69 -48.31 -10.95
CA SER B 179 43.72 -49.56 -11.71
C SER B 179 42.37 -50.28 -11.65
N GLN B 180 41.31 -49.52 -11.41
CA GLN B 180 39.97 -50.07 -11.32
C GLN B 180 39.09 -49.46 -12.40
N HIS B 181 39.18 -48.14 -12.57
CA HIS B 181 38.31 -47.40 -13.47
C HIS B 181 38.94 -47.08 -14.83
N ALA B 182 38.15 -47.22 -15.89
CA ALA B 182 38.45 -46.56 -17.15
C ALA B 182 38.38 -45.06 -16.86
N ILE B 183 38.72 -44.21 -17.83
CA ILE B 183 38.67 -42.77 -17.59
C ILE B 183 38.38 -41.98 -18.85
N VAL B 184 37.24 -41.30 -18.89
CA VAL B 184 36.90 -40.49 -20.05
C VAL B 184 37.28 -39.03 -19.83
N ALA B 185 38.11 -38.46 -20.71
CA ALA B 185 38.50 -37.07 -20.59
C ALA B 185 37.87 -36.24 -21.71
N HIS B 186 36.77 -35.58 -21.39
CA HIS B 186 36.08 -34.75 -22.36
C HIS B 186 36.68 -33.32 -22.36
N PHE B 187 36.75 -32.70 -23.53
CA PHE B 187 37.38 -31.40 -23.71
C PHE B 187 36.56 -30.48 -24.61
N HIS B 188 36.35 -29.25 -24.19
CA HIS B 188 35.56 -28.30 -24.99
C HIS B 188 36.37 -27.12 -25.56
N GLU B 189 36.17 -26.85 -26.84
CA GLU B 189 36.83 -25.76 -27.58
C GLU B 189 38.37 -25.81 -27.63
N TRP B 190 38.95 -25.13 -28.62
CA TRP B 190 40.39 -25.18 -28.85
C TRP B 190 41.28 -24.65 -27.71
N LEU B 191 40.72 -23.79 -26.85
CA LEU B 191 41.45 -23.26 -25.71
C LEU B 191 41.78 -24.36 -24.70
N ALA B 192 40.90 -25.35 -24.59
CA ALA B 192 41.11 -26.45 -23.66
C ALA B 192 41.73 -27.67 -24.37
N GLY B 193 41.92 -27.54 -25.69
CA GLY B 193 42.33 -28.65 -26.50
C GLY B 193 43.82 -28.90 -26.68
N VAL B 194 44.63 -28.28 -25.83
CA VAL B 194 46.07 -28.47 -25.93
C VAL B 194 46.49 -29.79 -25.29
N ALA B 195 45.77 -30.21 -24.26
CA ALA B 195 46.10 -31.44 -23.56
C ALA B 195 45.75 -32.67 -24.38
N LEU B 196 45.10 -32.46 -25.53
CA LEU B 196 44.71 -33.57 -26.39
C LEU B 196 45.90 -34.14 -27.14
N PRO B 197 46.63 -33.28 -27.88
CA PRO B 197 47.77 -33.77 -28.66
C PRO B 197 48.82 -34.41 -27.76
N LEU B 198 48.88 -33.99 -26.50
CA LEU B 198 49.79 -34.60 -25.54
C LEU B 198 49.39 -36.04 -25.26
N CYS B 199 48.20 -36.20 -24.67
CA CYS B 199 47.69 -37.52 -24.29
C CYS B 199 47.89 -38.61 -25.34
N ARG B 200 47.69 -38.27 -26.61
CA ARG B 200 47.86 -39.25 -27.68
C ARG B 200 49.34 -39.56 -27.88
N LYS B 201 50.19 -38.54 -27.76
CA LYS B 201 51.61 -38.71 -27.99
C LYS B 201 52.30 -39.39 -26.82
N ARG B 202 51.82 -39.15 -25.60
CA ARG B 202 52.38 -39.79 -24.41
C ARG B 202 51.73 -41.14 -24.12
N ARG B 203 50.75 -41.52 -24.94
CA ARG B 203 50.03 -42.77 -24.73
C ARG B 203 49.57 -42.93 -23.28
N ILE B 204 48.87 -41.91 -22.77
CA ILE B 204 48.31 -41.95 -21.42
C ILE B 204 47.07 -42.82 -21.43
N ASP B 205 46.80 -43.53 -20.33
CA ASP B 205 45.72 -44.52 -20.31
C ASP B 205 44.34 -43.94 -20.00
N VAL B 206 43.85 -43.09 -20.90
CA VAL B 206 42.50 -42.54 -20.84
C VAL B 206 41.97 -42.39 -22.24
N VAL B 207 40.64 -42.41 -22.39
CA VAL B 207 40.02 -42.12 -23.68
C VAL B 207 39.67 -40.63 -23.73
N THR B 208 39.78 -40.02 -24.89
CA THR B 208 39.61 -38.58 -25.00
C THR B 208 38.52 -38.15 -25.97
N ILE B 209 37.75 -37.16 -25.58
CA ILE B 209 36.72 -36.62 -26.43
C ILE B 209 37.01 -35.15 -26.68
N PHE B 210 36.65 -34.67 -27.85
CA PHE B 210 36.84 -33.27 -28.16
C PHE B 210 35.60 -32.75 -28.85
N THR B 211 35.01 -31.72 -28.27
CA THR B 211 33.84 -31.09 -28.85
C THR B 211 34.27 -29.71 -29.33
N THR B 212 33.92 -29.38 -30.56
CA THR B 212 34.19 -28.06 -31.07
C THR B 212 32.86 -27.33 -31.27
N HIS B 213 32.75 -26.15 -30.68
CA HIS B 213 31.50 -25.39 -30.71
C HIS B 213 31.46 -24.42 -31.88
N ALA B 214 32.59 -24.32 -32.58
CA ALA B 214 32.65 -23.62 -33.86
C ALA B 214 33.95 -23.99 -34.54
N THR B 215 34.25 -23.36 -35.66
CA THR B 215 35.61 -23.41 -36.19
C THR B 215 36.15 -21.99 -36.33
N LEU B 216 37.45 -21.82 -36.13
CA LEU B 216 38.10 -20.51 -36.29
C LEU B 216 37.89 -20.00 -37.70
N LEU B 217 38.41 -20.74 -38.67
CA LEU B 217 38.26 -20.35 -40.06
C LEU B 217 36.81 -20.07 -40.43
N GLY B 218 35.90 -20.78 -39.78
CA GLY B 218 34.48 -20.64 -40.06
C GLY B 218 33.91 -19.26 -39.76
N ARG B 219 34.21 -18.72 -38.57
CA ARG B 219 33.65 -17.40 -38.24
C ARG B 219 34.39 -16.26 -38.93
N TYR B 220 35.70 -16.40 -39.10
CA TYR B 220 36.48 -15.38 -39.80
C TYR B 220 36.08 -15.27 -41.26
N LEU B 221 35.54 -16.35 -41.83
CA LEU B 221 35.13 -16.34 -43.23
C LEU B 221 33.76 -15.71 -43.46
N CYS B 222 32.96 -15.64 -42.41
CA CYS B 222 31.67 -14.96 -42.50
C CYS B 222 31.82 -13.54 -42.01
N ALA B 223 32.75 -13.34 -41.09
CA ALA B 223 33.11 -12.01 -40.62
C ALA B 223 33.97 -11.30 -41.67
N SER B 224 33.36 -11.07 -42.85
CA SER B 224 34.04 -10.44 -43.97
C SER B 224 33.12 -10.41 -45.19
N GLY B 225 32.02 -11.16 -45.11
CA GLY B 225 31.04 -11.21 -46.17
C GLY B 225 31.69 -11.37 -47.54
N SER B 226 32.79 -12.10 -47.57
CA SER B 226 33.59 -12.22 -48.79
C SER B 226 33.17 -13.34 -49.77
N PHE B 227 32.13 -14.11 -49.40
CA PHE B 227 31.61 -15.16 -50.28
C PHE B 227 30.52 -16.03 -49.65
N ASP B 228 29.90 -16.85 -50.49
CA ASP B 228 28.82 -17.74 -50.08
C ASP B 228 29.35 -18.94 -49.29
N PHE B 229 29.92 -18.66 -48.12
CA PHE B 229 30.51 -19.65 -47.23
C PHE B 229 29.79 -21.01 -47.17
N TYR B 230 28.49 -21.03 -47.40
CA TYR B 230 27.69 -22.25 -47.20
C TYR B 230 27.47 -23.13 -48.44
N ASN B 231 27.63 -22.54 -49.62
CA ASN B 231 27.51 -23.29 -50.86
C ASN B 231 28.85 -23.65 -51.50
N CYS B 232 29.89 -22.90 -51.13
CA CYS B 232 31.22 -23.06 -51.72
C CYS B 232 32.29 -22.99 -50.66
N LEU B 233 32.26 -23.89 -49.69
CA LEU B 233 33.27 -23.87 -48.62
C LEU B 233 34.36 -24.93 -48.84
N GLU B 234 34.09 -25.89 -49.72
CA GLU B 234 35.09 -26.89 -50.06
C GLU B 234 36.23 -26.26 -50.87
N SER B 235 35.85 -25.47 -51.88
CA SER B 235 36.79 -24.79 -52.75
C SER B 235 37.60 -23.72 -52.02
N VAL B 236 38.10 -24.05 -50.84
CA VAL B 236 38.85 -23.13 -50.01
C VAL B 236 40.09 -23.83 -49.48
N ASP B 237 41.23 -23.14 -49.52
CA ASP B 237 42.46 -23.72 -49.00
C ASP B 237 42.69 -23.32 -47.56
N VAL B 238 42.67 -24.31 -46.66
CA VAL B 238 42.73 -24.04 -45.24
C VAL B 238 44.08 -23.50 -44.77
N ASP B 239 45.16 -23.87 -45.45
CA ASP B 239 46.49 -23.55 -44.94
C ASP B 239 46.97 -22.10 -45.14
N HIS B 240 46.70 -21.51 -46.31
CA HIS B 240 47.02 -20.10 -46.48
C HIS B 240 45.85 -19.12 -46.24
N GLU B 241 44.63 -19.65 -46.23
CA GLU B 241 43.46 -18.87 -45.80
C GLU B 241 43.46 -18.72 -44.28
N ALA B 242 44.37 -19.41 -43.62
CA ALA B 242 44.53 -19.31 -42.17
C ALA B 242 45.72 -18.39 -41.88
N GLY B 243 46.66 -18.35 -42.81
CA GLY B 243 47.78 -17.42 -42.70
C GLY B 243 47.31 -16.01 -42.98
N ARG B 244 46.35 -15.87 -43.89
CA ARG B 244 45.84 -14.56 -44.30
C ARG B 244 44.86 -13.94 -43.32
N PHE B 245 44.74 -14.53 -42.13
CA PHE B 245 43.92 -13.97 -41.07
C PHE B 245 44.76 -13.81 -39.82
N GLY B 246 46.03 -14.15 -39.94
CA GLY B 246 46.97 -14.08 -38.83
C GLY B 246 46.65 -15.09 -37.74
N ILE B 247 46.00 -16.18 -38.15
CA ILE B 247 45.40 -17.11 -37.20
C ILE B 247 46.04 -18.51 -37.26
N TYR B 248 47.11 -18.64 -38.03
CA TYR B 248 47.68 -19.97 -38.25
C TYR B 248 48.07 -20.73 -36.97
N HIS B 249 48.62 -20.04 -35.98
CA HIS B 249 49.05 -20.71 -34.74
C HIS B 249 47.87 -21.21 -33.91
N ARG B 250 46.77 -20.46 -33.94
CA ARG B 250 45.53 -20.86 -33.28
C ARG B 250 44.90 -22.07 -33.97
N TYR B 251 44.53 -21.89 -35.25
CA TYR B 251 43.95 -22.95 -36.07
C TYR B 251 44.75 -24.26 -36.01
N CYS B 252 46.02 -24.18 -35.63
CA CYS B 252 46.85 -25.37 -35.52
C CYS B 252 46.51 -26.17 -34.26
N ILE B 253 46.24 -25.47 -33.16
CA ILE B 253 45.86 -26.16 -31.94
C ILE B 253 44.49 -26.82 -32.10
N GLU B 254 43.59 -26.14 -32.83
CA GLU B 254 42.25 -26.65 -33.10
C GLU B 254 42.33 -27.90 -33.95
N ARG B 255 43.11 -27.84 -35.02
CA ARG B 255 43.35 -28.98 -35.90
C ARG B 255 43.95 -30.11 -35.09
N ALA B 256 44.95 -29.79 -34.28
CA ALA B 256 45.63 -30.79 -33.46
C ALA B 256 44.72 -31.40 -32.41
N ALA B 257 43.72 -30.65 -31.98
CA ALA B 257 42.76 -31.16 -31.00
C ALA B 257 41.80 -32.11 -31.68
N ALA B 258 41.30 -31.69 -32.83
CA ALA B 258 40.37 -32.49 -33.60
C ALA B 258 40.99 -33.83 -34.03
N HIS B 259 42.31 -33.84 -34.24
CA HIS B 259 42.97 -35.06 -34.76
C HIS B 259 43.54 -36.01 -33.68
N SER B 260 43.86 -35.47 -32.51
CA SER B 260 44.44 -36.28 -31.44
C SER B 260 43.40 -37.03 -30.63
N ALA B 261 42.15 -36.57 -30.71
CA ALA B 261 41.09 -37.08 -29.85
C ALA B 261 40.51 -38.41 -30.32
N ASP B 262 40.21 -39.28 -29.34
CA ASP B 262 39.58 -40.56 -29.64
C ASP B 262 38.24 -40.38 -30.34
N VAL B 263 37.39 -39.51 -29.78
CA VAL B 263 36.11 -39.19 -30.41
C VAL B 263 36.07 -37.70 -30.74
N PHE B 264 35.63 -37.35 -31.95
CA PHE B 264 35.56 -35.95 -32.34
C PHE B 264 34.15 -35.49 -32.71
N THR B 265 33.65 -34.45 -32.04
CA THR B 265 32.25 -34.01 -32.19
C THR B 265 32.05 -32.49 -32.33
N THR B 266 30.98 -32.10 -33.00
CA THR B 266 30.58 -30.69 -33.00
C THR B 266 29.13 -30.60 -32.49
N VAL B 267 28.53 -29.42 -32.62
CA VAL B 267 27.20 -29.19 -32.03
C VAL B 267 26.04 -29.15 -33.01
N SER B 268 26.32 -29.17 -34.30
CA SER B 268 25.23 -29.21 -35.29
C SER B 268 25.72 -29.84 -36.57
N GLN B 269 24.79 -30.35 -37.39
CA GLN B 269 25.18 -30.93 -38.67
C GLN B 269 25.87 -29.91 -39.55
N ILE B 270 25.39 -28.67 -39.51
CA ILE B 270 26.00 -27.58 -40.27
C ILE B 270 27.44 -27.31 -39.84
N THR B 271 27.72 -27.37 -38.54
CA THR B 271 29.09 -27.23 -38.07
C THR B 271 29.91 -28.50 -38.29
N ALA B 272 29.27 -29.65 -38.39
CA ALA B 272 29.97 -30.88 -38.74
C ALA B 272 30.49 -30.77 -40.17
N PHE B 273 29.61 -30.37 -41.08
CA PHE B 273 29.92 -30.22 -42.49
C PHE B 273 31.07 -29.25 -42.70
N GLU B 274 31.13 -28.22 -41.88
CA GLU B 274 32.16 -27.23 -41.99
C GLU B 274 33.45 -27.70 -41.32
N ALA B 275 33.32 -28.34 -40.16
CA ALA B 275 34.49 -28.85 -39.44
C ALA B 275 35.27 -29.84 -40.30
N GLU B 276 34.57 -30.51 -41.21
CA GLU B 276 35.20 -31.55 -42.03
C GLU B 276 36.15 -30.95 -43.06
N HIS B 277 35.65 -30.04 -43.88
CA HIS B 277 36.46 -29.45 -44.93
C HIS B 277 37.47 -28.43 -44.43
N LEU B 278 37.30 -27.98 -43.19
CA LEU B 278 38.17 -26.93 -42.63
C LEU B 278 39.13 -27.45 -41.56
N LEU B 279 38.70 -28.46 -40.81
CA LEU B 279 39.54 -29.05 -39.77
C LEU B 279 40.08 -30.42 -40.19
N LYS B 280 39.56 -30.94 -41.29
CA LYS B 280 40.12 -32.11 -41.97
C LYS B 280 39.77 -33.47 -41.36
N ARG B 281 38.91 -33.47 -40.34
CA ARG B 281 38.36 -34.72 -39.83
C ARG B 281 36.84 -34.68 -39.80
N LYS B 282 36.21 -35.79 -40.19
CA LYS B 282 34.77 -35.91 -40.11
C LYS B 282 34.37 -36.21 -38.67
N PRO B 283 33.48 -35.39 -38.10
CA PRO B 283 33.07 -35.59 -36.71
C PRO B 283 32.29 -36.89 -36.58
N ASP B 284 32.51 -37.60 -35.47
CA ASP B 284 31.87 -38.89 -35.23
C ASP B 284 30.44 -38.76 -34.73
N GLY B 285 29.89 -37.55 -34.81
CA GLY B 285 28.53 -37.33 -34.37
C GLY B 285 28.33 -35.98 -33.73
N ILE B 286 27.06 -35.63 -33.57
CA ILE B 286 26.64 -34.30 -33.16
C ILE B 286 26.17 -34.32 -31.71
N LEU B 287 26.59 -33.32 -30.94
CA LEU B 287 26.08 -33.11 -29.57
C LEU B 287 25.29 -31.80 -29.48
N PRO B 288 24.03 -31.82 -29.91
CA PRO B 288 23.25 -30.57 -29.85
C PRO B 288 23.19 -30.05 -28.41
N ASN B 289 23.19 -28.73 -28.23
CA ASN B 289 23.11 -28.12 -26.90
C ASN B 289 21.72 -28.20 -26.30
N GLY B 290 21.66 -28.51 -25.01
CA GLY B 290 20.38 -28.60 -24.32
C GLY B 290 20.22 -27.50 -23.28
N LEU B 291 18.99 -27.34 -22.80
CA LEU B 291 18.72 -26.40 -21.71
C LEU B 291 18.17 -27.12 -20.49
N ASN B 292 18.36 -26.51 -19.32
CA ASN B 292 17.77 -27.00 -18.09
C ASN B 292 16.40 -26.36 -17.89
N VAL B 293 15.36 -26.97 -18.46
CA VAL B 293 14.07 -26.32 -18.54
C VAL B 293 13.32 -26.32 -17.21
N ILE B 294 13.19 -25.15 -16.59
CA ILE B 294 12.38 -24.96 -15.40
C ILE B 294 10.91 -25.24 -15.70
N LYS B 295 10.36 -26.29 -15.12
CA LYS B 295 8.96 -26.61 -15.36
C LYS B 295 8.02 -25.95 -14.34
N PHE B 296 6.77 -25.76 -14.73
CA PHE B 296 5.77 -25.24 -13.83
C PHE B 296 4.70 -26.30 -13.57
N GLN B 297 4.04 -26.22 -12.42
CA GLN B 297 3.03 -27.21 -12.09
C GLN B 297 1.82 -27.07 -13.00
N ALA B 298 1.36 -25.83 -13.20
CA ALA B 298 0.31 -25.58 -14.17
C ALA B 298 0.94 -25.23 -15.52
N PHE B 299 0.33 -25.73 -16.58
CA PHE B 299 0.93 -25.59 -17.90
C PHE B 299 0.79 -24.16 -18.43
N HIS B 300 -0.28 -23.50 -18.02
CA HIS B 300 -0.57 -22.16 -18.49
C HIS B 300 0.20 -21.14 -17.67
N GLU B 301 1.00 -21.60 -16.71
CA GLU B 301 1.75 -20.69 -15.87
C GLU B 301 2.62 -19.76 -16.69
N PHE B 302 3.38 -20.32 -17.63
CA PHE B 302 4.26 -19.51 -18.47
C PHE B 302 3.51 -18.35 -19.14
N GLN B 303 2.19 -18.49 -19.30
CA GLN B 303 1.38 -17.42 -19.88
C GLN B 303 1.18 -16.24 -18.92
N ASN B 304 1.03 -16.54 -17.64
CA ASN B 304 0.87 -15.46 -16.66
C ASN B 304 2.17 -14.69 -16.52
N LEU B 305 3.28 -15.41 -16.58
CA LEU B 305 4.59 -14.78 -16.52
C LEU B 305 4.79 -13.84 -17.70
N HIS B 306 4.19 -14.19 -18.84
CA HIS B 306 4.28 -13.29 -19.98
C HIS B 306 3.69 -11.94 -19.61
N ALA B 307 2.43 -11.93 -19.20
CA ALA B 307 1.72 -10.69 -18.87
C ALA B 307 2.42 -9.88 -17.78
N LEU B 308 2.89 -10.56 -16.75
CA LEU B 308 3.59 -9.93 -15.65
C LEU B 308 4.86 -9.24 -16.11
N LYS B 309 5.68 -9.98 -16.86
CA LYS B 309 6.96 -9.45 -17.27
C LYS B 309 6.83 -8.39 -18.34
N LYS B 310 5.84 -8.54 -19.21
CA LYS B 310 5.59 -7.55 -20.25
C LYS B 310 5.24 -6.18 -19.68
N GLU B 311 4.53 -6.17 -18.55
CA GLU B 311 4.16 -4.91 -17.92
C GLU B 311 5.42 -4.17 -17.45
N LYS B 312 6.43 -4.90 -17.01
CA LYS B 312 7.68 -4.25 -16.66
C LYS B 312 8.30 -3.58 -17.89
N ILE B 313 8.23 -4.26 -19.03
CA ILE B 313 8.73 -3.67 -20.26
C ILE B 313 7.92 -2.42 -20.57
N ASN B 314 6.60 -2.51 -20.44
CA ASN B 314 5.74 -1.34 -20.50
C ASN B 314 6.22 -0.14 -19.65
N ASP B 315 6.69 -0.39 -18.42
CA ASP B 315 7.15 0.69 -17.55
C ASP B 315 8.31 1.42 -18.19
N PHE B 316 9.25 0.64 -18.72
CA PHE B 316 10.43 1.19 -19.36
C PHE B 316 10.02 2.01 -20.58
N VAL B 317 9.16 1.45 -21.42
CA VAL B 317 8.77 2.12 -22.66
C VAL B 317 8.11 3.48 -22.42
N ARG B 318 7.20 3.54 -21.45
CA ARG B 318 6.57 4.79 -21.08
C ARG B 318 7.60 5.85 -20.73
N GLY B 319 8.65 5.46 -20.01
CA GLY B 319 9.68 6.40 -19.59
C GLY B 319 10.70 6.74 -20.66
N HIS B 320 10.69 5.98 -21.75
CA HIS B 320 11.64 6.21 -22.82
C HIS B 320 10.98 7.15 -23.83
N PHE B 321 9.66 7.03 -23.92
CA PHE B 321 8.88 7.85 -24.83
C PHE B 321 8.18 9.03 -24.16
N HIS B 322 8.65 9.40 -22.96
CA HIS B 322 7.98 10.42 -22.18
C HIS B 322 7.82 11.68 -23.00
N GLY B 323 6.58 12.13 -23.16
CA GLY B 323 6.29 13.31 -23.94
C GLY B 323 6.22 13.09 -25.44
N CYS B 324 6.45 11.86 -25.89
CA CYS B 324 6.27 11.52 -27.30
C CYS B 324 5.45 10.24 -27.42
N PHE B 325 4.53 10.07 -26.50
CA PHE B 325 3.82 8.80 -26.34
C PHE B 325 2.45 8.83 -27.00
N ASP B 326 2.31 8.19 -28.14
CA ASP B 326 1.09 8.27 -28.93
C ASP B 326 0.59 6.94 -29.43
N PHE B 327 0.88 5.85 -28.72
CA PHE B 327 0.36 4.55 -29.12
C PHE B 327 -0.17 3.74 -27.94
N ASP B 328 -1.06 2.79 -28.23
CA ASP B 328 -1.63 1.94 -27.19
C ASP B 328 -0.73 0.74 -26.90
N LEU B 329 -0.22 0.66 -25.67
CA LEU B 329 0.61 -0.47 -25.27
C LEU B 329 -0.15 -1.78 -25.36
N ASP B 330 -1.47 -1.74 -25.23
CA ASP B 330 -2.27 -2.95 -25.40
C ASP B 330 -2.40 -3.35 -26.86
N ASN B 331 -1.60 -2.72 -27.71
CA ASN B 331 -1.64 -3.00 -29.13
C ASN B 331 -0.29 -2.73 -29.75
N THR B 332 0.75 -2.91 -28.94
CA THR B 332 2.12 -2.84 -29.45
C THR B 332 2.85 -4.15 -29.17
N LEU B 333 3.77 -4.50 -30.08
CA LEU B 333 4.49 -5.76 -30.01
C LEU B 333 5.99 -5.51 -29.84
N TYR B 334 6.61 -6.29 -28.96
CA TYR B 334 8.04 -6.21 -28.76
C TYR B 334 8.78 -7.26 -29.57
N PHE B 335 9.71 -6.81 -30.40
CA PHE B 335 10.61 -7.67 -31.16
C PHE B 335 11.99 -7.43 -30.60
N PHE B 336 12.77 -8.48 -30.43
CA PHE B 336 14.12 -8.23 -29.99
C PHE B 336 15.16 -9.09 -30.69
N ILE B 337 16.41 -8.70 -30.53
CA ILE B 337 17.53 -9.49 -30.95
C ILE B 337 18.57 -9.41 -29.85
N ALA B 338 19.18 -10.54 -29.53
CA ALA B 338 20.22 -10.55 -28.50
C ALA B 338 21.40 -11.43 -28.91
N GLY B 339 22.49 -11.31 -28.15
CA GLY B 339 23.73 -12.01 -28.44
C GLY B 339 24.90 -11.04 -28.49
N ARG B 340 26.10 -11.58 -28.69
CA ARG B 340 27.31 -10.77 -28.74
C ARG B 340 27.27 -9.76 -29.89
N TYR B 341 27.98 -8.66 -29.72
CA TYR B 341 28.07 -7.65 -30.77
C TYR B 341 28.85 -8.20 -31.96
N GLU B 342 28.12 -8.74 -32.93
CA GLU B 342 28.71 -9.29 -34.14
C GLU B 342 27.86 -8.85 -35.32
N TYR B 343 28.13 -7.63 -35.79
CA TYR B 343 27.23 -6.98 -36.74
C TYR B 343 26.77 -7.85 -37.91
N LYS B 344 27.69 -8.60 -38.53
CA LYS B 344 27.33 -9.39 -39.71
C LYS B 344 26.90 -10.82 -39.39
N ASN B 345 27.63 -11.45 -38.48
CA ASN B 345 27.42 -12.86 -38.15
C ASN B 345 26.11 -13.15 -37.45
N LYS B 346 25.75 -12.31 -36.47
CA LYS B 346 24.55 -12.54 -35.66
C LYS B 346 23.29 -11.95 -36.28
N GLY B 347 23.45 -11.07 -37.26
CA GLY B 347 22.33 -10.64 -38.09
C GLY B 347 21.85 -9.21 -37.94
N ALA B 348 22.47 -8.46 -37.04
CA ALA B 348 22.05 -7.09 -36.75
C ALA B 348 21.72 -6.31 -38.02
N ASP B 349 22.68 -6.27 -38.94
CA ASP B 349 22.50 -5.59 -40.22
C ASP B 349 21.19 -5.92 -40.90
N MET B 350 20.86 -7.21 -40.94
CA MET B 350 19.68 -7.66 -41.68
C MET B 350 18.41 -7.46 -40.85
N PHE B 351 18.58 -7.36 -39.54
CA PHE B 351 17.48 -7.05 -38.63
C PHE B 351 17.02 -5.61 -38.83
N ILE B 352 17.98 -4.68 -38.70
CA ILE B 352 17.72 -3.28 -38.85
C ILE B 352 17.14 -2.95 -40.23
N GLU B 353 17.49 -3.75 -41.24
CA GLU B 353 17.00 -3.52 -42.58
C GLU B 353 15.54 -3.91 -42.71
N ALA B 354 15.26 -5.18 -42.43
CA ALA B 354 13.90 -5.70 -42.47
C ALA B 354 12.96 -4.81 -41.66
N LEU B 355 13.42 -4.35 -40.50
CA LEU B 355 12.58 -3.49 -39.67
C LEU B 355 12.17 -2.24 -40.44
N ALA B 356 13.15 -1.59 -41.08
CA ALA B 356 12.89 -0.39 -41.85
C ALA B 356 11.89 -0.62 -43.00
N ARG B 357 11.94 -1.81 -43.60
CA ARG B 357 11.04 -2.14 -44.69
C ARG B 357 9.66 -2.48 -44.15
N LEU B 358 9.65 -3.12 -42.99
CA LEU B 358 8.42 -3.44 -42.29
C LEU B 358 7.71 -2.14 -41.91
N ASN B 359 8.50 -1.17 -41.48
CA ASN B 359 7.99 0.17 -41.18
C ASN B 359 7.17 0.72 -42.35
N TYR B 360 7.72 0.58 -43.55
CA TYR B 360 7.06 1.05 -44.76
C TYR B 360 5.77 0.27 -45.07
N ARG B 361 5.84 -1.05 -45.02
CA ARG B 361 4.67 -1.89 -45.28
C ARG B 361 3.53 -1.58 -44.30
N LEU B 362 3.90 -1.16 -43.08
CA LEU B 362 2.92 -0.88 -42.03
C LEU B 362 2.26 0.49 -42.19
N LYS B 363 3.02 1.48 -42.63
CA LYS B 363 2.44 2.78 -42.95
C LYS B 363 1.53 2.66 -44.18
N VAL B 364 1.88 1.75 -45.08
CA VAL B 364 1.15 1.59 -46.33
C VAL B 364 -0.22 0.93 -46.16
N SER B 365 -0.27 -0.16 -45.39
CA SER B 365 -1.52 -0.89 -45.18
C SER B 365 -2.40 -0.25 -44.10
N GLY B 366 -1.96 0.92 -43.61
CA GLY B 366 -2.70 1.64 -42.59
C GLY B 366 -2.89 0.83 -41.33
N SER B 367 -1.77 0.38 -40.76
CA SER B 367 -1.80 -0.50 -39.60
C SER B 367 -1.88 0.27 -38.29
N LYS B 368 -2.70 -0.27 -37.38
CA LYS B 368 -2.93 0.31 -36.07
C LYS B 368 -1.86 -0.15 -35.10
N LYS B 369 -1.21 -1.26 -35.46
CA LYS B 369 -0.24 -1.91 -34.59
C LYS B 369 1.06 -1.09 -34.52
N THR B 370 1.82 -1.26 -33.45
CA THR B 370 3.10 -0.60 -33.30
C THR B 370 4.13 -1.67 -32.92
N VAL B 371 5.39 -1.47 -33.31
CA VAL B 371 6.42 -2.44 -33.00
C VAL B 371 7.64 -1.77 -32.41
N VAL B 372 7.83 -1.93 -31.13
CA VAL B 372 9.03 -1.49 -30.45
C VAL B 372 10.09 -2.58 -30.50
N ALA B 373 11.15 -2.37 -31.29
CA ALA B 373 12.19 -3.37 -31.43
C ALA B 373 13.39 -3.08 -30.54
N PHE B 374 13.81 -4.07 -29.76
CA PHE B 374 14.98 -3.91 -28.91
C PHE B 374 16.18 -4.61 -29.51
N ILE B 375 17.36 -4.05 -29.26
CA ILE B 375 18.61 -4.65 -29.70
C ILE B 375 19.51 -4.75 -28.48
N VAL B 376 19.76 -5.97 -28.04
CA VAL B 376 20.58 -6.15 -26.84
C VAL B 376 21.93 -6.77 -27.19
N MET B 377 22.93 -5.93 -27.44
CA MET B 377 24.27 -6.36 -27.81
C MET B 377 25.34 -5.50 -27.15
N PRO B 378 26.10 -6.09 -26.22
CA PRO B 378 27.07 -5.32 -25.45
C PRO B 378 28.04 -4.58 -26.34
N ALA B 379 28.15 -3.26 -26.14
CA ALA B 379 29.10 -2.42 -26.85
C ALA B 379 29.89 -1.55 -25.84
N LYS B 380 30.94 -0.88 -26.32
CA LYS B 380 31.75 -0.03 -25.44
C LYS B 380 30.98 1.24 -25.09
N ASN B 381 30.70 1.42 -23.79
CA ASN B 381 29.88 2.54 -23.37
C ASN B 381 30.27 3.13 -22.01
N ASN B 382 29.74 4.32 -21.73
CA ASN B 382 29.97 5.02 -20.48
C ASN B 382 28.69 5.13 -19.63
N SER B 383 27.95 4.02 -19.53
CA SER B 383 26.73 3.93 -18.75
C SER B 383 25.55 4.65 -19.40
N PHE B 384 24.44 4.73 -18.67
CA PHE B 384 23.17 5.21 -19.25
C PHE B 384 23.19 6.73 -19.48
N THR B 385 22.54 7.18 -20.54
CA THR B 385 22.40 8.62 -20.77
C THR B 385 21.67 9.20 -19.58
N VAL B 386 22.00 10.45 -19.22
CA VAL B 386 21.26 11.16 -18.17
C VAL B 386 19.77 11.25 -18.52
N GLU B 387 19.47 11.43 -19.80
CA GLU B 387 18.08 11.53 -20.25
C GLU B 387 17.29 10.27 -19.92
N ALA B 388 17.95 9.12 -20.00
CA ALA B 388 17.28 7.84 -19.81
C ALA B 388 16.89 7.63 -18.33
N LEU B 389 17.79 7.97 -17.42
CA LEU B 389 17.52 7.82 -16.01
C LEU B 389 16.50 8.84 -15.54
N LYS B 390 16.62 10.08 -16.04
CA LYS B 390 15.65 11.11 -15.71
C LYS B 390 14.25 10.69 -16.19
N GLY B 391 14.15 10.24 -17.42
CA GLY B 391 12.89 9.77 -17.95
C GLY B 391 12.15 8.82 -17.03
N GLN B 392 12.85 7.85 -16.45
CA GLN B 392 12.23 6.93 -15.50
C GLN B 392 11.79 7.69 -14.27
N ALA B 393 12.72 8.42 -13.66
CA ALA B 393 12.44 9.10 -12.39
C ALA B 393 11.24 10.02 -12.55
N GLU B 394 11.12 10.59 -13.75
CA GLU B 394 10.04 11.52 -14.06
C GLU B 394 8.70 10.81 -14.13
N VAL B 395 8.66 9.69 -14.85
CA VAL B 395 7.45 8.89 -14.96
C VAL B 395 7.09 8.25 -13.62
N ARG B 396 8.10 7.81 -12.89
CA ARG B 396 7.89 7.25 -11.56
C ARG B 396 7.21 8.26 -10.63
N ALA B 397 7.65 9.52 -10.72
CA ALA B 397 7.17 10.57 -9.84
C ALA B 397 5.73 10.98 -10.16
N LEU B 398 5.37 10.86 -11.44
CA LEU B 398 3.98 11.02 -11.85
C LEU B 398 3.15 9.94 -11.16
N GLU B 399 3.48 8.67 -11.42
CA GLU B 399 2.85 7.54 -10.74
C GLU B 399 2.58 7.79 -9.25
N ASN B 400 3.59 8.26 -8.52
CA ASN B 400 3.44 8.49 -7.09
C ASN B 400 2.45 9.60 -6.79
N THR B 401 2.43 10.62 -7.64
CA THR B 401 1.49 11.70 -7.51
C THR B 401 0.07 11.18 -7.77
N VAL B 402 -0.08 10.35 -8.80
CA VAL B 402 -1.40 9.82 -9.14
C VAL B 402 -1.97 8.97 -8.01
N HIS B 403 -1.13 8.18 -7.34
CA HIS B 403 -1.62 7.41 -6.20
C HIS B 403 -2.13 8.35 -5.13
N GLU B 404 -1.35 9.38 -4.82
CA GLU B 404 -1.75 10.31 -3.79
C GLU B 404 -3.09 10.95 -4.10
N VAL B 405 -3.27 11.36 -5.36
CA VAL B 405 -4.53 11.94 -5.80
C VAL B 405 -5.71 10.94 -5.70
N THR B 406 -5.52 9.71 -6.17
CA THR B 406 -6.60 8.71 -6.07
C THR B 406 -6.93 8.28 -4.64
N THR B 407 -6.00 8.47 -3.71
CA THR B 407 -6.31 8.22 -2.31
C THR B 407 -7.38 9.22 -1.87
N SER B 408 -7.14 10.50 -2.14
CA SER B 408 -8.10 11.56 -1.88
C SER B 408 -9.45 11.30 -2.55
N ILE B 409 -9.44 10.97 -3.84
CA ILE B 409 -10.66 10.65 -4.54
C ILE B 409 -11.45 9.57 -3.78
N GLY B 410 -10.71 8.59 -3.26
CA GLY B 410 -11.31 7.48 -2.56
C GLY B 410 -12.04 7.91 -1.30
N LYS B 411 -11.41 8.78 -0.54
CA LYS B 411 -12.03 9.31 0.65
C LYS B 411 -13.32 10.04 0.28
N ARG B 412 -13.35 10.64 -0.91
CA ARG B 412 -14.51 11.39 -1.33
C ARG B 412 -15.65 10.49 -1.83
N ILE B 413 -15.33 9.51 -2.65
CA ILE B 413 -16.33 8.52 -3.05
C ILE B 413 -16.89 7.86 -1.81
N PHE B 414 -16.02 7.53 -0.86
CA PHE B 414 -16.44 6.81 0.32
C PHE B 414 -17.40 7.68 1.13
N ASP B 415 -17.01 8.93 1.36
CA ASP B 415 -17.86 9.80 2.16
C ASP B 415 -19.25 9.88 1.54
N HIS B 416 -19.29 10.11 0.24
CA HIS B 416 -20.55 10.22 -0.45
C HIS B 416 -21.38 8.95 -0.26
N ALA B 417 -20.73 7.79 -0.36
CA ALA B 417 -21.44 6.53 -0.39
C ALA B 417 -21.95 6.15 0.99
N ILE B 418 -21.20 6.52 2.01
CA ILE B 418 -21.57 6.19 3.38
C ILE B 418 -22.75 7.06 3.83
N ARG B 419 -22.90 8.20 3.15
CA ARG B 419 -23.79 9.28 3.58
C ARG B 419 -25.13 9.26 2.86
N TYR B 420 -25.15 8.75 1.64
CA TYR B 420 -26.36 8.70 0.83
C TYR B 420 -27.52 8.05 1.55
N PRO B 421 -28.74 8.59 1.44
CA PRO B 421 -29.23 9.74 0.68
C PRO B 421 -29.34 11.01 1.51
N HIS B 422 -28.57 11.10 2.58
CA HIS B 422 -28.70 12.20 3.51
C HIS B 422 -27.93 13.43 3.05
N ASN B 423 -28.11 14.52 3.81
CA ASN B 423 -27.45 15.79 3.53
C ASN B 423 -27.61 16.23 2.09
N GLY B 424 -28.73 15.87 1.47
CA GLY B 424 -29.03 16.29 0.11
C GLY B 424 -28.22 15.67 -1.02
N LEU B 425 -27.61 14.51 -0.80
CA LEU B 425 -27.00 13.77 -1.89
C LEU B 425 -28.10 13.01 -2.63
N THR B 426 -28.46 13.52 -3.80
CA THR B 426 -29.59 13.02 -4.56
C THR B 426 -29.30 11.67 -5.22
N THR B 427 -28.07 11.52 -5.72
CA THR B 427 -27.66 10.30 -6.43
C THR B 427 -26.76 9.46 -5.54
N GLU B 428 -26.72 8.15 -5.77
CA GLU B 428 -25.94 7.30 -4.89
C GLU B 428 -24.44 7.42 -5.14
N LEU B 429 -24.08 7.89 -6.33
CA LEU B 429 -22.67 8.11 -6.64
C LEU B 429 -22.43 9.54 -7.06
N PRO B 430 -21.19 10.02 -6.90
CA PRO B 430 -20.85 11.33 -7.47
C PRO B 430 -21.09 11.31 -8.97
N THR B 431 -21.38 12.46 -9.55
CA THR B 431 -21.65 12.52 -10.98
C THR B 431 -20.77 13.54 -11.67
N ASP B 432 -20.27 14.52 -10.91
CA ASP B 432 -19.41 15.55 -11.48
C ASP B 432 -17.98 15.39 -10.98
N LEU B 433 -17.03 15.48 -11.90
CA LEU B 433 -15.63 15.29 -11.57
C LEU B 433 -15.16 16.27 -10.51
N GLY B 434 -15.76 17.44 -10.47
CA GLY B 434 -15.40 18.45 -9.48
C GLY B 434 -15.63 18.04 -8.02
N GLU B 435 -16.62 17.16 -7.80
CA GLU B 435 -16.85 16.65 -6.46
C GLU B 435 -15.66 15.82 -5.97
N LEU B 436 -14.95 15.20 -6.90
CA LEU B 436 -13.88 14.26 -6.57
C LEU B 436 -12.49 14.86 -6.74
N LEU B 437 -12.25 15.46 -7.90
CA LEU B 437 -10.95 16.00 -8.26
C LEU B 437 -10.85 17.49 -7.92
N LYS B 438 -10.21 17.82 -6.81
CA LYS B 438 -10.08 19.21 -6.38
C LYS B 438 -8.93 19.90 -7.09
N SER B 439 -8.87 21.21 -7.00
CA SER B 439 -7.86 21.99 -7.73
C SER B 439 -6.46 21.83 -7.15
N SER B 440 -6.38 21.52 -5.85
CA SER B 440 -5.09 21.20 -5.25
C SER B 440 -4.47 20.00 -5.97
N ASP B 441 -5.30 19.00 -6.25
CA ASP B 441 -4.89 17.80 -6.99
C ASP B 441 -4.52 18.16 -8.44
N LYS B 442 -5.38 18.95 -9.08
CA LYS B 442 -5.15 19.35 -10.48
C LYS B 442 -3.80 20.02 -10.69
N VAL B 443 -3.25 20.62 -9.64
CA VAL B 443 -2.06 21.46 -9.80
C VAL B 443 -0.75 20.69 -9.77
N MET B 444 -0.58 19.77 -8.82
CA MET B 444 0.63 18.96 -8.82
C MET B 444 0.62 17.93 -9.95
N LEU B 445 -0.56 17.46 -10.33
CA LEU B 445 -0.69 16.58 -11.49
C LEU B 445 -0.17 17.26 -12.75
N LYS B 446 -0.36 18.58 -12.83
CA LYS B 446 0.02 19.32 -14.02
C LYS B 446 1.51 19.63 -14.02
N ARG B 447 2.09 19.77 -12.82
CA ARG B 447 3.52 19.97 -12.67
C ARG B 447 4.32 18.74 -13.10
N ARG B 448 3.81 17.56 -12.75
CA ARG B 448 4.42 16.32 -13.16
C ARG B 448 4.26 16.12 -14.65
N ILE B 449 3.17 16.65 -15.22
CA ILE B 449 2.90 16.46 -16.65
C ILE B 449 3.79 17.35 -17.51
N LEU B 450 4.18 18.50 -16.94
CA LEU B 450 5.08 19.43 -17.60
C LEU B 450 6.50 18.85 -17.62
N ALA B 451 6.89 18.21 -16.52
CA ALA B 451 8.24 17.65 -16.39
C ALA B 451 8.53 16.58 -17.45
N LEU B 452 7.50 15.90 -17.91
CA LEU B 452 7.65 14.85 -18.92
C LEU B 452 7.82 15.42 -20.32
N ARG B 453 7.53 16.72 -20.44
CA ARG B 453 7.57 17.44 -21.71
C ARG B 453 8.96 17.43 -22.32
N ARG B 454 9.07 17.14 -23.61
CA ARG B 454 10.38 17.24 -24.22
C ARG B 454 10.40 18.29 -25.33
N PRO B 455 11.46 19.13 -25.33
CA PRO B 455 11.63 20.30 -26.18
C PRO B 455 11.17 20.03 -27.60
N GLU B 456 10.60 21.05 -28.24
CA GLU B 456 10.02 20.88 -29.57
C GLU B 456 10.96 20.19 -30.54
N GLY B 457 10.41 19.25 -31.32
CA GLY B 457 11.14 18.55 -32.35
C GLY B 457 11.96 17.37 -31.87
N GLN B 458 12.39 17.41 -30.60
CA GLN B 458 13.23 16.34 -30.06
C GLN B 458 12.47 15.02 -29.93
N LEU B 459 13.14 13.94 -30.28
CA LEU B 459 12.51 12.63 -30.37
C LEU B 459 13.11 11.67 -29.35
N PRO B 460 12.39 10.58 -29.03
CA PRO B 460 12.90 9.56 -28.10
C PRO B 460 14.15 8.90 -28.68
N PRO B 461 15.21 8.77 -27.87
CA PRO B 461 16.51 8.32 -28.40
C PRO B 461 16.41 6.95 -29.10
N ILE B 462 17.45 6.61 -29.84
CA ILE B 462 17.54 5.28 -30.44
C ILE B 462 18.53 4.45 -29.63
N VAL B 463 19.07 5.05 -28.57
CA VAL B 463 20.05 4.36 -27.74
C VAL B 463 19.83 4.77 -26.29
N THR B 464 20.37 4.00 -25.36
CA THR B 464 20.11 4.26 -23.96
C THR B 464 21.37 4.56 -23.17
N HIS B 465 22.52 4.39 -23.80
CA HIS B 465 23.77 4.72 -23.12
C HIS B 465 24.57 5.77 -23.87
N ASN B 466 25.55 6.35 -23.18
CA ASN B 466 26.59 7.14 -23.82
C ASN B 466 27.61 6.20 -24.48
N MET B 467 27.65 6.21 -25.80
CA MET B 467 28.58 5.37 -26.55
C MET B 467 29.98 5.98 -26.55
N VAL B 468 30.98 5.14 -26.74
CA VAL B 468 32.34 5.61 -27.03
C VAL B 468 32.60 5.39 -28.52
N ASP B 469 32.96 6.46 -29.23
CA ASP B 469 33.06 6.40 -30.68
C ASP B 469 31.68 6.10 -31.27
N ASP B 470 30.74 6.97 -30.92
CA ASP B 470 29.37 6.90 -31.40
C ASP B 470 29.29 6.91 -32.92
N ALA B 471 30.20 7.66 -33.54
CA ALA B 471 30.18 7.88 -35.00
C ALA B 471 30.38 6.61 -35.83
N ASN B 472 31.36 5.81 -35.43
CA ASN B 472 31.74 4.65 -36.23
C ASN B 472 31.09 3.35 -35.74
N ASP B 473 30.05 3.49 -34.92
CA ASP B 473 29.27 2.35 -34.49
C ASP B 473 28.45 1.77 -35.64
N LEU B 474 28.58 0.45 -35.83
CA LEU B 474 27.92 -0.22 -36.94
C LEU B 474 26.41 -0.21 -36.84
N ILE B 475 25.89 -0.48 -35.64
CA ILE B 475 24.45 -0.51 -35.40
C ILE B 475 23.83 0.87 -35.61
N LEU B 476 24.28 1.84 -34.82
CA LEU B 476 23.76 3.19 -34.91
C LEU B 476 23.79 3.71 -36.36
N ASN B 477 24.91 3.49 -37.06
CA ASN B 477 25.04 3.92 -38.44
C ASN B 477 24.02 3.29 -39.39
N LYS B 478 23.72 2.01 -39.18
CA LYS B 478 22.74 1.33 -40.03
C LYS B 478 21.34 1.87 -39.73
N ILE B 479 21.08 2.15 -38.46
CA ILE B 479 19.81 2.72 -38.06
C ILE B 479 19.69 4.14 -38.61
N ARG B 480 20.78 4.91 -38.51
CA ARG B 480 20.83 6.25 -39.09
C ARG B 480 20.59 6.21 -40.58
N GLN B 481 21.11 5.16 -41.22
CA GLN B 481 21.01 5.00 -42.65
C GLN B 481 19.56 4.76 -43.08
N VAL B 482 18.86 3.91 -42.35
CA VAL B 482 17.49 3.56 -42.71
C VAL B 482 16.50 4.61 -42.22
N GLN B 483 16.94 5.37 -41.23
CA GLN B 483 16.15 6.48 -40.68
C GLN B 483 14.94 6.08 -39.85
N LEU B 484 15.13 5.11 -38.94
CA LEU B 484 14.12 4.78 -37.96
C LEU B 484 14.44 5.58 -36.70
N PHE B 485 13.97 6.83 -36.66
CA PHE B 485 14.41 7.78 -35.64
C PHE B 485 13.39 7.99 -34.54
N ASN B 486 12.37 7.14 -34.51
CA ASN B 486 11.36 7.14 -33.45
C ASN B 486 10.36 8.29 -33.60
N SER B 487 10.20 8.78 -34.82
CA SER B 487 9.22 9.83 -35.07
C SER B 487 7.80 9.22 -35.06
N PRO B 488 6.80 10.03 -34.70
CA PRO B 488 5.40 9.61 -34.51
C PRO B 488 4.77 8.80 -35.64
N SER B 489 5.10 9.10 -36.89
CA SER B 489 4.50 8.41 -38.02
C SER B 489 5.08 7.03 -38.26
N ASP B 490 6.31 6.81 -37.76
CA ASP B 490 6.95 5.49 -37.81
C ASP B 490 6.17 4.47 -36.99
N ARG B 491 5.65 3.45 -37.66
CA ARG B 491 4.92 2.41 -36.96
C ARG B 491 5.87 1.38 -36.31
N VAL B 492 7.18 1.51 -36.59
CA VAL B 492 8.20 0.70 -35.93
C VAL B 492 9.17 1.58 -35.17
N LYS B 493 9.35 1.30 -33.87
CA LYS B 493 10.28 2.06 -33.06
C LYS B 493 11.53 1.23 -32.82
N MET B 494 12.59 1.88 -32.38
CA MET B 494 13.90 1.23 -32.33
C MET B 494 14.64 1.62 -31.05
N ILE B 495 15.08 0.63 -30.29
CA ILE B 495 15.83 0.91 -29.07
C ILE B 495 17.07 0.02 -28.94
N PHE B 496 18.23 0.65 -29.04
CA PHE B 496 19.49 -0.07 -28.91
C PHE B 496 19.99 0.09 -27.48
N HIS B 497 20.22 -1.05 -26.83
CA HIS B 497 20.59 -1.10 -25.42
C HIS B 497 21.94 -1.80 -25.31
N PRO B 498 23.03 -1.04 -25.52
CA PRO B 498 24.40 -1.55 -25.67
C PRO B 498 25.01 -2.13 -24.38
N GLU B 499 24.23 -2.92 -23.65
CA GLU B 499 24.73 -3.59 -22.47
C GLU B 499 23.93 -4.86 -22.27
N PHE B 500 24.38 -5.73 -21.37
CA PHE B 500 23.61 -6.93 -21.07
C PHE B 500 22.48 -6.64 -20.08
N LEU B 501 21.36 -7.32 -20.28
CA LEU B 501 20.23 -7.19 -19.37
C LEU B 501 20.56 -7.82 -18.02
N ASN B 502 20.19 -7.12 -16.96
CA ASN B 502 20.39 -7.60 -15.60
C ASN B 502 19.41 -6.86 -14.70
N ALA B 503 18.91 -7.55 -13.69
CA ALA B 503 17.76 -7.08 -12.92
C ALA B 503 18.02 -5.88 -12.03
N ASN B 504 19.27 -5.53 -11.79
CA ASN B 504 19.50 -4.27 -11.08
C ASN B 504 20.04 -3.14 -11.95
N ASN B 505 19.65 -3.18 -13.22
CA ASN B 505 19.72 -2.01 -14.10
C ASN B 505 18.75 -0.99 -13.55
N PRO B 506 19.17 0.27 -13.49
CA PRO B 506 18.27 1.31 -13.01
C PRO B 506 17.12 1.49 -13.98
N ILE B 507 17.35 1.11 -15.22
CA ILE B 507 16.40 1.40 -16.30
C ILE B 507 15.46 0.25 -16.64
N LEU B 508 16.00 -0.95 -16.72
CA LEU B 508 15.19 -2.08 -17.13
C LEU B 508 15.44 -3.24 -16.20
N GLY B 509 15.05 -3.09 -14.93
CA GLY B 509 15.30 -4.08 -13.90
C GLY B 509 14.74 -5.46 -14.19
N LEU B 510 15.30 -6.10 -15.21
CA LEU B 510 14.89 -7.42 -15.65
C LEU B 510 16.12 -8.26 -15.93
N ASP B 511 16.08 -9.54 -15.57
CA ASP B 511 17.11 -10.49 -15.99
C ASP B 511 16.84 -10.78 -17.47
N TYR B 512 17.83 -11.32 -18.16
CA TYR B 512 17.61 -11.66 -19.56
C TYR B 512 16.39 -12.59 -19.76
N ASP B 513 16.30 -13.66 -18.98
CA ASP B 513 15.21 -14.62 -19.19
C ASP B 513 13.85 -13.93 -18.99
N GLU B 514 13.77 -13.05 -18.00
CA GLU B 514 12.54 -12.33 -17.72
C GLU B 514 12.15 -11.46 -18.91
N PHE B 515 13.12 -10.69 -19.40
CA PHE B 515 12.87 -9.90 -20.60
C PHE B 515 12.28 -10.72 -21.75
N VAL B 516 12.84 -11.90 -22.01
CA VAL B 516 12.36 -12.72 -23.11
C VAL B 516 10.88 -13.10 -22.95
N ARG B 517 10.50 -13.56 -21.76
CA ARG B 517 9.10 -13.87 -21.51
C ARG B 517 8.23 -12.65 -21.77
N GLY B 518 8.79 -11.47 -21.48
CA GLY B 518 8.09 -10.23 -21.78
C GLY B 518 7.82 -9.97 -23.25
N CYS B 519 8.74 -10.31 -24.14
CA CYS B 519 8.57 -9.89 -25.52
C CYS B 519 7.58 -10.74 -26.27
N HIS B 520 7.39 -10.45 -27.55
CA HIS B 520 6.45 -11.20 -28.38
C HIS B 520 7.16 -12.06 -29.42
N LEU B 521 8.25 -11.53 -29.98
CA LEU B 521 8.93 -12.21 -31.07
C LEU B 521 10.44 -12.00 -30.93
N GLY B 522 11.20 -13.08 -31.02
CA GLY B 522 12.65 -12.98 -31.04
C GLY B 522 13.10 -13.07 -32.49
N VAL B 523 14.01 -12.19 -32.89
CA VAL B 523 14.47 -12.19 -34.27
C VAL B 523 15.98 -12.34 -34.30
N PHE B 524 16.45 -13.48 -34.80
CA PHE B 524 17.88 -13.80 -34.81
C PHE B 524 18.31 -14.32 -36.17
N PRO B 525 18.50 -13.42 -37.14
CA PRO B 525 18.83 -13.81 -38.51
C PRO B 525 20.33 -13.99 -38.63
N SER B 526 20.87 -15.00 -37.94
CA SER B 526 22.29 -15.25 -37.95
C SER B 526 22.79 -15.71 -39.32
N TYR B 527 24.05 -15.39 -39.63
CA TYR B 527 24.69 -15.99 -40.77
C TYR B 527 25.65 -17.05 -40.25
N TYR B 528 26.31 -16.77 -39.14
CA TYR B 528 27.13 -17.76 -38.50
C TYR B 528 26.60 -18.11 -37.11
N GLU B 529 26.07 -19.32 -36.99
CA GLU B 529 25.53 -19.80 -35.73
C GLU B 529 25.58 -21.33 -35.65
N PRO B 530 26.73 -21.86 -35.18
CA PRO B 530 26.90 -23.29 -34.93
C PRO B 530 25.72 -23.87 -34.16
N TRP B 531 25.42 -23.40 -32.96
CA TRP B 531 24.20 -23.88 -32.29
C TRP B 531 23.05 -22.89 -32.36
N GLY B 532 23.10 -21.84 -31.56
CA GLY B 532 22.00 -20.91 -31.51
C GLY B 532 21.17 -21.08 -30.26
N TYR B 533 21.88 -21.08 -29.14
CA TYR B 533 21.28 -21.08 -27.82
C TYR B 533 20.21 -19.99 -27.71
N THR B 534 20.33 -18.94 -28.52
CA THR B 534 19.48 -17.76 -28.33
C THR B 534 18.02 -17.93 -28.79
N PRO B 535 17.79 -18.53 -29.96
CA PRO B 535 16.39 -18.80 -30.29
C PRO B 535 15.88 -19.99 -29.51
N ALA B 536 16.78 -20.70 -28.84
CA ALA B 536 16.38 -21.91 -28.13
C ALA B 536 15.84 -21.57 -26.74
N GLU B 537 16.54 -20.71 -26.01
CA GLU B 537 16.07 -20.30 -24.69
C GLU B 537 14.80 -19.50 -24.92
N CYS B 538 14.74 -18.83 -26.05
CA CYS B 538 13.54 -18.11 -26.40
C CYS B 538 12.39 -19.10 -26.57
N THR B 539 12.66 -20.22 -27.23
CA THR B 539 11.63 -21.22 -27.50
C THR B 539 11.19 -22.00 -26.26
N VAL B 540 12.13 -22.30 -25.37
CA VAL B 540 11.83 -22.96 -24.11
C VAL B 540 10.88 -22.13 -23.23
N MET B 541 10.88 -20.81 -23.45
CA MET B 541 10.04 -19.91 -22.69
C MET B 541 8.77 -19.51 -23.39
N GLY B 542 8.41 -20.21 -24.44
CA GLY B 542 7.13 -19.99 -25.06
C GLY B 542 7.06 -18.74 -25.92
N VAL B 543 8.20 -18.15 -26.24
CA VAL B 543 8.21 -17.03 -27.18
C VAL B 543 8.64 -17.50 -28.58
N PRO B 544 7.85 -17.14 -29.61
CA PRO B 544 8.18 -17.47 -30.99
C PRO B 544 9.49 -16.84 -31.40
N SER B 545 10.14 -17.45 -32.39
CA SER B 545 11.47 -17.01 -32.80
C SER B 545 11.65 -17.11 -34.31
N ILE B 546 12.38 -16.14 -34.86
CA ILE B 546 12.79 -16.18 -36.26
C ILE B 546 14.27 -16.51 -36.31
N THR B 547 14.60 -17.61 -36.98
CA THR B 547 15.99 -18.00 -37.16
C THR B 547 16.26 -18.34 -38.63
N THR B 548 17.48 -18.75 -38.96
CA THR B 548 17.81 -19.09 -40.36
C THR B 548 18.30 -20.52 -40.49
N ASN B 549 18.36 -20.98 -41.74
CA ASN B 549 18.79 -22.35 -42.06
C ASN B 549 20.30 -22.57 -42.08
N VAL B 550 21.06 -21.53 -41.77
CA VAL B 550 22.51 -21.68 -41.65
C VAL B 550 22.92 -21.70 -40.17
N SER B 551 21.91 -21.71 -39.31
CA SER B 551 22.10 -21.78 -37.87
C SER B 551 21.83 -23.21 -37.43
N GLY B 552 22.56 -23.70 -36.43
CA GLY B 552 22.42 -25.07 -35.98
C GLY B 552 21.01 -25.44 -35.56
N PHE B 553 20.45 -24.62 -34.67
CA PHE B 553 19.07 -24.70 -34.23
C PHE B 553 18.09 -24.69 -35.40
N GLY B 554 18.25 -23.72 -36.30
CA GLY B 554 17.36 -23.62 -37.45
C GLY B 554 17.36 -24.88 -38.32
N SER B 555 18.54 -25.46 -38.54
CA SER B 555 18.67 -26.69 -39.31
C SER B 555 18.09 -27.83 -38.50
N TYR B 556 18.57 -27.96 -37.26
CA TYR B 556 18.06 -28.98 -36.35
C TYR B 556 16.53 -28.98 -36.28
N MET B 557 15.91 -27.82 -36.51
CA MET B 557 14.47 -27.74 -36.42
C MET B 557 13.84 -28.03 -37.78
N GLU B 558 14.53 -27.66 -38.85
CA GLU B 558 14.10 -27.97 -40.21
C GLU B 558 13.87 -29.47 -40.36
N ASP B 559 14.55 -30.26 -39.53
CA ASP B 559 14.46 -31.72 -39.56
C ASP B 559 13.23 -32.27 -38.86
N LEU B 560 12.79 -31.61 -37.80
CA LEU B 560 11.72 -32.12 -36.94
C LEU B 560 10.32 -31.75 -37.43
N ILE B 561 10.23 -30.67 -38.18
CA ILE B 561 8.94 -30.20 -38.70
C ILE B 561 9.14 -29.67 -40.12
N GLU B 562 8.29 -30.08 -41.04
CA GLU B 562 8.41 -29.60 -42.41
C GLU B 562 7.95 -28.14 -42.48
N THR B 563 8.79 -27.30 -43.08
CA THR B 563 8.67 -25.82 -42.98
C THR B 563 7.24 -25.27 -43.03
N ASN B 564 6.33 -26.00 -43.69
CA ASN B 564 4.92 -25.67 -43.64
C ASN B 564 4.45 -25.51 -42.18
N GLN B 565 4.57 -26.59 -41.41
CA GLN B 565 4.08 -26.59 -40.03
C GLN B 565 4.93 -25.78 -39.05
N ALA B 566 6.20 -25.55 -39.38
CA ALA B 566 7.11 -24.83 -38.48
C ALA B 566 6.64 -23.42 -38.13
N LYS B 567 5.97 -22.75 -39.06
CA LYS B 567 5.36 -21.44 -38.80
C LYS B 567 4.36 -21.54 -37.65
N ASP B 568 3.57 -22.61 -37.65
CA ASP B 568 2.50 -22.78 -36.66
C ASP B 568 3.00 -23.11 -35.26
N TYR B 569 4.19 -23.70 -35.16
CA TYR B 569 4.80 -23.99 -33.86
C TYR B 569 5.69 -22.83 -33.37
N GLY B 570 5.56 -21.69 -34.03
CA GLY B 570 6.28 -20.50 -33.60
C GLY B 570 7.77 -20.54 -33.89
N ILE B 571 8.15 -21.38 -34.85
CA ILE B 571 9.52 -21.35 -35.34
C ILE B 571 9.60 -20.95 -36.82
N TYR B 572 10.02 -19.71 -37.04
CA TYR B 572 10.16 -19.13 -38.37
C TYR B 572 11.61 -19.28 -38.86
N ILE B 573 11.77 -19.83 -40.06
CA ILE B 573 13.08 -20.04 -40.62
C ILE B 573 13.26 -19.26 -41.92
N VAL B 574 14.24 -18.37 -41.94
CA VAL B 574 14.53 -17.59 -43.13
C VAL B 574 15.58 -18.33 -43.98
N ASP B 575 15.36 -18.35 -45.30
CA ASP B 575 16.24 -19.05 -46.25
C ASP B 575 17.45 -18.20 -46.66
N ARG B 576 18.55 -18.36 -45.93
CA ARG B 576 19.81 -17.64 -46.21
C ARG B 576 20.82 -18.56 -46.91
N ARG B 577 20.35 -19.33 -47.89
CA ARG B 577 21.20 -20.29 -48.57
C ARG B 577 20.83 -20.43 -50.05
N PHE B 578 19.56 -20.70 -50.32
CA PHE B 578 19.05 -20.87 -51.68
C PHE B 578 18.32 -19.62 -52.18
N LYS B 579 18.60 -18.49 -51.53
CA LYS B 579 18.04 -17.22 -51.93
C LYS B 579 19.12 -16.16 -51.87
N ALA B 580 18.96 -15.12 -52.68
CA ALA B 580 19.87 -13.97 -52.68
C ALA B 580 19.67 -13.17 -51.39
N PRO B 581 20.71 -12.43 -50.96
CA PRO B 581 20.61 -11.61 -49.75
C PRO B 581 19.31 -10.83 -49.66
N ASP B 582 18.84 -10.30 -50.79
CA ASP B 582 17.63 -9.49 -50.79
C ASP B 582 16.32 -10.27 -50.80
N GLU B 583 16.33 -11.48 -51.33
CA GLU B 583 15.15 -12.31 -51.27
C GLU B 583 14.91 -12.74 -49.81
N SER B 584 16.02 -12.79 -49.06
CA SER B 584 16.02 -13.16 -47.65
C SER B 584 15.42 -12.05 -46.78
N VAL B 585 16.03 -10.88 -46.83
CA VAL B 585 15.51 -9.72 -46.13
C VAL B 585 14.02 -9.61 -46.41
N GLU B 586 13.65 -9.83 -47.67
CA GLU B 586 12.25 -9.79 -48.06
C GLU B 586 11.41 -10.88 -47.40
N GLN B 587 12.04 -12.00 -47.10
CA GLN B 587 11.34 -13.09 -46.44
C GLN B 587 11.16 -12.77 -44.96
N LEU B 588 12.23 -12.29 -44.34
CA LEU B 588 12.18 -11.87 -42.96
C LEU B 588 10.98 -10.94 -42.79
N VAL B 589 10.97 -9.85 -43.55
CA VAL B 589 9.87 -8.90 -43.53
C VAL B 589 8.51 -9.57 -43.76
N ASP B 590 8.46 -10.55 -44.66
CA ASP B 590 7.22 -11.30 -44.87
C ASP B 590 6.76 -11.87 -43.53
N TYR B 591 7.69 -12.49 -42.81
CA TYR B 591 7.39 -13.11 -41.54
C TYR B 591 6.87 -12.10 -40.52
N MET B 592 7.64 -11.04 -40.30
CA MET B 592 7.24 -10.02 -39.34
C MET B 592 5.83 -9.49 -39.59
N GLU B 593 5.46 -9.29 -40.85
CA GLU B 593 4.12 -8.82 -41.17
C GLU B 593 3.04 -9.88 -40.89
N GLU B 594 3.31 -11.13 -41.25
CA GLU B 594 2.37 -12.19 -40.97
C GLU B 594 2.12 -12.25 -39.47
N PHE B 595 3.17 -12.02 -38.68
CA PHE B 595 3.06 -12.01 -37.23
C PHE B 595 2.18 -10.86 -36.78
N VAL B 596 2.63 -9.64 -37.10
CA VAL B 596 1.94 -8.42 -36.73
C VAL B 596 0.44 -8.44 -37.09
N LYS B 597 0.06 -9.27 -38.05
CA LYS B 597 -1.34 -9.36 -38.44
C LYS B 597 -2.15 -10.21 -37.46
N LYS B 598 -1.45 -10.89 -36.55
CA LYS B 598 -2.09 -11.80 -35.62
C LYS B 598 -2.98 -11.08 -34.60
N THR B 599 -4.09 -11.71 -34.24
CA THR B 599 -4.90 -11.29 -33.12
C THR B 599 -4.23 -11.78 -31.84
N ARG B 600 -4.54 -11.15 -30.72
CA ARG B 600 -4.04 -11.64 -29.42
C ARG B 600 -4.39 -13.11 -29.19
N ARG B 601 -5.62 -13.50 -29.51
CA ARG B 601 -6.03 -14.87 -29.31
C ARG B 601 -5.15 -15.85 -30.08
N GLN B 602 -4.64 -15.40 -31.23
CA GLN B 602 -3.76 -16.24 -32.04
C GLN B 602 -2.32 -16.25 -31.52
N ARG B 603 -1.88 -15.13 -30.95
CA ARG B 603 -0.54 -15.08 -30.35
C ARG B 603 -0.51 -16.04 -29.17
N ILE B 604 -1.57 -16.04 -28.37
CA ILE B 604 -1.68 -16.93 -27.22
C ILE B 604 -1.65 -18.39 -27.65
N ASN B 605 -2.50 -18.76 -28.62
CA ASN B 605 -2.46 -20.11 -29.22
C ASN B 605 -1.05 -20.49 -29.64
N GLN B 606 -0.45 -19.64 -30.46
CA GLN B 606 0.88 -19.89 -30.99
C GLN B 606 1.89 -20.12 -29.87
N ARG B 607 1.91 -19.23 -28.88
CA ARG B 607 2.84 -19.38 -27.76
C ARG B 607 2.69 -20.72 -27.05
N ASN B 608 1.47 -21.23 -26.99
CA ASN B 608 1.25 -22.53 -26.39
C ASN B 608 1.98 -23.61 -27.17
N ALA B 609 1.81 -23.55 -28.48
CA ALA B 609 2.47 -24.48 -29.39
C ALA B 609 3.99 -24.45 -29.23
N THR B 610 4.59 -23.27 -29.37
CA THR B 610 6.05 -23.18 -29.24
C THR B 610 6.55 -23.68 -27.89
N GLU B 611 5.78 -23.48 -26.83
CA GLU B 611 6.16 -23.96 -25.49
C GLU B 611 6.12 -25.49 -25.38
N ALA B 612 5.23 -26.11 -26.14
CA ALA B 612 5.13 -27.56 -26.20
C ALA B 612 6.40 -28.20 -26.78
N LEU B 613 7.15 -27.42 -27.56
CA LEU B 613 8.41 -27.88 -28.14
C LEU B 613 9.54 -27.98 -27.13
N SER B 614 9.27 -27.66 -25.87
CA SER B 614 10.31 -27.59 -24.85
C SER B 614 11.02 -28.92 -24.57
N ASP B 615 10.24 -29.99 -24.46
CA ASP B 615 10.82 -31.30 -24.13
C ASP B 615 11.88 -31.74 -25.14
N LEU B 616 11.84 -31.14 -26.33
CA LEU B 616 12.78 -31.51 -27.40
C LEU B 616 14.13 -30.83 -27.25
N LEU B 617 14.24 -29.90 -26.31
CA LEU B 617 15.49 -29.16 -26.14
C LEU B 617 16.05 -29.32 -24.73
N ASP B 618 15.38 -30.16 -23.94
CA ASP B 618 15.80 -30.43 -22.57
C ASP B 618 17.05 -31.31 -22.56
N TRP B 619 17.93 -31.11 -21.57
CA TRP B 619 19.11 -31.97 -21.45
C TRP B 619 18.69 -33.41 -21.15
N LYS B 620 17.47 -33.59 -20.68
CA LYS B 620 16.98 -34.94 -20.41
C LYS B 620 16.94 -35.77 -21.68
N ARG B 621 16.84 -35.10 -22.82
CA ARG B 621 16.83 -35.78 -24.11
C ARG B 621 18.13 -35.56 -24.90
N MET B 622 18.72 -34.36 -24.79
CA MET B 622 19.97 -34.04 -25.48
C MET B 622 21.16 -34.75 -24.86
N GLY B 623 21.08 -35.07 -23.58
CA GLY B 623 22.20 -35.63 -22.86
C GLY B 623 22.43 -37.09 -23.21
N LEU B 624 21.48 -37.68 -23.92
CA LEU B 624 21.66 -39.03 -24.42
C LEU B 624 22.80 -39.07 -25.45
N GLU B 625 22.86 -38.06 -26.32
CA GLU B 625 23.95 -37.93 -27.27
C GLU B 625 25.31 -37.92 -26.56
N TYR B 626 25.39 -37.28 -25.41
CA TYR B 626 26.64 -37.26 -24.67
C TYR B 626 27.04 -38.66 -24.20
N VAL B 627 26.05 -39.48 -23.86
CA VAL B 627 26.32 -40.84 -23.38
C VAL B 627 26.87 -41.69 -24.53
N LYS B 628 26.29 -41.55 -25.71
CA LYS B 628 26.79 -42.17 -26.92
C LYS B 628 28.24 -41.77 -27.21
N ALA B 629 28.55 -40.49 -27.09
CA ALA B 629 29.92 -40.02 -27.32
C ALA B 629 30.90 -40.66 -26.35
N ARG B 630 30.49 -40.88 -25.11
CA ARG B 630 31.40 -41.48 -24.14
C ARG B 630 31.57 -42.99 -24.33
N GLN B 631 30.52 -43.67 -24.78
CA GLN B 631 30.62 -45.10 -25.10
C GLN B 631 31.57 -45.33 -26.28
N LEU B 632 31.42 -44.53 -27.33
CA LEU B 632 32.29 -44.63 -28.50
C LEU B 632 33.76 -44.46 -28.15
N ALA B 633 34.03 -43.67 -27.11
CA ALA B 633 35.40 -43.45 -26.66
C ALA B 633 35.95 -44.68 -25.93
N LEU B 634 35.10 -45.30 -25.11
CA LEU B 634 35.47 -46.53 -24.42
C LEU B 634 35.60 -47.72 -25.41
N ARG B 635 34.64 -47.85 -26.33
CA ARG B 635 34.73 -48.83 -27.41
C ARG B 635 35.99 -48.68 -28.26
N ARG B 636 36.41 -47.46 -28.53
CA ARG B 636 37.63 -47.24 -29.29
C ARG B 636 38.90 -47.44 -28.46
N GLY B 637 38.89 -46.93 -27.23
CA GLY B 637 40.04 -47.04 -26.36
C GLY B 637 40.35 -48.43 -25.85
N TYR B 638 39.32 -49.27 -25.70
CA TYR B 638 39.52 -50.61 -25.16
C TYR B 638 38.67 -51.66 -25.90
N PRO B 639 39.02 -51.94 -27.17
CA PRO B 639 38.22 -52.81 -28.03
C PRO B 639 38.04 -54.23 -27.49
N ASP B 640 39.06 -54.78 -26.83
CA ASP B 640 38.98 -56.16 -26.32
C ASP B 640 38.01 -56.28 -25.15
N GLN B 641 38.20 -55.43 -24.14
CA GLN B 641 37.35 -55.45 -22.96
C GLN B 641 35.91 -55.12 -23.31
N PHE B 642 35.75 -54.14 -24.21
CA PHE B 642 34.42 -53.78 -24.68
C PHE B 642 33.79 -54.96 -25.39
N ARG B 643 34.58 -55.66 -26.21
CA ARG B 643 34.09 -56.85 -26.91
C ARG B 643 33.63 -57.92 -25.93
N GLU B 644 34.44 -58.22 -24.93
CA GLU B 644 34.11 -59.29 -23.98
C GLU B 644 32.95 -58.87 -23.10
N LEU B 645 32.55 -57.61 -23.18
CA LEU B 645 31.47 -57.09 -22.36
C LEU B 645 30.13 -57.27 -23.06
N VAL B 646 30.14 -57.24 -24.39
CA VAL B 646 28.90 -57.31 -25.16
C VAL B 646 28.86 -58.55 -26.05
N GLY B 647 30.02 -59.15 -26.27
CA GLY B 647 30.09 -60.41 -27.00
C GLY B 647 30.12 -60.28 -28.51
N GLU B 648 30.45 -59.08 -29.01
CA GLU B 648 30.62 -58.90 -30.44
C GLU B 648 31.46 -57.69 -30.79
N GLU B 649 31.98 -57.66 -32.01
CA GLU B 649 32.72 -56.52 -32.53
C GLU B 649 31.74 -55.46 -33.04
N LEU B 650 31.39 -54.54 -32.16
CA LEU B 650 30.42 -53.50 -32.51
C LEU B 650 31.04 -52.41 -33.36
N ASN B 651 30.26 -51.96 -34.33
CA ASN B 651 30.65 -50.95 -35.32
C ASN B 651 31.12 -49.67 -34.62
N ASP B 652 32.37 -49.28 -34.83
CA ASP B 652 32.94 -48.13 -34.11
C ASP B 652 33.09 -46.89 -34.98
N SER B 653 32.51 -46.89 -36.18
CA SER B 653 32.74 -45.78 -37.08
C SER B 653 32.01 -44.49 -36.67
N ASN B 654 31.07 -44.62 -35.74
CA ASN B 654 30.14 -43.54 -35.38
C ASN B 654 29.72 -43.60 -33.94
N MET B 655 29.00 -42.56 -33.54
CA MET B 655 28.22 -42.62 -32.33
C MET B 655 26.97 -43.44 -32.63
N ASP B 656 26.32 -43.13 -33.75
CA ASP B 656 25.08 -43.81 -34.16
C ASP B 656 25.30 -45.26 -34.57
N ALA B 657 26.43 -45.54 -35.21
CA ALA B 657 26.74 -46.89 -35.65
C ALA B 657 26.90 -47.86 -34.47
N LEU B 658 27.41 -47.36 -33.34
CA LEU B 658 27.58 -48.18 -32.15
C LEU B 658 26.23 -48.58 -31.51
N ALA B 659 25.19 -47.77 -31.76
CA ALA B 659 23.79 -48.13 -31.48
C ALA B 659 22.81 -47.00 -31.84
N SER C 22 -5.32 73.56 -0.42
CA SER C 22 -6.41 72.68 -0.04
C SER C 22 -6.45 71.38 -0.85
N ARG C 23 -5.63 70.41 -0.43
CA ARG C 23 -5.74 69.05 -0.93
C ARG C 23 -5.97 68.14 0.28
N ASP C 24 -6.83 67.13 0.13
CA ASP C 24 -7.22 66.27 1.24
C ASP C 24 -6.05 65.35 1.64
N LEU C 25 -5.65 65.42 2.90
CA LEU C 25 -4.51 64.64 3.37
C LEU C 25 -4.90 63.23 3.85
N GLN C 26 -6.05 63.11 4.51
CA GLN C 26 -6.48 61.81 5.02
C GLN C 26 -6.95 60.92 3.88
N ASN C 27 -7.65 61.50 2.93
CA ASN C 27 -8.11 60.79 1.76
C ASN C 27 -7.21 61.10 0.56
N HIS C 28 -6.07 60.41 0.48
CA HIS C 28 -5.04 60.71 -0.52
C HIS C 28 -4.74 59.54 -1.49
N LEU C 29 -4.11 59.84 -2.61
CA LEU C 29 -3.78 58.82 -3.61
C LEU C 29 -2.37 58.29 -3.43
N LEU C 30 -2.20 56.99 -3.66
CA LEU C 30 -0.90 56.35 -3.53
C LEU C 30 -0.44 55.71 -4.84
N PHE C 31 0.77 56.06 -5.27
CA PHE C 31 1.36 55.51 -6.49
C PHE C 31 2.72 54.89 -6.20
N GLU C 32 2.82 53.57 -6.28
CA GLU C 32 4.11 52.90 -6.06
C GLU C 32 4.83 52.59 -7.38
N THR C 33 6.14 52.79 -7.43
CA THR C 33 6.89 52.66 -8.67
C THR C 33 8.20 51.88 -8.50
N ALA C 34 8.37 50.85 -9.31
CA ALA C 34 9.59 50.06 -9.29
C ALA C 34 9.80 49.43 -10.66
N THR C 35 11.05 49.10 -10.98
CA THR C 35 11.34 48.40 -12.23
C THR C 35 10.72 47.01 -12.22
N GLU C 36 10.68 46.38 -11.04
CA GLU C 36 10.30 44.98 -10.93
C GLU C 36 8.81 44.77 -10.70
N VAL C 37 7.95 45.51 -11.41
CA VAL C 37 6.52 45.34 -11.24
C VAL C 37 6.02 44.06 -11.91
N ALA C 38 5.58 44.16 -13.16
CA ALA C 38 5.02 42.97 -13.84
C ALA C 38 6.10 42.12 -14.52
N ASN C 39 7.16 41.79 -13.77
CA ASN C 39 8.27 40.99 -14.28
C ASN C 39 9.37 40.77 -13.24
N ARG C 40 9.40 39.58 -12.66
CA ARG C 40 10.40 39.25 -11.65
C ARG C 40 11.81 39.46 -12.18
N VAL C 41 12.56 40.33 -11.52
CA VAL C 41 13.94 40.61 -11.92
C VAL C 41 14.85 40.61 -10.69
N GLY C 42 14.24 40.82 -9.52
CA GLY C 42 14.97 40.87 -8.27
C GLY C 42 14.05 40.64 -7.10
N GLY C 43 14.58 40.81 -5.89
CA GLY C 43 13.80 40.61 -4.69
C GLY C 43 12.71 41.65 -4.53
N ILE C 44 12.88 42.79 -5.19
CA ILE C 44 11.88 43.85 -5.12
C ILE C 44 10.51 43.33 -5.52
N TYR C 45 10.49 42.45 -6.53
CA TYR C 45 9.26 41.80 -6.97
C TYR C 45 8.51 41.17 -5.79
N SER C 46 9.22 40.38 -4.99
CA SER C 46 8.63 39.74 -3.81
C SER C 46 7.98 40.77 -2.93
N VAL C 47 8.76 41.80 -2.59
CA VAL C 47 8.34 42.82 -1.65
C VAL C 47 7.08 43.51 -2.15
N LEU C 48 7.14 44.03 -3.36
CA LEU C 48 5.96 44.68 -3.93
C LEU C 48 4.74 43.75 -3.90
N LYS C 49 4.95 42.48 -4.24
CA LYS C 49 3.87 41.50 -4.32
C LYS C 49 3.31 41.02 -2.97
N SER C 50 4.18 40.68 -2.04
CA SER C 50 3.71 40.18 -0.75
C SER C 50 3.05 41.28 0.06
N LYS C 51 3.42 42.53 -0.25
CA LYS C 51 2.89 43.69 0.46
C LYS C 51 1.57 44.17 -0.12
N ALA C 52 1.27 43.72 -1.34
CA ALA C 52 0.07 44.18 -2.03
C ALA C 52 -1.25 44.00 -1.27
N PRO C 53 -1.42 42.89 -0.55
CA PRO C 53 -2.68 42.71 0.18
C PRO C 53 -2.91 43.77 1.25
N ILE C 54 -1.92 44.01 2.11
CA ILE C 54 -2.06 44.98 3.21
C ILE C 54 -2.13 46.44 2.76
N THR C 55 -1.59 46.76 1.59
CA THR C 55 -1.71 48.12 1.07
C THR C 55 -3.00 48.33 0.26
N VAL C 56 -3.50 47.28 -0.39
CA VAL C 56 -4.79 47.39 -1.08
C VAL C 56 -5.91 47.49 -0.06
N ALA C 57 -5.73 46.85 1.09
CA ALA C 57 -6.69 46.94 2.19
C ALA C 57 -6.92 48.40 2.60
N GLN C 58 -5.84 49.14 2.79
CA GLN C 58 -5.92 50.51 3.30
C GLN C 58 -6.39 51.51 2.25
N TYR C 59 -5.94 51.32 1.01
CA TYR C 59 -6.18 52.30 -0.02
C TYR C 59 -7.35 52.00 -0.95
N LYS C 60 -7.63 50.71 -1.15
CA LYS C 60 -8.67 50.28 -2.10
C LYS C 60 -8.38 50.77 -3.53
N ASP C 61 -9.36 51.44 -4.11
CA ASP C 61 -9.28 51.96 -5.48
C ASP C 61 -8.28 53.11 -5.61
N HIS C 62 -7.79 53.59 -4.47
CA HIS C 62 -6.87 54.72 -4.46
C HIS C 62 -5.41 54.30 -4.60
N TYR C 63 -5.15 53.14 -5.20
CA TYR C 63 -3.79 52.61 -5.24
C TYR C 63 -3.41 51.94 -6.57
N HIS C 64 -2.28 52.37 -7.13
CA HIS C 64 -1.76 51.81 -8.36
C HIS C 64 -0.25 51.56 -8.26
N LEU C 65 0.23 50.51 -8.91
CA LEU C 65 1.66 50.35 -9.12
C LEU C 65 2.02 50.72 -10.56
N ILE C 66 3.28 51.09 -10.75
CA ILE C 66 3.76 51.60 -12.03
C ILE C 66 5.10 50.96 -12.33
N GLY C 67 5.28 50.50 -13.56
CA GLY C 67 6.52 49.83 -13.93
C GLY C 67 6.84 49.89 -15.41
N PRO C 68 8.02 49.38 -15.80
CA PRO C 68 8.38 49.32 -17.22
C PRO C 68 7.70 48.11 -17.85
N LEU C 69 7.00 48.33 -18.98
CA LEU C 69 6.25 47.25 -19.65
C LEU C 69 7.13 46.19 -20.30
N ASN C 70 7.24 45.03 -19.64
CA ASN C 70 7.89 43.87 -20.24
C ASN C 70 6.90 43.18 -21.18
N LYS C 71 6.95 43.59 -22.44
CA LYS C 71 5.97 43.15 -23.45
C LYS C 71 6.00 41.62 -23.66
N ALA C 72 7.00 40.97 -23.07
CA ALA C 72 7.08 39.52 -23.08
C ALA C 72 6.17 38.93 -22.00
N THR C 73 6.72 38.73 -20.81
CA THR C 73 6.05 37.98 -19.74
C THR C 73 4.87 38.69 -19.09
N TYR C 74 4.46 39.83 -19.64
CA TYR C 74 3.44 40.66 -18.98
C TYR C 74 2.02 40.13 -19.14
N GLN C 75 1.84 39.04 -19.86
CA GLN C 75 0.50 38.49 -20.07
C GLN C 75 0.20 37.32 -19.15
N ASN C 76 1.25 36.69 -18.65
CA ASN C 76 1.13 35.54 -17.77
C ASN C 76 0.71 35.97 -16.36
N GLU C 77 1.13 37.16 -15.97
CA GLU C 77 0.86 37.69 -14.63
C GLU C 77 -0.22 38.76 -14.64
N VAL C 78 -0.15 39.66 -15.62
CA VAL C 78 -1.07 40.79 -15.64
C VAL C 78 -2.36 40.51 -16.38
N ASP C 79 -3.46 40.79 -15.71
CA ASP C 79 -4.79 40.72 -16.28
C ASP C 79 -5.08 42.07 -16.93
N ILE C 80 -5.36 42.06 -18.23
CA ILE C 80 -5.60 43.32 -18.96
C ILE C 80 -7.02 43.86 -18.72
N LEU C 81 -7.16 45.19 -18.76
CA LEU C 81 -8.43 45.85 -18.47
C LEU C 81 -8.82 46.97 -19.45
N ASP C 82 -10.12 47.25 -19.48
CA ASP C 82 -10.69 48.27 -20.36
C ASP C 82 -10.65 49.64 -19.68
N TRP C 83 -9.58 50.39 -19.92
CA TRP C 83 -9.40 51.69 -19.24
C TRP C 83 -10.21 52.80 -19.88
N LYS C 84 -11.02 52.44 -20.88
CA LYS C 84 -11.89 53.41 -21.54
C LYS C 84 -13.33 53.38 -20.99
N LYS C 85 -13.80 52.20 -20.60
CA LYS C 85 -15.11 52.05 -19.98
C LYS C 85 -15.34 53.13 -18.92
N PRO C 86 -16.47 53.84 -19.01
CA PRO C 86 -16.78 54.86 -18.00
C PRO C 86 -16.86 54.26 -16.59
N GLU C 87 -17.32 53.02 -16.46
CA GLU C 87 -17.45 52.39 -15.15
C GLU C 87 -16.13 51.82 -14.64
N ALA C 88 -15.04 52.18 -15.30
CA ALA C 88 -13.72 51.70 -14.90
C ALA C 88 -13.14 52.51 -13.73
N PHE C 89 -13.89 53.51 -13.29
CA PHE C 89 -13.46 54.36 -12.18
C PHE C 89 -14.61 54.84 -11.31
N SER C 90 -14.27 55.31 -10.11
CA SER C 90 -15.22 55.99 -9.26
C SER C 90 -15.35 57.42 -9.78
N ASP C 91 -16.34 58.15 -9.30
CA ASP C 91 -16.53 59.52 -9.75
C ASP C 91 -15.42 60.46 -9.24
N GLU C 92 -14.78 60.08 -8.13
CA GLU C 92 -13.69 60.88 -7.59
C GLU C 92 -12.33 60.46 -8.17
N MET C 93 -12.27 59.26 -8.73
CA MET C 93 -11.04 58.78 -9.37
C MET C 93 -10.96 59.17 -10.84
N ARG C 94 -11.96 59.90 -11.32
CA ARG C 94 -12.01 60.38 -12.70
C ARG C 94 -10.67 60.92 -13.22
N PRO C 95 -10.04 61.83 -12.44
CA PRO C 95 -8.81 62.50 -12.89
C PRO C 95 -7.73 61.55 -13.40
N VAL C 96 -7.74 60.31 -12.91
CA VAL C 96 -6.73 59.34 -13.33
C VAL C 96 -7.04 58.81 -14.73
N GLN C 97 -8.29 58.93 -15.14
CA GLN C 97 -8.72 58.51 -16.46
C GLN C 97 -8.31 59.54 -17.51
N HIS C 98 -8.62 60.80 -17.24
CA HIS C 98 -8.32 61.90 -18.16
C HIS C 98 -6.81 62.08 -18.35
N ALA C 99 -6.03 61.82 -17.31
CA ALA C 99 -4.58 61.91 -17.40
C ALA C 99 -4.03 60.75 -18.20
N LEU C 100 -4.85 59.71 -18.36
CA LEU C 100 -4.46 58.56 -19.18
C LEU C 100 -4.82 58.77 -20.64
N GLN C 101 -6.06 59.21 -20.89
CA GLN C 101 -6.48 59.59 -22.24
C GLN C 101 -5.43 60.50 -22.83
N THR C 102 -5.08 61.53 -22.06
CA THR C 102 -4.05 62.51 -22.43
C THR C 102 -2.76 61.87 -22.90
N MET C 103 -2.26 60.92 -22.11
CA MET C 103 -0.99 60.26 -22.40
C MET C 103 -1.04 59.50 -23.73
N GLU C 104 -2.22 58.99 -24.11
CA GLU C 104 -2.35 58.29 -25.38
C GLU C 104 -2.57 59.25 -26.54
N SER C 105 -3.25 60.36 -26.26
CA SER C 105 -3.45 61.40 -27.27
C SER C 105 -2.13 62.09 -27.61
N ARG C 106 -1.18 62.01 -26.68
CA ARG C 106 0.16 62.59 -26.89
C ARG C 106 1.12 61.55 -27.47
N GLY C 107 0.61 60.36 -27.77
CA GLY C 107 1.38 59.33 -28.44
C GLY C 107 2.13 58.37 -27.54
N VAL C 108 1.58 58.12 -26.35
CA VAL C 108 2.21 57.22 -25.40
C VAL C 108 1.33 56.01 -25.07
N HIS C 109 1.67 54.86 -25.66
CA HIS C 109 0.94 53.61 -25.40
C HIS C 109 1.24 53.08 -24.00
N PHE C 110 0.28 52.39 -23.41
CA PHE C 110 0.45 51.82 -22.07
C PHE C 110 -0.57 50.74 -21.78
N VAL C 111 -0.31 49.96 -20.74
CA VAL C 111 -1.23 48.92 -20.29
C VAL C 111 -2.04 49.43 -19.11
N TYR C 112 -3.12 48.72 -18.80
CA TYR C 112 -3.84 48.92 -17.55
C TYR C 112 -4.39 47.55 -17.18
N GLY C 113 -4.72 47.34 -15.91
CA GLY C 113 -5.31 46.08 -15.50
C GLY C 113 -5.02 45.67 -14.07
N ARG C 114 -5.61 44.56 -13.65
CA ARG C 114 -5.33 43.98 -12.34
C ARG C 114 -4.09 43.13 -12.41
N TRP C 115 -3.33 43.10 -11.33
CA TRP C 115 -2.17 42.22 -11.24
C TRP C 115 -2.67 40.92 -10.63
N LEU C 116 -2.41 39.79 -11.30
CA LEU C 116 -2.94 38.51 -10.86
C LEU C 116 -2.20 37.93 -9.65
N ILE C 117 -2.20 38.69 -8.55
CA ILE C 117 -1.63 38.23 -7.29
C ILE C 117 -2.66 38.44 -6.18
N GLU C 118 -2.34 38.02 -4.96
CA GLU C 118 -3.28 38.21 -3.86
C GLU C 118 -3.56 39.69 -3.68
N GLY C 119 -4.83 40.01 -3.41
CA GLY C 119 -5.23 41.41 -3.27
C GLY C 119 -5.59 42.07 -4.59
N ALA C 120 -4.81 41.78 -5.63
CA ALA C 120 -5.08 42.25 -6.99
C ALA C 120 -5.23 43.77 -7.13
N PRO C 121 -4.09 44.49 -7.14
CA PRO C 121 -4.04 45.93 -7.27
C PRO C 121 -3.99 46.38 -8.73
N LYS C 122 -4.63 47.50 -9.05
CA LYS C 122 -4.56 48.04 -10.39
C LYS C 122 -3.12 48.39 -10.72
N VAL C 123 -2.81 48.55 -12.01
CA VAL C 123 -1.43 48.76 -12.43
C VAL C 123 -1.38 49.57 -13.73
N ILE C 124 -0.27 50.29 -13.93
CA ILE C 124 -0.09 51.08 -15.15
C ILE C 124 1.30 50.84 -15.75
N LEU C 125 1.42 49.79 -16.56
CA LEU C 125 2.70 49.46 -17.19
C LEU C 125 2.91 50.21 -18.49
N PHE C 126 3.63 51.33 -18.42
CA PHE C 126 3.90 52.15 -19.59
C PHE C 126 4.73 51.41 -20.64
N ASP C 127 4.32 51.55 -21.91
CA ASP C 127 5.07 51.03 -23.05
C ASP C 127 6.28 51.92 -23.31
N LEU C 128 7.48 51.42 -22.98
CA LEU C 128 8.69 52.23 -23.10
C LEU C 128 9.02 52.65 -24.53
N ASP C 129 8.88 51.73 -25.49
CA ASP C 129 9.26 51.98 -26.88
C ASP C 129 8.47 53.12 -27.52
N SER C 130 7.24 53.33 -27.07
CA SER C 130 6.34 54.31 -27.66
C SER C 130 6.73 55.74 -27.31
N VAL C 131 7.87 55.89 -26.66
CA VAL C 131 8.39 57.19 -26.27
C VAL C 131 9.91 57.23 -26.37
N ARG C 132 10.50 56.17 -26.93
CA ARG C 132 11.95 56.13 -27.11
C ARG C 132 12.40 57.13 -28.17
N GLY C 133 11.44 57.86 -28.74
CA GLY C 133 11.72 58.88 -29.72
C GLY C 133 12.10 60.22 -29.10
N TYR C 134 11.81 60.35 -27.81
CA TYR C 134 12.19 61.56 -27.09
C TYR C 134 13.53 61.38 -26.39
N SER C 135 14.10 60.19 -26.50
CA SER C 135 15.38 59.87 -25.85
C SER C 135 16.49 60.87 -26.14
N ASN C 136 16.34 61.64 -27.23
CA ASN C 136 17.29 62.71 -27.54
C ASN C 136 17.09 63.91 -26.63
N GLU C 137 15.85 64.38 -26.59
CA GLU C 137 15.49 65.54 -25.80
C GLU C 137 15.70 65.31 -24.31
N TRP C 138 15.51 64.07 -23.88
CA TRP C 138 15.47 63.74 -22.45
C TRP C 138 16.84 63.45 -21.80
N LYS C 139 17.68 62.65 -22.46
CA LYS C 139 19.03 62.43 -21.95
C LYS C 139 19.77 63.77 -21.84
N GLY C 140 19.33 64.72 -22.65
CA GLY C 140 19.98 66.02 -22.74
C GLY C 140 19.41 67.03 -21.77
N ASP C 141 18.10 66.92 -21.49
CA ASP C 141 17.47 67.75 -20.47
C ASP C 141 17.96 67.29 -19.10
N LEU C 142 18.27 66.00 -19.00
CA LEU C 142 18.74 65.40 -17.76
C LEU C 142 20.11 65.95 -17.33
N TRP C 143 20.99 66.24 -18.28
CA TRP C 143 22.30 66.78 -17.94
C TRP C 143 22.24 68.26 -17.53
N SER C 144 21.59 69.07 -18.34
CA SER C 144 21.50 70.50 -18.05
C SER C 144 20.45 70.85 -16.99
N LEU C 145 19.94 69.85 -16.28
CA LEU C 145 18.99 70.06 -15.18
C LEU C 145 19.47 69.50 -13.85
N VAL C 146 20.17 68.36 -13.91
CA VAL C 146 20.55 67.65 -12.70
C VAL C 146 22.03 67.32 -12.68
N GLY C 147 22.57 66.91 -13.83
CA GLY C 147 23.99 66.67 -13.96
C GLY C 147 24.36 65.23 -14.23
N ILE C 148 23.46 64.50 -14.89
CA ILE C 148 23.63 63.06 -15.05
C ILE C 148 23.96 62.63 -16.48
N PRO C 149 25.15 62.04 -16.66
CA PRO C 149 25.63 61.52 -17.95
C PRO C 149 24.96 60.20 -18.29
N SER C 150 24.64 60.01 -19.57
CA SER C 150 23.98 58.78 -20.03
C SER C 150 24.55 58.25 -21.34
N PRO C 151 25.63 57.45 -21.27
CA PRO C 151 26.18 56.78 -22.45
C PRO C 151 25.10 56.02 -23.19
N GLU C 152 25.26 55.82 -24.51
CA GLU C 152 24.26 55.11 -25.30
C GLU C 152 24.30 53.60 -25.06
N ASN C 153 25.50 53.06 -24.87
CA ASN C 153 25.70 51.63 -24.72
C ASN C 153 25.10 51.02 -23.46
N ASP C 154 24.41 51.84 -22.66
CA ASP C 154 23.75 51.35 -21.46
C ASP C 154 22.22 51.37 -21.63
N PHE C 155 21.66 50.20 -21.85
CA PHE C 155 20.24 50.06 -22.11
C PHE C 155 19.44 50.18 -20.82
N GLU C 156 19.90 49.48 -19.78
CA GLU C 156 19.25 49.55 -18.47
C GLU C 156 19.13 51.02 -18.03
N THR C 157 20.19 51.79 -18.28
CA THR C 157 20.22 53.19 -17.87
C THR C 157 19.39 54.09 -18.79
N ASN C 158 19.22 53.67 -20.04
CA ASN C 158 18.33 54.38 -20.95
C ASN C 158 16.87 54.21 -20.57
N ASP C 159 16.45 52.96 -20.42
CA ASP C 159 15.09 52.64 -20.01
C ASP C 159 14.73 53.38 -18.73
N ALA C 160 15.68 53.43 -17.79
CA ALA C 160 15.47 54.09 -16.50
C ALA C 160 15.07 55.56 -16.68
N ILE C 161 15.60 56.19 -17.72
CA ILE C 161 15.29 57.60 -17.99
C ILE C 161 13.92 57.73 -18.65
N LEU C 162 13.66 56.89 -19.65
CA LEU C 162 12.36 56.85 -20.29
C LEU C 162 11.27 56.60 -19.26
N LEU C 163 11.56 55.67 -18.34
CA LEU C 163 10.65 55.35 -17.25
C LEU C 163 10.36 56.60 -16.42
N GLY C 164 11.41 57.28 -16.01
CA GLY C 164 11.29 58.43 -15.12
C GLY C 164 10.66 59.67 -15.73
N TYR C 165 10.89 59.88 -17.02
CA TYR C 165 10.32 61.03 -17.72
C TYR C 165 8.87 60.80 -18.11
N THR C 166 8.50 59.55 -18.33
CA THR C 166 7.12 59.19 -18.62
C THR C 166 6.31 59.27 -17.32
N VAL C 167 6.94 58.88 -16.22
CA VAL C 167 6.29 58.90 -14.91
C VAL C 167 6.10 60.34 -14.42
N ALA C 168 7.15 61.15 -14.50
CA ALA C 168 7.04 62.56 -14.16
C ALA C 168 5.98 63.23 -15.04
N TRP C 169 5.97 62.89 -16.33
CA TRP C 169 4.97 63.37 -17.27
C TRP C 169 3.57 63.03 -16.77
N PHE C 170 3.42 61.81 -16.25
CA PHE C 170 2.12 61.31 -15.83
C PHE C 170 1.64 61.93 -14.52
N LEU C 171 2.55 62.02 -13.54
CA LEU C 171 2.22 62.60 -12.24
C LEU C 171 2.01 64.10 -12.35
N GLY C 172 2.45 64.68 -13.46
CA GLY C 172 2.24 66.09 -13.72
C GLY C 172 0.82 66.36 -14.17
N GLU C 173 0.28 65.42 -14.96
CA GLU C 173 -1.08 65.52 -15.45
C GLU C 173 -2.09 65.16 -14.37
N VAL C 174 -1.75 64.17 -13.56
CA VAL C 174 -2.60 63.79 -12.45
C VAL C 174 -2.71 64.97 -11.49
N ALA C 175 -1.61 65.70 -11.33
CA ALA C 175 -1.60 66.88 -10.47
C ALA C 175 -2.41 68.03 -11.07
N HIS C 176 -2.47 68.08 -12.40
CA HIS C 176 -3.13 69.18 -13.11
C HIS C 176 -4.63 68.98 -13.27
N LEU C 177 -5.07 67.72 -13.32
CA LEU C 177 -6.49 67.41 -13.54
C LEU C 177 -7.23 67.08 -12.25
N ASP C 178 -6.51 66.49 -11.30
CA ASP C 178 -7.07 66.13 -10.01
C ASP C 178 -6.95 67.28 -9.01
N SER C 179 -8.07 67.66 -8.39
CA SER C 179 -8.07 68.77 -7.45
C SER C 179 -8.38 68.37 -6.01
N GLN C 180 -8.82 67.13 -5.80
CA GLN C 180 -9.32 66.73 -4.49
C GLN C 180 -8.29 66.07 -3.57
N HIS C 181 -7.34 65.32 -4.15
CA HIS C 181 -6.47 64.47 -3.33
C HIS C 181 -5.04 64.95 -3.21
N ALA C 182 -4.42 64.57 -2.10
CA ALA C 182 -2.97 64.68 -1.97
C ALA C 182 -2.40 63.45 -2.66
N ILE C 183 -1.20 63.58 -3.21
CA ILE C 183 -0.65 62.55 -4.07
C ILE C 183 0.73 62.08 -3.61
N VAL C 184 0.80 60.87 -3.07
CA VAL C 184 2.08 60.27 -2.67
C VAL C 184 2.63 59.36 -3.75
N ALA C 185 3.89 59.59 -4.12
CA ALA C 185 4.54 58.77 -5.14
C ALA C 185 5.78 58.10 -4.57
N HIS C 186 5.68 56.80 -4.35
CA HIS C 186 6.77 56.02 -3.76
C HIS C 186 7.65 55.44 -4.86
N PHE C 187 8.97 55.49 -4.64
CA PHE C 187 9.92 54.97 -5.61
C PHE C 187 10.85 53.95 -4.98
N HIS C 188 11.11 52.85 -5.69
CA HIS C 188 11.98 51.80 -5.20
C HIS C 188 13.21 51.63 -6.11
N GLU C 189 14.39 51.69 -5.52
CA GLU C 189 15.63 51.54 -6.27
C GLU C 189 15.90 52.76 -7.13
N TRP C 190 17.05 52.76 -7.82
CA TRP C 190 17.42 53.87 -8.68
C TRP C 190 16.90 53.68 -10.11
N LEU C 191 16.66 52.43 -10.47
CA LEU C 191 16.16 52.10 -11.80
C LEU C 191 14.78 52.71 -12.04
N ALA C 192 14.13 53.12 -10.96
CA ALA C 192 12.82 53.71 -11.04
C ALA C 192 12.85 55.18 -10.63
N GLY C 193 14.03 55.64 -10.22
CA GLY C 193 14.14 56.94 -9.56
C GLY C 193 14.63 58.13 -10.37
N VAL C 194 14.29 58.18 -11.64
CA VAL C 194 14.65 59.34 -12.45
C VAL C 194 13.52 60.37 -12.40
N ALA C 195 12.37 59.93 -11.91
CA ALA C 195 11.24 60.83 -11.72
C ALA C 195 11.47 61.72 -10.50
N LEU C 196 12.36 61.29 -9.62
CA LEU C 196 12.58 61.99 -8.35
C LEU C 196 13.20 63.38 -8.49
N PRO C 197 14.40 63.48 -9.09
CA PRO C 197 14.96 64.79 -9.43
C PRO C 197 14.00 65.65 -10.27
N LEU C 198 13.25 65.02 -11.15
CA LEU C 198 12.32 65.76 -12.00
C LEU C 198 11.21 66.40 -11.18
N CYS C 199 10.64 65.64 -10.25
CA CYS C 199 9.51 66.13 -9.47
C CYS C 199 9.87 67.34 -8.62
N ARG C 200 11.07 67.34 -8.07
CA ARG C 200 11.48 68.43 -7.18
C ARG C 200 11.73 69.71 -7.96
N LYS C 201 12.40 69.59 -9.10
CA LYS C 201 12.75 70.75 -9.93
C LYS C 201 11.56 71.34 -10.68
N ARG C 202 10.56 70.53 -10.96
CA ARG C 202 9.36 71.01 -11.65
C ARG C 202 8.29 71.35 -10.64
N ARG C 203 8.60 71.14 -9.36
CA ARG C 203 7.62 71.31 -8.29
C ARG C 203 6.23 70.80 -8.66
N ILE C 204 6.18 69.61 -9.26
CA ILE C 204 4.92 68.93 -9.49
C ILE C 204 4.26 68.76 -8.14
N ASP C 205 2.98 69.09 -8.03
CA ASP C 205 2.31 69.05 -6.72
C ASP C 205 2.12 67.61 -6.23
N VAL C 206 3.19 67.04 -5.71
CA VAL C 206 3.25 65.64 -5.31
C VAL C 206 4.26 65.52 -4.17
N VAL C 207 4.05 64.53 -3.29
CA VAL C 207 5.05 64.23 -2.28
C VAL C 207 5.70 62.89 -2.61
N THR C 208 7.02 62.81 -2.43
CA THR C 208 7.79 61.68 -2.94
C THR C 208 8.61 60.93 -1.89
N ILE C 209 8.53 59.61 -1.93
CA ILE C 209 9.36 58.77 -1.07
C ILE C 209 10.30 57.92 -1.90
N PHE C 210 11.56 57.85 -1.50
CA PHE C 210 12.50 56.98 -2.19
C PHE C 210 13.00 55.92 -1.24
N THR C 211 12.88 54.66 -1.61
CA THR C 211 13.39 53.59 -0.79
C THR C 211 14.49 52.91 -1.56
N THR C 212 15.65 52.76 -0.93
CA THR C 212 16.76 52.08 -1.58
C THR C 212 17.00 50.71 -0.92
N HIS C 213 17.10 49.68 -1.75
CA HIS C 213 17.19 48.29 -1.27
C HIS C 213 18.64 47.80 -1.23
N ALA C 214 19.51 48.56 -1.91
CA ALA C 214 20.96 48.41 -1.81
C ALA C 214 21.62 49.66 -2.36
N THR C 215 22.93 49.77 -2.22
CA THR C 215 23.65 50.83 -2.91
C THR C 215 24.51 50.20 -3.98
N LEU C 216 24.69 50.90 -5.09
CA LEU C 216 25.53 50.38 -6.15
C LEU C 216 26.95 50.16 -5.65
N LEU C 217 27.50 51.16 -4.97
CA LEU C 217 28.89 51.12 -4.54
C LEU C 217 29.14 50.07 -3.46
N GLY C 218 28.11 49.75 -2.68
CA GLY C 218 28.21 48.71 -1.67
C GLY C 218 28.45 47.33 -2.27
N ARG C 219 27.69 46.99 -3.32
CA ARG C 219 27.83 45.71 -3.98
C ARG C 219 29.24 45.53 -4.55
N TYR C 220 29.68 46.52 -5.32
CA TYR C 220 30.95 46.43 -6.05
C TYR C 220 32.17 46.43 -5.14
N LEU C 221 32.13 47.21 -4.07
CA LEU C 221 33.26 47.25 -3.16
C LEU C 221 33.44 45.93 -2.43
N CYS C 222 32.33 45.26 -2.16
CA CYS C 222 32.37 43.98 -1.45
C CYS C 222 32.48 42.79 -2.42
N ALA C 223 32.09 43.02 -3.68
CA ALA C 223 32.18 42.00 -4.74
C ALA C 223 33.63 41.72 -5.12
N SER C 224 34.53 42.61 -4.73
CA SER C 224 35.96 42.32 -4.72
C SER C 224 36.25 41.55 -3.43
N GLY C 225 37.45 41.70 -2.89
CA GLY C 225 37.80 40.94 -1.69
C GLY C 225 38.48 41.74 -0.62
N SER C 226 39.57 42.41 -0.98
CA SER C 226 40.44 43.07 -0.02
C SER C 226 39.71 44.03 0.92
N PHE C 227 38.89 44.91 0.34
CA PHE C 227 38.29 46.03 1.07
C PHE C 227 37.69 45.66 2.42
N ASP C 228 38.03 46.45 3.45
CA ASP C 228 37.47 46.29 4.79
C ASP C 228 36.30 47.26 4.96
N PHE C 229 35.27 47.04 4.14
CA PHE C 229 34.13 47.94 3.94
C PHE C 229 33.52 48.61 5.18
N TYR C 230 33.26 47.84 6.24
CA TYR C 230 32.40 48.36 7.31
C TYR C 230 33.10 49.23 8.35
N ASN C 231 34.40 49.39 8.20
CA ASN C 231 35.17 50.25 9.12
C ASN C 231 35.82 51.45 8.40
N CYS C 232 36.09 51.31 7.11
CA CYS C 232 36.67 52.40 6.35
C CYS C 232 35.87 52.77 5.10
N LEU C 233 34.55 52.74 5.21
CA LEU C 233 33.69 53.25 4.14
C LEU C 233 33.46 54.73 4.40
N GLU C 234 33.70 55.14 5.65
CA GLU C 234 33.61 56.54 6.06
C GLU C 234 34.65 57.39 5.31
N SER C 235 35.63 56.72 4.71
CA SER C 235 36.69 57.39 3.98
C SER C 235 36.87 56.81 2.58
N VAL C 236 35.85 56.96 1.74
CA VAL C 236 35.97 56.53 0.35
C VAL C 236 35.73 57.70 -0.59
N ASP C 237 36.46 57.70 -1.70
CA ASP C 237 36.23 58.69 -2.73
C ASP C 237 35.13 58.15 -3.63
N VAL C 238 33.89 58.55 -3.34
CA VAL C 238 32.71 58.06 -4.06
C VAL C 238 32.79 58.26 -5.57
N ASP C 239 33.39 59.38 -5.98
CA ASP C 239 33.46 59.74 -7.39
C ASP C 239 34.52 58.90 -8.12
N HIS C 240 35.64 58.67 -7.44
CA HIS C 240 36.70 57.82 -7.98
C HIS C 240 36.26 56.36 -8.09
N GLU C 241 35.89 55.77 -6.96
CA GLU C 241 35.51 54.34 -6.91
C GLU C 241 34.38 54.00 -7.88
N ALA C 242 33.37 54.85 -7.94
CA ALA C 242 32.27 54.67 -8.89
C ALA C 242 32.85 54.49 -10.28
N GLY C 243 33.57 55.52 -10.75
CA GLY C 243 34.20 55.49 -12.06
C GLY C 243 35.11 54.29 -12.27
N ARG C 244 35.83 53.89 -11.23
CA ARG C 244 36.74 52.75 -11.36
C ARG C 244 36.00 51.49 -11.78
N PHE C 245 34.76 51.35 -11.35
CA PHE C 245 33.95 50.18 -11.68
C PHE C 245 33.12 50.42 -12.93
N GLY C 246 32.99 51.68 -13.32
CA GLY C 246 32.22 52.04 -14.50
C GLY C 246 30.74 52.19 -14.20
N ILE C 247 30.42 52.59 -12.98
CA ILE C 247 29.03 52.75 -12.56
C ILE C 247 28.71 54.23 -12.32
N TYR C 248 29.73 55.07 -12.37
CA TYR C 248 29.57 56.50 -12.15
C TYR C 248 28.23 56.99 -12.72
N HIS C 249 28.15 57.07 -14.04
CA HIS C 249 26.93 57.51 -14.71
C HIS C 249 25.69 56.95 -14.02
N ARG C 250 25.86 55.82 -13.35
CA ARG C 250 24.76 55.18 -12.64
C ARG C 250 24.65 55.68 -11.21
N TYR C 251 25.79 55.83 -10.55
CA TYR C 251 25.83 56.31 -9.18
C TYR C 251 25.19 57.69 -9.06
N CYS C 252 25.13 58.40 -10.18
CA CYS C 252 24.53 59.74 -10.22
C CYS C 252 23.03 59.67 -9.96
N ILE C 253 22.35 58.77 -10.66
CA ILE C 253 20.91 58.61 -10.52
C ILE C 253 20.54 58.23 -9.09
N GLU C 254 21.26 57.26 -8.54
CA GLU C 254 21.02 56.80 -7.18
C GLU C 254 21.14 57.95 -6.19
N ARG C 255 22.31 58.60 -6.18
CA ARG C 255 22.53 59.76 -5.32
C ARG C 255 21.48 60.83 -5.56
N ALA C 256 21.21 61.14 -6.82
CA ALA C 256 20.21 62.15 -7.17
C ALA C 256 18.79 61.78 -6.70
N ALA C 257 18.45 60.51 -6.79
CA ALA C 257 17.13 60.07 -6.36
C ALA C 257 16.97 60.21 -4.85
N ALA C 258 18.04 59.92 -4.12
CA ALA C 258 18.02 60.00 -2.66
C ALA C 258 17.95 61.45 -2.16
N HIS C 259 18.45 62.38 -2.96
CA HIS C 259 18.44 63.78 -2.53
C HIS C 259 17.15 64.49 -2.90
N SER C 260 16.55 64.11 -4.02
CA SER C 260 15.36 64.80 -4.49
C SER C 260 14.10 64.35 -3.77
N ALA C 261 14.22 63.27 -3.00
CA ALA C 261 13.04 62.69 -2.39
C ALA C 261 12.65 63.44 -1.11
N ASP C 262 11.36 63.70 -0.96
CA ASP C 262 10.83 64.32 0.27
C ASP C 262 11.27 63.48 1.47
N VAL C 263 11.06 62.16 1.37
CA VAL C 263 11.55 61.20 2.36
C VAL C 263 12.49 60.17 1.74
N PHE C 264 13.48 59.73 2.49
CA PHE C 264 14.47 58.78 2.00
C PHE C 264 14.67 57.62 2.99
N THR C 265 14.29 56.41 2.58
CA THR C 265 14.31 55.23 3.46
C THR C 265 15.18 54.12 2.90
N THR C 266 15.73 53.30 3.77
CA THR C 266 16.34 52.05 3.33
C THR C 266 15.66 50.85 4.01
N VAL C 267 16.10 49.65 3.68
CA VAL C 267 15.44 48.46 4.19
C VAL C 267 16.00 48.01 5.53
N SER C 268 17.12 48.57 5.96
CA SER C 268 17.70 48.16 7.22
C SER C 268 18.70 49.16 7.79
N GLN C 269 18.94 49.07 9.10
CA GLN C 269 19.90 49.95 9.77
C GLN C 269 21.31 49.87 9.22
N ILE C 270 21.72 48.70 8.77
CA ILE C 270 23.06 48.55 8.23
C ILE C 270 23.18 49.28 6.90
N THR C 271 22.11 49.20 6.10
CA THR C 271 22.08 49.87 4.80
C THR C 271 21.83 51.36 4.99
N ALA C 272 21.39 51.77 6.18
CA ALA C 272 21.19 53.19 6.48
C ALA C 272 22.51 53.87 6.81
N PHE C 273 23.35 53.19 7.57
CA PHE C 273 24.70 53.65 7.88
C PHE C 273 25.50 53.74 6.58
N GLU C 274 25.23 52.81 5.68
CA GLU C 274 25.95 52.71 4.44
C GLU C 274 25.56 53.81 3.47
N ALA C 275 24.26 54.09 3.37
CA ALA C 275 23.77 55.07 2.40
C ALA C 275 24.08 56.49 2.88
N GLU C 276 24.29 56.65 4.18
CA GLU C 276 24.62 57.94 4.74
C GLU C 276 25.95 58.43 4.18
N HIS C 277 26.96 57.57 4.26
CA HIS C 277 28.31 57.94 3.86
C HIS C 277 28.58 57.77 2.36
N LEU C 278 27.72 57.06 1.65
CA LEU C 278 27.95 56.80 0.22
C LEU C 278 26.97 57.54 -0.70
N LEU C 279 25.87 58.01 -0.15
CA LEU C 279 24.91 58.77 -0.92
C LEU C 279 24.74 60.15 -0.31
N LYS C 280 25.44 60.37 0.79
CA LYS C 280 25.54 61.68 1.41
C LYS C 280 24.19 62.21 1.90
N ARG C 281 23.31 61.29 2.25
CA ARG C 281 22.08 61.64 2.95
C ARG C 281 21.76 60.60 4.03
N LYS C 282 21.35 61.07 5.20
CA LYS C 282 20.93 60.19 6.27
C LYS C 282 19.46 59.88 6.07
N PRO C 283 19.12 58.57 6.03
CA PRO C 283 17.74 58.15 5.80
C PRO C 283 16.81 58.57 6.95
N ASP C 284 15.56 58.90 6.61
CA ASP C 284 14.60 59.39 7.57
C ASP C 284 14.02 58.26 8.42
N GLY C 285 14.41 57.02 8.09
CA GLY C 285 13.90 55.86 8.79
C GLY C 285 13.99 54.57 7.98
N ILE C 286 13.62 53.47 8.61
CA ILE C 286 13.78 52.13 8.04
C ILE C 286 12.46 51.48 7.65
N LEU C 287 12.44 50.86 6.47
CA LEU C 287 11.32 50.06 5.99
C LEU C 287 11.71 48.61 5.82
N PRO C 288 11.74 47.86 6.92
CA PRO C 288 12.11 46.45 6.82
C PRO C 288 11.14 45.69 5.91
N ASN C 289 11.61 44.59 5.33
CA ASN C 289 10.79 43.78 4.44
C ASN C 289 9.88 42.81 5.19
N GLY C 290 8.64 42.71 4.76
CA GLY C 290 7.69 41.82 5.42
C GLY C 290 7.22 40.65 4.55
N LEU C 291 6.81 39.57 5.20
CA LEU C 291 6.27 38.43 4.50
C LEU C 291 4.77 38.28 4.76
N ASN C 292 4.12 37.49 3.92
CA ASN C 292 2.79 36.98 4.25
C ASN C 292 2.94 35.65 4.97
N VAL C 293 3.08 35.71 6.29
CA VAL C 293 3.29 34.51 7.09
C VAL C 293 2.09 33.55 6.99
N ILE C 294 2.35 32.36 6.46
CA ILE C 294 1.35 31.30 6.38
C ILE C 294 1.25 30.56 7.72
N LYS C 295 0.07 30.58 8.32
CA LYS C 295 -0.15 29.92 9.62
C LYS C 295 -1.08 28.71 9.51
N PHE C 296 -0.97 27.81 10.48
CA PHE C 296 -1.74 26.57 10.47
C PHE C 296 -2.78 26.53 11.58
N GLN C 297 -3.89 25.85 11.31
CA GLN C 297 -4.96 25.70 12.30
C GLN C 297 -4.45 25.10 13.61
N ALA C 298 -3.53 24.15 13.50
CA ALA C 298 -2.83 23.66 14.68
C ALA C 298 -1.44 24.31 14.75
N PHE C 299 -1.06 24.84 15.91
CA PHE C 299 0.25 25.51 16.02
C PHE C 299 1.41 24.56 15.79
N HIS C 300 1.23 23.30 16.16
CA HIS C 300 2.29 22.30 16.08
C HIS C 300 2.35 21.66 14.70
N GLU C 301 1.45 22.06 13.80
CA GLU C 301 1.42 21.46 12.47
C GLU C 301 2.76 21.55 11.75
N PHE C 302 3.47 22.66 11.90
CA PHE C 302 4.76 22.81 11.21
C PHE C 302 5.76 21.77 11.71
N GLN C 303 5.69 21.45 12.99
CA GLN C 303 6.53 20.42 13.60
C GLN C 303 6.36 19.05 12.90
N ASN C 304 5.11 18.72 12.56
CA ASN C 304 4.81 17.51 11.80
C ASN C 304 5.32 17.66 10.37
N LEU C 305 5.34 18.89 9.86
CA LEU C 305 5.83 19.17 8.53
C LEU C 305 7.34 19.02 8.43
N HIS C 306 8.04 19.32 9.52
CA HIS C 306 9.48 19.14 9.55
C HIS C 306 9.86 17.65 9.43
N ALA C 307 9.21 16.80 10.24
CA ALA C 307 9.42 15.36 10.22
C ALA C 307 9.12 14.79 8.85
N LEU C 308 8.01 15.25 8.28
CA LEU C 308 7.50 14.70 7.03
C LEU C 308 8.44 15.05 5.88
N LYS C 309 8.91 16.30 5.85
CA LYS C 309 9.82 16.74 4.80
C LYS C 309 11.26 16.26 5.05
N LYS C 310 11.59 16.00 6.31
CA LYS C 310 12.92 15.49 6.65
C LYS C 310 13.14 14.09 6.13
N GLU C 311 12.08 13.30 6.09
CA GLU C 311 12.19 11.94 5.58
C GLU C 311 12.46 11.92 4.08
N LYS C 312 12.01 12.97 3.38
CA LYS C 312 12.31 13.06 1.96
C LYS C 312 13.78 13.41 1.74
N ILE C 313 14.39 14.08 2.72
CA ILE C 313 15.82 14.37 2.64
C ILE C 313 16.64 13.12 2.98
N ASN C 314 16.20 12.40 4.01
CA ASN C 314 16.86 11.16 4.36
C ASN C 314 16.92 10.22 3.14
N ASP C 315 15.82 10.13 2.41
CA ASP C 315 15.74 9.24 1.26
C ASP C 315 16.74 9.62 0.17
N PHE C 316 17.13 10.89 0.15
CA PHE C 316 18.14 11.34 -0.79
C PHE C 316 19.53 11.04 -0.25
N VAL C 317 19.73 11.26 1.06
CA VAL C 317 21.02 11.05 1.68
C VAL C 317 21.43 9.58 1.64
N ARG C 318 20.48 8.67 1.81
CA ARG C 318 20.76 7.25 1.68
C ARG C 318 21.26 6.95 0.29
N GLY C 319 20.64 7.57 -0.70
CA GLY C 319 21.05 7.37 -2.08
C GLY C 319 22.43 7.94 -2.39
N HIS C 320 22.65 9.18 -1.99
CA HIS C 320 23.93 9.82 -2.21
C HIS C 320 25.07 9.01 -1.61
N PHE C 321 24.89 8.56 -0.37
CA PHE C 321 25.93 7.88 0.38
C PHE C 321 25.88 6.36 0.24
N HIS C 322 25.25 5.87 -0.82
CA HIS C 322 25.10 4.43 -0.97
C HIS C 322 26.47 3.75 -1.06
N GLY C 323 26.64 2.68 -0.30
CA GLY C 323 27.90 1.98 -0.27
C GLY C 323 28.81 2.51 0.81
N CYS C 324 28.47 3.68 1.34
CA CYS C 324 29.29 4.33 2.36
C CYS C 324 28.45 4.79 3.54
N PHE C 325 27.21 4.34 3.59
CA PHE C 325 26.31 4.75 4.67
C PHE C 325 26.80 4.15 5.99
N ASP C 326 27.40 4.96 6.83
CA ASP C 326 28.01 4.47 8.06
C ASP C 326 27.64 5.31 9.28
N PHE C 327 26.55 6.06 9.17
CA PHE C 327 26.06 6.86 10.29
C PHE C 327 24.54 6.74 10.48
N ASP C 328 24.07 7.15 11.64
CA ASP C 328 22.66 7.03 12.01
C ASP C 328 21.88 8.29 11.65
N LEU C 329 20.87 8.17 10.78
CA LEU C 329 20.09 9.34 10.37
C LEU C 329 19.27 9.97 11.50
N ASP C 330 18.99 9.17 12.53
CA ASP C 330 18.32 9.64 13.73
C ASP C 330 19.25 10.58 14.51
N ASN C 331 20.52 10.60 14.12
CA ASN C 331 21.53 11.39 14.81
C ASN C 331 22.29 12.28 13.83
N THR C 332 21.58 12.78 12.83
CA THR C 332 22.20 13.58 11.78
C THR C 332 21.46 14.90 11.63
N LEU C 333 22.18 16.02 11.77
CA LEU C 333 21.59 17.34 11.60
C LEU C 333 21.89 17.90 10.22
N TYR C 334 20.91 18.56 9.61
CA TYR C 334 21.07 19.12 8.28
C TYR C 334 21.22 20.64 8.31
N PHE C 335 22.42 21.11 7.97
CA PHE C 335 22.69 22.52 7.80
C PHE C 335 22.55 22.85 6.32
N PHE C 336 22.33 24.12 6.01
CA PHE C 336 22.33 24.53 4.61
C PHE C 336 22.56 26.02 4.43
N ILE C 337 22.94 26.38 3.21
CA ILE C 337 23.03 27.77 2.81
C ILE C 337 22.42 27.83 1.42
N ALA C 338 21.75 28.92 1.10
CA ALA C 338 21.08 29.01 -0.19
C ALA C 338 20.99 30.46 -0.64
N GLY C 339 21.14 30.68 -1.93
CA GLY C 339 20.99 32.00 -2.49
C GLY C 339 21.45 32.07 -3.94
N ARG C 340 21.87 33.26 -4.35
CA ARG C 340 22.43 33.45 -5.68
C ARG C 340 23.90 33.11 -5.55
N TYR C 341 24.54 32.69 -6.64
CA TYR C 341 25.96 32.37 -6.56
C TYR C 341 26.78 33.64 -6.32
N GLU C 342 26.99 33.96 -5.05
CA GLU C 342 27.80 35.09 -4.66
C GLU C 342 28.77 34.66 -3.58
N TYR C 343 29.90 34.10 -4.03
CA TYR C 343 30.82 33.41 -3.15
C TYR C 343 31.20 34.19 -1.88
N LYS C 344 31.63 35.44 -2.03
CA LYS C 344 32.10 36.22 -0.87
C LYS C 344 30.96 36.92 -0.13
N ASN C 345 30.04 37.53 -0.89
CA ASN C 345 28.92 38.27 -0.34
C ASN C 345 27.98 37.46 0.55
N LYS C 346 27.59 36.27 0.07
CA LYS C 346 26.61 35.45 0.76
C LYS C 346 27.23 34.70 1.93
N GLY C 347 28.54 34.52 1.88
CA GLY C 347 29.28 33.96 3.00
C GLY C 347 29.74 32.52 2.77
N ALA C 348 29.63 32.07 1.52
CA ALA C 348 29.96 30.69 1.19
C ALA C 348 31.34 30.29 1.69
N ASP C 349 32.31 31.19 1.53
CA ASP C 349 33.68 30.95 1.98
C ASP C 349 33.76 30.74 3.48
N MET C 350 33.12 31.61 4.26
CA MET C 350 33.10 31.41 5.71
C MET C 350 32.44 30.08 6.04
N PHE C 351 31.31 29.83 5.40
CA PHE C 351 30.52 28.64 5.67
C PHE C 351 31.41 27.41 5.58
N ILE C 352 32.05 27.25 4.42
CA ILE C 352 32.88 26.08 4.15
C ILE C 352 34.02 25.92 5.15
N GLU C 353 34.75 27.00 5.39
CA GLU C 353 35.85 26.98 6.35
C GLU C 353 35.37 26.69 7.77
N ALA C 354 34.22 27.27 8.12
CA ALA C 354 33.66 27.07 9.46
C ALA C 354 33.24 25.62 9.67
N LEU C 355 32.83 24.97 8.59
CA LEU C 355 32.49 23.55 8.63
C LEU C 355 33.73 22.69 8.85
N ALA C 356 34.75 22.89 8.03
CA ALA C 356 36.00 22.13 8.15
C ALA C 356 36.53 22.14 9.58
N ARG C 357 36.36 23.27 10.26
CA ARG C 357 36.84 23.41 11.62
C ARG C 357 35.93 22.69 12.59
N LEU C 358 34.62 22.78 12.33
CA LEU C 358 33.66 22.02 13.11
C LEU C 358 34.01 20.55 13.00
N ASN C 359 34.29 20.11 11.78
CA ASN C 359 34.69 18.73 11.50
C ASN C 359 35.84 18.28 12.40
N TYR C 360 36.79 19.18 12.64
CA TYR C 360 37.89 18.89 13.54
C TYR C 360 37.42 18.90 15.01
N ARG C 361 36.62 19.90 15.37
CA ARG C 361 36.17 20.05 16.75
C ARG C 361 35.40 18.83 17.23
N LEU C 362 34.56 18.30 16.36
CA LEU C 362 33.75 17.14 16.69
C LEU C 362 34.62 15.89 16.84
N LYS C 363 35.41 15.61 15.81
CA LYS C 363 36.39 14.55 15.86
C LYS C 363 37.15 14.59 17.20
N VAL C 364 37.55 15.80 17.58
CA VAL C 364 38.31 16.01 18.81
C VAL C 364 37.57 15.55 20.07
N SER C 365 36.33 16.00 20.24
CA SER C 365 35.57 15.65 21.45
C SER C 365 34.93 14.26 21.38
N GLY C 366 35.06 13.62 20.21
CA GLY C 366 34.49 12.30 20.01
C GLY C 366 32.98 12.32 19.96
N SER C 367 32.43 13.30 19.26
CA SER C 367 30.98 13.43 19.13
C SER C 367 30.39 12.32 18.28
N LYS C 368 29.14 11.96 18.56
CA LYS C 368 28.46 10.90 17.83
C LYS C 368 27.58 11.48 16.71
N LYS C 369 27.34 12.79 16.77
CA LYS C 369 26.48 13.45 15.81
C LYS C 369 27.11 13.48 14.42
N THR C 370 26.32 13.83 13.43
CA THR C 370 26.81 13.97 12.07
C THR C 370 26.12 15.14 11.40
N VAL C 371 26.86 15.93 10.65
CA VAL C 371 26.29 17.07 9.98
C VAL C 371 26.44 16.92 8.49
N VAL C 372 25.32 16.78 7.79
CA VAL C 372 25.34 16.86 6.35
C VAL C 372 25.04 18.31 5.97
N ALA C 373 25.93 18.94 5.22
CA ALA C 373 25.79 20.35 4.92
C ALA C 373 25.43 20.55 3.45
N PHE C 374 24.34 21.27 3.20
CA PHE C 374 23.90 21.47 1.84
C PHE C 374 24.24 22.88 1.36
N ILE C 375 24.82 22.98 0.17
CA ILE C 375 25.00 24.27 -0.50
C ILE C 375 24.11 24.32 -1.72
N VAL C 376 23.13 25.22 -1.69
CA VAL C 376 22.18 25.32 -2.81
C VAL C 376 22.28 26.64 -3.54
N MET C 377 23.25 26.74 -4.45
CA MET C 377 23.48 27.92 -5.28
C MET C 377 23.70 27.53 -6.73
N PRO C 378 22.96 28.18 -7.65
CA PRO C 378 23.02 27.85 -9.08
C PRO C 378 24.36 28.18 -9.73
N ALA C 379 24.99 27.19 -10.34
CA ALA C 379 26.19 27.41 -11.13
C ALA C 379 25.94 26.93 -12.56
N LYS C 380 26.89 27.16 -13.46
CA LYS C 380 26.76 26.57 -14.79
C LYS C 380 26.88 25.07 -14.62
N ASN C 381 26.05 24.30 -15.31
CA ASN C 381 26.13 22.85 -15.21
C ASN C 381 25.45 22.08 -16.32
N ASN C 382 25.84 20.82 -16.48
CA ASN C 382 25.23 19.93 -17.47
C ASN C 382 24.27 18.93 -16.85
N SER C 383 23.33 19.43 -16.06
CA SER C 383 22.37 18.58 -15.34
C SER C 383 23.11 17.65 -14.39
N PHE C 384 22.39 16.66 -13.88
CA PHE C 384 22.91 15.78 -12.83
C PHE C 384 23.96 14.80 -13.35
N THR C 385 24.74 14.26 -12.42
CA THR C 385 25.68 13.20 -12.75
C THR C 385 24.92 11.89 -12.90
N VAL C 386 25.35 11.03 -13.81
CA VAL C 386 24.75 9.71 -13.93
C VAL C 386 24.85 8.95 -12.60
N GLU C 387 25.87 9.27 -11.80
CA GLU C 387 26.04 8.62 -10.50
C GLU C 387 24.92 8.95 -9.53
N ALA C 388 24.37 10.16 -9.65
CA ALA C 388 23.35 10.63 -8.73
C ALA C 388 22.00 9.98 -9.03
N LEU C 389 21.58 10.00 -10.29
CA LEU C 389 20.31 9.42 -10.69
C LEU C 389 20.28 7.91 -10.41
N LYS C 390 21.44 7.28 -10.61
CA LYS C 390 21.63 5.83 -10.49
C LYS C 390 21.64 5.38 -9.03
N GLY C 391 22.34 6.14 -8.20
CA GLY C 391 22.35 5.86 -6.78
C GLY C 391 20.94 5.80 -6.20
N GLN C 392 20.04 6.68 -6.64
CA GLN C 392 18.66 6.68 -6.15
C GLN C 392 17.91 5.46 -6.63
N ALA C 393 18.05 5.16 -7.92
CA ALA C 393 17.32 4.06 -8.53
C ALA C 393 17.71 2.73 -7.89
N GLU C 394 18.95 2.62 -7.42
CA GLU C 394 19.41 1.40 -6.80
C GLU C 394 18.88 1.29 -5.38
N VAL C 395 18.75 2.42 -4.71
CA VAL C 395 18.19 2.42 -3.36
C VAL C 395 16.69 2.21 -3.43
N ARG C 396 16.08 2.79 -4.47
CA ARG C 396 14.65 2.65 -4.68
C ARG C 396 14.32 1.18 -4.87
N ALA C 397 15.18 0.49 -5.62
CA ALA C 397 15.01 -0.94 -5.93
C ALA C 397 15.31 -1.85 -4.74
N LEU C 398 16.17 -1.41 -3.83
CA LEU C 398 16.38 -2.17 -2.60
C LEU C 398 15.12 -2.14 -1.72
N GLU C 399 14.39 -1.02 -1.73
CA GLU C 399 13.13 -0.92 -1.01
C GLU C 399 12.08 -1.84 -1.65
N ASN C 400 11.87 -1.68 -2.95
CA ASN C 400 10.93 -2.52 -3.64
C ASN C 400 11.17 -4.00 -3.34
N THR C 401 12.42 -4.40 -3.33
CA THR C 401 12.75 -5.80 -3.07
C THR C 401 12.46 -6.15 -1.63
N VAL C 402 12.66 -5.20 -0.72
CA VAL C 402 12.33 -5.44 0.67
C VAL C 402 10.83 -5.53 0.96
N HIS C 403 10.00 -4.87 0.15
CA HIS C 403 8.55 -4.95 0.32
C HIS C 403 8.06 -6.33 -0.08
N GLU C 404 8.64 -6.89 -1.14
CA GLU C 404 8.27 -8.23 -1.58
C GLU C 404 8.66 -9.27 -0.53
N VAL C 405 9.87 -9.13 0.00
CA VAL C 405 10.32 -10.03 1.04
C VAL C 405 9.47 -9.90 2.31
N THR C 406 8.96 -8.71 2.62
CA THR C 406 8.14 -8.60 3.83
C THR C 406 6.71 -9.14 3.69
N THR C 407 6.15 -9.16 2.48
CA THR C 407 4.81 -9.72 2.40
C THR C 407 4.87 -11.24 2.35
N SER C 408 6.04 -11.81 2.03
CA SER C 408 6.21 -13.26 2.17
C SER C 408 6.37 -13.62 3.64
N ILE C 409 7.25 -12.89 4.32
CA ILE C 409 7.42 -13.09 5.76
C ILE C 409 6.07 -13.01 6.46
N GLY C 410 5.23 -12.09 6.01
CA GLY C 410 3.92 -11.89 6.61
C GLY C 410 3.09 -13.15 6.52
N LYS C 411 2.98 -13.68 5.31
CA LYS C 411 2.18 -14.86 5.07
C LYS C 411 2.68 -16.00 5.94
N ARG C 412 3.97 -16.00 6.26
CA ARG C 412 4.54 -17.05 7.09
C ARG C 412 4.26 -16.84 8.56
N ILE C 413 4.39 -15.60 9.03
CA ILE C 413 4.01 -15.28 10.41
C ILE C 413 2.53 -15.57 10.57
N PHE C 414 1.74 -15.18 9.58
CA PHE C 414 0.31 -15.34 9.68
C PHE C 414 -0.10 -16.81 9.72
N ASP C 415 0.52 -17.65 8.90
CA ASP C 415 0.12 -19.05 8.88
C ASP C 415 0.42 -19.70 10.23
N HIS C 416 1.53 -19.32 10.85
CA HIS C 416 1.90 -19.87 12.14
C HIS C 416 0.87 -19.49 13.20
N ALA C 417 0.45 -18.23 13.18
CA ALA C 417 -0.42 -17.72 14.21
C ALA C 417 -1.80 -18.33 14.11
N ILE C 418 -2.26 -18.59 12.90
CA ILE C 418 -3.63 -19.05 12.69
C ILE C 418 -3.73 -20.52 13.06
N ARG C 419 -2.59 -21.18 13.11
CA ARG C 419 -2.53 -22.63 13.23
C ARG C 419 -2.11 -23.09 14.63
N TYR C 420 -1.51 -22.19 15.40
CA TYR C 420 -1.06 -22.52 16.74
C TYR C 420 -2.27 -22.91 17.59
N PRO C 421 -2.13 -23.97 18.43
CA PRO C 421 -0.96 -24.77 18.76
C PRO C 421 -0.99 -26.15 18.11
N HIS C 422 -1.49 -26.26 16.89
CA HIS C 422 -1.65 -27.55 16.24
C HIS C 422 -0.50 -27.89 15.33
N ASN C 423 -0.52 -29.11 14.78
CA ASN C 423 0.51 -29.57 13.86
C ASN C 423 1.91 -29.44 14.43
N GLY C 424 2.07 -29.74 15.71
CA GLY C 424 3.37 -29.64 16.34
C GLY C 424 4.01 -28.25 16.43
N LEU C 425 3.19 -27.20 16.48
CA LEU C 425 3.70 -25.86 16.79
C LEU C 425 3.73 -25.69 18.30
N THR C 426 4.91 -25.44 18.85
CA THR C 426 5.10 -25.44 20.29
C THR C 426 5.06 -24.04 20.86
N THR C 427 5.44 -23.09 20.02
CA THR C 427 5.48 -21.70 20.42
C THR C 427 4.42 -20.95 19.64
N GLU C 428 3.90 -19.87 20.22
CA GLU C 428 2.84 -19.08 19.60
C GLU C 428 3.39 -18.33 18.40
N LEU C 429 4.68 -18.01 18.43
CA LEU C 429 5.28 -17.29 17.33
C LEU C 429 6.46 -18.05 16.82
N PRO C 430 6.83 -17.81 15.56
CA PRO C 430 8.09 -18.32 15.04
C PRO C 430 9.20 -17.87 15.96
N THR C 431 10.20 -18.72 16.17
CA THR C 431 11.31 -18.36 17.04
C THR C 431 12.58 -18.32 16.24
N ASP C 432 12.57 -19.03 15.12
CA ASP C 432 13.74 -19.15 14.27
C ASP C 432 13.52 -18.40 12.95
N LEU C 433 14.48 -17.54 12.60
CA LEU C 433 14.40 -16.72 11.38
C LEU C 433 14.37 -17.53 10.09
N GLY C 434 14.97 -18.73 10.12
CA GLY C 434 14.98 -19.59 8.95
C GLY C 434 13.58 -19.96 8.51
N GLU C 435 12.63 -19.81 9.45
CA GLU C 435 11.22 -20.12 9.24
C GLU C 435 10.43 -19.04 8.47
N LEU C 436 10.97 -17.83 8.43
CA LEU C 436 10.30 -16.72 7.77
C LEU C 436 11.09 -16.28 6.54
N LEU C 437 12.42 -16.39 6.60
CA LEU C 437 13.28 -15.87 5.54
C LEU C 437 13.87 -16.98 4.65
N LYS C 438 13.35 -17.13 3.44
CA LYS C 438 13.72 -18.25 2.57
C LYS C 438 14.94 -18.02 1.67
N SER C 439 15.50 -19.09 1.14
CA SER C 439 16.71 -18.99 0.32
C SER C 439 16.50 -18.09 -0.90
N SER C 440 15.32 -18.19 -1.51
CA SER C 440 15.02 -17.33 -2.66
C SER C 440 14.96 -15.85 -2.26
N ASP C 441 14.46 -15.60 -1.04
CA ASP C 441 14.40 -14.24 -0.51
C ASP C 441 15.80 -13.69 -0.26
N LYS C 442 16.64 -14.48 0.40
CA LYS C 442 18.00 -14.08 0.68
C LYS C 442 18.77 -13.72 -0.58
N VAL C 443 18.54 -14.47 -1.66
CA VAL C 443 19.27 -14.29 -2.92
C VAL C 443 19.09 -12.91 -3.55
N MET C 444 17.84 -12.49 -3.73
CA MET C 444 17.58 -11.19 -4.34
C MET C 444 17.91 -10.00 -3.41
N LEU C 445 17.84 -10.20 -2.10
CA LEU C 445 18.31 -9.16 -1.19
C LEU C 445 19.80 -8.90 -1.36
N LYS C 446 20.59 -9.97 -1.53
CA LYS C 446 22.03 -9.84 -1.72
C LYS C 446 22.37 -9.17 -3.05
N ARG C 447 21.61 -9.49 -4.09
CA ARG C 447 21.80 -8.89 -5.42
C ARG C 447 21.50 -7.40 -5.39
N ARG C 448 20.59 -7.00 -4.50
CA ARG C 448 20.23 -5.60 -4.39
C ARG C 448 21.34 -4.91 -3.63
N ILE C 449 21.92 -5.62 -2.67
CA ILE C 449 22.96 -5.05 -1.82
C ILE C 449 24.26 -4.88 -2.60
N LEU C 450 24.52 -5.81 -3.51
CA LEU C 450 25.73 -5.76 -4.30
C LEU C 450 25.72 -4.53 -5.20
N ALA C 451 24.57 -4.26 -5.78
CA ALA C 451 24.40 -3.13 -6.69
C ALA C 451 24.72 -1.80 -6.02
N LEU C 452 24.76 -1.78 -4.70
CA LEU C 452 24.94 -0.54 -3.95
C LEU C 452 26.39 -0.32 -3.52
N ARG C 453 27.22 -1.34 -3.73
CA ARG C 453 28.64 -1.26 -3.41
C ARG C 453 29.30 -0.31 -4.38
N ARG C 454 30.19 0.56 -3.87
CA ARG C 454 30.92 1.42 -4.78
C ARG C 454 32.34 0.88 -5.00
N PRO C 455 33.02 1.15 -6.00
CA PRO C 455 34.41 0.78 -6.31
C PRO C 455 35.34 1.03 -5.13
N GLU C 456 36.23 0.15 -5.14
CA GLU C 456 37.14 0.26 -4.01
C GLU C 456 37.74 1.65 -3.98
N GLY C 457 37.53 2.36 -2.87
CA GLY C 457 38.16 3.66 -2.69
C GLY C 457 37.31 4.87 -3.03
N GLN C 458 36.43 4.73 -4.02
CA GLN C 458 35.50 5.80 -4.39
C GLN C 458 34.70 6.28 -3.18
N LEU C 459 34.57 7.59 -3.03
CA LEU C 459 33.84 8.15 -1.90
C LEU C 459 32.60 8.92 -2.38
N PRO C 460 31.64 9.17 -1.46
CA PRO C 460 30.40 9.87 -1.81
C PRO C 460 30.71 11.26 -2.33
N PRO C 461 30.23 11.60 -3.53
CA PRO C 461 30.67 12.84 -4.17
C PRO C 461 30.39 14.10 -3.35
N ILE C 462 30.90 15.22 -3.85
CA ILE C 462 30.79 16.50 -3.19
C ILE C 462 29.76 17.32 -3.93
N VAL C 463 29.44 16.88 -5.14
CA VAL C 463 28.58 17.65 -6.02
C VAL C 463 27.62 16.70 -6.70
N THR C 464 26.41 17.16 -7.00
CA THR C 464 25.36 16.30 -7.54
C THR C 464 25.23 16.44 -9.04
N HIS C 465 25.78 17.51 -9.59
CA HIS C 465 25.68 17.79 -11.02
C HIS C 465 27.04 17.67 -11.72
N ASN C 466 26.99 17.66 -13.05
CA ASN C 466 28.20 17.76 -13.88
C ASN C 466 28.52 19.23 -14.15
N MET C 467 29.44 19.78 -13.36
CA MET C 467 29.84 21.18 -13.51
C MET C 467 30.40 21.45 -14.90
N VAL C 468 30.15 22.64 -15.42
CA VAL C 468 30.78 23.06 -16.66
C VAL C 468 32.27 23.35 -16.43
N ASP C 469 32.56 24.39 -15.65
CA ASP C 469 33.94 24.73 -15.33
C ASP C 469 34.34 24.26 -13.93
N ASP C 470 34.45 22.95 -13.77
CA ASP C 470 34.72 22.37 -12.47
C ASP C 470 35.96 22.93 -11.78
N ALA C 471 37.08 23.00 -12.52
CA ALA C 471 38.37 23.36 -11.96
C ALA C 471 38.45 24.81 -11.49
N ASN C 472 37.84 25.70 -12.27
CA ASN C 472 37.84 27.12 -11.94
C ASN C 472 36.54 27.56 -11.25
N ASP C 473 35.99 26.68 -10.43
CA ASP C 473 34.79 27.01 -9.67
C ASP C 473 35.14 27.31 -8.21
N LEU C 474 34.64 28.43 -7.71
CA LEU C 474 35.02 28.94 -6.41
C LEU C 474 34.59 28.02 -5.25
N ILE C 475 33.33 27.61 -5.26
CA ILE C 475 32.79 26.74 -4.20
C ILE C 475 33.52 25.41 -4.14
N LEU C 476 33.58 24.72 -5.28
CA LEU C 476 34.27 23.43 -5.34
C LEU C 476 35.73 23.55 -4.89
N ASN C 477 36.43 24.54 -5.42
CA ASN C 477 37.85 24.75 -5.09
C ASN C 477 38.08 24.95 -3.60
N LYS C 478 37.12 25.57 -2.92
CA LYS C 478 37.26 25.85 -1.51
C LYS C 478 37.14 24.57 -0.68
N ILE C 479 36.18 23.72 -1.04
CA ILE C 479 36.03 22.43 -0.38
C ILE C 479 37.28 21.59 -0.61
N ARG C 480 37.72 21.52 -1.87
CA ARG C 480 38.97 20.83 -2.21
C ARG C 480 40.13 21.38 -1.39
N GLN C 481 40.07 22.67 -1.10
CA GLN C 481 41.09 23.33 -0.30
C GLN C 481 41.00 22.94 1.18
N VAL C 482 39.83 23.09 1.79
CA VAL C 482 39.65 22.70 3.18
C VAL C 482 39.68 21.18 3.33
N GLN C 483 39.54 20.48 2.20
CA GLN C 483 39.63 19.02 2.13
C GLN C 483 38.54 18.28 2.90
N LEU C 484 37.33 18.37 2.39
CA LEU C 484 36.20 17.64 2.94
C LEU C 484 35.64 16.76 1.83
N PHE C 485 36.22 15.58 1.65
CA PHE C 485 35.86 14.71 0.54
C PHE C 485 34.90 13.60 0.97
N ASN C 486 34.32 13.76 2.16
CA ASN C 486 33.29 12.85 2.65
C ASN C 486 33.82 11.46 3.02
N SER C 487 34.88 11.43 3.82
CA SER C 487 35.42 10.15 4.28
C SER C 487 34.62 9.67 5.49
N PRO C 488 34.56 8.35 5.68
CA PRO C 488 33.78 7.83 6.81
C PRO C 488 34.17 8.45 8.15
N SER C 489 35.43 8.83 8.30
CA SER C 489 35.93 9.39 9.55
C SER C 489 35.54 10.86 9.77
N ASP C 490 35.25 11.57 8.67
CA ASP C 490 34.73 12.93 8.72
C ASP C 490 33.35 13.00 9.39
N ARG C 491 33.20 13.94 10.31
CA ARG C 491 31.94 14.06 11.02
C ARG C 491 31.01 15.09 10.34
N VAL C 492 31.50 15.81 9.34
CA VAL C 492 30.62 16.64 8.53
C VAL C 492 30.76 16.38 7.04
N LYS C 493 29.64 16.07 6.41
CA LYS C 493 29.62 15.75 5.00
C LYS C 493 29.27 17.00 4.24
N MET C 494 29.37 16.95 2.92
CA MET C 494 29.26 18.16 2.11
C MET C 494 28.59 17.87 0.80
N ILE C 495 27.45 18.47 0.55
CA ILE C 495 26.79 18.28 -0.73
C ILE C 495 26.44 19.60 -1.39
N PHE C 496 26.91 19.76 -2.61
CA PHE C 496 26.73 20.99 -3.34
C PHE C 496 25.71 20.73 -4.43
N HIS C 497 24.59 21.43 -4.35
CA HIS C 497 23.51 21.30 -5.32
C HIS C 497 23.41 22.58 -6.15
N PRO C 498 24.12 22.62 -7.29
CA PRO C 498 24.29 23.83 -8.10
C PRO C 498 23.07 24.09 -8.94
N GLU C 499 21.92 24.18 -8.30
CA GLU C 499 20.67 24.30 -9.03
C GLU C 499 19.59 24.68 -8.03
N PHE C 500 18.58 25.39 -8.49
CA PHE C 500 17.46 25.71 -7.62
C PHE C 500 16.58 24.48 -7.40
N LEU C 501 16.24 24.22 -6.15
CA LEU C 501 15.40 23.07 -5.81
C LEU C 501 14.02 23.19 -6.45
N ASN C 502 13.28 22.10 -6.45
CA ASN C 502 11.95 22.07 -7.04
C ASN C 502 11.24 20.74 -6.81
N ALA C 503 9.98 20.81 -6.38
CA ALA C 503 9.20 19.61 -6.12
C ALA C 503 9.11 18.73 -7.36
N ASN C 504 10.04 18.93 -8.29
CA ASN C 504 10.06 18.15 -9.53
C ASN C 504 11.46 17.66 -9.87
N ASN C 505 12.22 17.30 -8.83
CA ASN C 505 13.58 16.81 -9.01
C ASN C 505 13.67 15.30 -8.84
N PRO C 506 14.06 14.60 -9.91
CA PRO C 506 14.19 13.14 -9.87
C PRO C 506 15.24 12.70 -8.86
N ILE C 507 15.99 13.66 -8.32
CA ILE C 507 17.03 13.35 -7.34
C ILE C 507 16.59 13.75 -5.93
N LEU C 508 15.97 14.92 -5.82
CA LEU C 508 15.51 15.42 -4.54
C LEU C 508 14.20 16.18 -4.78
N GLY C 509 13.08 15.46 -4.65
CA GLY C 509 11.78 15.95 -5.08
C GLY C 509 11.09 16.93 -4.15
N LEU C 510 11.80 17.98 -3.79
CA LEU C 510 11.31 19.00 -2.88
C LEU C 510 11.34 20.36 -3.55
N ASP C 511 10.44 21.23 -3.10
CA ASP C 511 10.46 22.64 -3.46
C ASP C 511 11.25 23.33 -2.37
N TYR C 512 11.80 24.50 -2.67
CA TYR C 512 12.69 25.15 -1.73
C TYR C 512 12.11 25.25 -0.32
N ASP C 513 10.87 25.74 -0.22
CA ASP C 513 10.23 25.82 1.10
C ASP C 513 10.16 24.47 1.80
N GLU C 514 9.63 23.45 1.11
CA GLU C 514 9.59 22.10 1.65
C GLU C 514 10.94 21.69 2.23
N PHE C 515 11.98 21.76 1.39
CA PHE C 515 13.36 21.46 1.79
C PHE C 515 13.82 22.22 3.04
N VAL C 516 13.49 23.50 3.13
CA VAL C 516 13.86 24.29 4.30
C VAL C 516 13.17 23.78 5.57
N ARG C 517 11.88 23.46 5.46
CA ARG C 517 11.11 22.93 6.60
C ARG C 517 11.80 21.68 7.14
N GLY C 518 12.38 20.90 6.24
CA GLY C 518 13.02 19.64 6.59
C GLY C 518 14.40 19.73 7.23
N CYS C 519 15.06 20.87 7.10
CA CYS C 519 16.40 21.02 7.65
C CYS C 519 16.41 21.42 9.11
N HIS C 520 17.59 21.49 9.70
CA HIS C 520 17.72 21.74 11.13
C HIS C 520 18.22 23.14 11.44
N LEU C 521 18.95 23.72 10.50
CA LEU C 521 19.65 24.97 10.75
C LEU C 521 20.05 25.65 9.46
N GLY C 522 19.55 26.86 9.27
CA GLY C 522 20.04 27.74 8.21
C GLY C 522 21.36 28.33 8.65
N VAL C 523 22.30 28.46 7.72
CA VAL C 523 23.57 29.11 8.00
C VAL C 523 23.89 30.12 6.90
N PHE C 524 23.59 31.39 7.17
CA PHE C 524 23.72 32.45 6.18
C PHE C 524 24.65 33.55 6.69
N PRO C 525 25.97 33.35 6.51
CA PRO C 525 26.99 34.23 7.10
C PRO C 525 27.39 35.28 6.08
N SER C 526 26.47 36.19 5.79
CA SER C 526 26.65 37.12 4.68
C SER C 526 27.71 38.17 4.96
N TYR C 527 28.25 38.76 3.89
CA TYR C 527 29.10 39.92 4.01
C TYR C 527 28.37 41.18 3.56
N TYR C 528 27.71 41.10 2.40
CA TYR C 528 26.87 42.19 1.93
C TYR C 528 25.45 41.70 1.65
N GLU C 529 24.54 42.02 2.56
CA GLU C 529 23.16 41.60 2.48
C GLU C 529 22.29 42.74 3.01
N PRO C 530 21.79 43.61 2.12
CA PRO C 530 20.92 44.72 2.52
C PRO C 530 19.72 44.24 3.36
N TRP C 531 18.98 43.24 2.85
CA TRP C 531 17.90 42.66 3.64
C TRP C 531 18.13 41.20 4.00
N GLY C 532 18.09 40.33 3.01
CA GLY C 532 18.25 38.91 3.28
C GLY C 532 16.95 38.22 3.59
N TYR C 533 16.17 37.98 2.54
CA TYR C 533 14.88 37.32 2.66
C TYR C 533 15.11 35.91 3.11
N THR C 534 16.30 35.41 2.85
CA THR C 534 16.64 34.01 3.14
C THR C 534 16.60 33.64 4.63
N PRO C 535 17.42 34.29 5.48
CA PRO C 535 17.27 33.99 6.91
C PRO C 535 15.86 34.32 7.42
N ALA C 536 15.10 35.08 6.64
CA ALA C 536 13.74 35.43 7.03
C ALA C 536 12.74 34.32 6.72
N GLU C 537 12.73 33.85 5.46
CA GLU C 537 11.85 32.77 5.03
C GLU C 537 12.06 31.63 6.01
N CYS C 538 13.34 31.37 6.26
CA CYS C 538 13.77 30.32 7.16
C CYS C 538 13.15 30.45 8.55
N THR C 539 13.08 31.68 9.06
CA THR C 539 12.52 31.90 10.39
C THR C 539 11.02 31.67 10.34
N VAL C 540 10.39 32.14 9.26
CA VAL C 540 8.95 32.03 9.08
C VAL C 540 8.50 30.57 9.09
N MET C 541 9.48 29.67 9.08
CA MET C 541 9.20 28.24 8.99
C MET C 541 9.72 27.48 10.20
N GLY C 542 10.06 28.20 11.25
CA GLY C 542 10.43 27.58 12.50
C GLY C 542 11.74 26.86 12.36
N VAL C 543 12.57 27.31 11.43
CA VAL C 543 13.92 26.79 11.30
C VAL C 543 14.92 27.84 11.80
N PRO C 544 15.63 27.52 12.89
CA PRO C 544 16.66 28.42 13.41
C PRO C 544 17.68 28.73 12.34
N SER C 545 18.24 29.93 12.36
CA SER C 545 19.23 30.33 11.37
C SER C 545 20.41 31.05 12.01
N ILE C 546 21.53 31.03 11.30
CA ILE C 546 22.70 31.81 11.68
C ILE C 546 22.89 32.88 10.64
N THR C 547 23.15 34.10 11.09
CA THR C 547 23.32 35.23 10.19
C THR C 547 24.30 36.24 10.80
N THR C 548 24.63 37.28 10.05
CA THR C 548 25.61 38.24 10.52
C THR C 548 24.97 39.59 10.86
N ASN C 549 25.74 40.45 11.50
CA ASN C 549 25.27 41.78 11.84
C ASN C 549 25.57 42.80 10.75
N VAL C 550 25.99 42.32 9.59
CA VAL C 550 26.15 43.22 8.46
C VAL C 550 25.06 42.95 7.42
N SER C 551 24.05 42.19 7.82
CA SER C 551 22.91 41.95 6.95
C SER C 551 21.66 42.60 7.52
N GLY C 552 20.78 43.05 6.64
CA GLY C 552 19.56 43.72 7.04
C GLY C 552 18.80 42.97 8.10
N PHE C 553 18.55 41.69 7.84
CA PHE C 553 17.85 40.82 8.79
C PHE C 553 18.58 40.74 10.14
N GLY C 554 19.90 40.57 10.11
CA GLY C 554 20.67 40.45 11.34
C GLY C 554 20.59 41.69 12.19
N SER C 555 20.58 42.85 11.54
CA SER C 555 20.55 44.13 12.25
C SER C 555 19.15 44.42 12.76
N TYR C 556 18.15 44.14 11.93
CA TYR C 556 16.77 44.31 12.36
C TYR C 556 16.50 43.41 13.56
N MET C 557 17.27 42.33 13.66
CA MET C 557 17.05 41.31 14.66
C MET C 557 17.84 41.58 15.93
N GLU C 558 18.99 42.20 15.76
CA GLU C 558 19.81 42.64 16.89
C GLU C 558 19.01 43.68 17.69
N ASP C 559 18.17 44.43 17.00
CA ASP C 559 17.36 45.49 17.61
C ASP C 559 16.15 44.97 18.39
N LEU C 560 15.37 44.08 17.76
CA LEU C 560 14.13 43.59 18.36
C LEU C 560 14.38 42.76 19.60
N ILE C 561 15.37 41.87 19.53
CA ILE C 561 15.59 40.89 20.58
C ILE C 561 16.79 41.24 21.44
N GLU C 562 16.60 41.21 22.75
CA GLU C 562 17.66 41.53 23.70
C GLU C 562 18.93 40.69 23.52
N THR C 563 20.06 41.38 23.37
CA THR C 563 21.41 40.78 23.24
C THR C 563 21.52 39.25 23.21
N ASN C 564 21.80 38.63 24.36
CA ASN C 564 21.98 37.17 24.41
C ASN C 564 20.70 36.38 24.73
N GLN C 565 19.60 36.83 24.12
CA GLN C 565 18.33 36.14 24.19
C GLN C 565 18.03 35.52 22.83
N ALA C 566 18.47 36.18 21.77
CA ALA C 566 18.22 35.75 20.40
C ALA C 566 18.54 34.28 20.12
N LYS C 567 19.61 33.77 20.75
CA LYS C 567 19.94 32.36 20.66
C LYS C 567 18.76 31.49 21.07
N ASP C 568 18.00 31.97 22.06
CA ASP C 568 16.87 31.22 22.59
C ASP C 568 15.69 31.16 21.63
N TYR C 569 15.57 32.18 20.78
CA TYR C 569 14.59 32.18 19.71
C TYR C 569 15.20 31.67 18.39
N GLY C 570 16.33 30.99 18.50
CA GLY C 570 16.97 30.43 17.31
C GLY C 570 17.56 31.42 16.32
N ILE C 571 17.69 32.69 16.70
CA ILE C 571 18.37 33.64 15.82
C ILE C 571 19.83 33.82 16.25
N TYR C 572 20.73 33.23 15.49
CA TYR C 572 22.16 33.31 15.77
C TYR C 572 22.80 34.45 14.96
N ILE C 573 23.43 35.39 15.66
CA ILE C 573 24.05 36.53 14.99
C ILE C 573 25.57 36.60 15.20
N VAL C 574 26.30 36.46 14.10
CA VAL C 574 27.77 36.48 14.12
C VAL C 574 28.28 37.89 13.90
N ASP C 575 29.35 38.26 14.61
CA ASP C 575 29.96 39.59 14.46
C ASP C 575 30.96 39.63 13.30
N ARG C 576 30.52 40.11 12.15
CA ARG C 576 31.36 40.26 10.95
C ARG C 576 31.80 41.72 10.74
N ARG C 577 31.69 42.53 11.79
CA ARG C 577 31.87 43.97 11.67
C ARG C 577 32.95 44.53 12.60
N PHE C 578 32.89 44.14 13.88
CA PHE C 578 33.88 44.56 14.86
C PHE C 578 34.67 43.35 15.36
N LYS C 579 35.18 42.57 14.42
CA LYS C 579 35.98 41.37 14.71
C LYS C 579 36.76 40.93 13.47
N ALA C 580 38.06 40.68 13.66
CA ALA C 580 38.91 40.22 12.57
C ALA C 580 38.30 38.97 11.94
N PRO C 581 38.46 38.83 10.62
CA PRO C 581 37.87 37.71 9.87
C PRO C 581 38.16 36.31 10.43
N ASP C 582 39.05 36.17 11.40
CA ASP C 582 39.30 34.86 11.99
C ASP C 582 38.56 34.67 13.31
N GLU C 583 38.27 35.78 13.99
CA GLU C 583 37.46 35.73 15.21
C GLU C 583 36.00 35.48 14.83
N SER C 584 35.64 35.87 13.60
CA SER C 584 34.32 35.64 13.04
C SER C 584 34.07 34.15 12.89
N VAL C 585 35.00 33.49 12.20
CA VAL C 585 34.89 32.06 11.97
C VAL C 585 34.81 31.26 13.28
N GLU C 586 35.62 31.62 14.26
CA GLU C 586 35.56 30.94 15.55
C GLU C 586 34.22 31.13 16.25
N GLN C 587 33.53 32.23 15.95
CA GLN C 587 32.23 32.50 16.55
C GLN C 587 31.11 31.80 15.80
N LEU C 588 31.31 31.54 14.51
CA LEU C 588 30.36 30.76 13.72
C LEU C 588 30.46 29.33 14.24
N VAL C 589 31.69 28.82 14.27
CA VAL C 589 31.93 27.47 14.76
C VAL C 589 31.43 27.31 16.20
N ASP C 590 31.53 28.37 17.00
CA ASP C 590 31.03 28.36 18.37
C ASP C 590 29.53 28.05 18.39
N TYR C 591 28.80 28.74 17.52
CA TYR C 591 27.36 28.59 17.45
C TYR C 591 26.99 27.19 16.98
N MET C 592 27.54 26.78 15.85
CA MET C 592 27.29 25.44 15.32
C MET C 592 27.50 24.36 16.38
N GLU C 593 28.67 24.33 17.00
CA GLU C 593 28.96 23.29 17.99
C GLU C 593 28.00 23.32 19.16
N GLU C 594 27.48 24.49 19.48
CA GLU C 594 26.51 24.63 20.57
C GLU C 594 25.18 24.01 20.14
N PHE C 595 24.96 24.02 18.82
CA PHE C 595 23.75 23.47 18.24
C PHE C 595 23.86 21.95 18.10
N VAL C 596 25.00 21.49 17.60
CA VAL C 596 25.25 20.07 17.47
C VAL C 596 25.20 19.38 18.83
N LYS C 597 25.42 20.15 19.89
CA LYS C 597 25.38 19.62 21.25
C LYS C 597 23.96 19.39 21.70
N LYS C 598 23.02 20.11 21.08
CA LYS C 598 21.63 20.11 21.52
C LYS C 598 20.92 18.75 21.44
N THR C 599 20.02 18.55 22.41
CA THR C 599 19.17 17.37 22.44
C THR C 599 18.00 17.57 21.48
N ARG C 600 17.41 16.46 21.04
CA ARG C 600 16.20 16.55 20.22
C ARG C 600 15.11 17.38 20.92
N ARG C 601 14.94 17.17 22.22
CA ARG C 601 13.92 17.91 22.97
C ARG C 601 14.19 19.41 22.88
N GLN C 602 15.44 19.80 23.04
CA GLN C 602 15.85 21.20 22.96
C GLN C 602 15.68 21.75 21.53
N ARG C 603 16.01 20.95 20.53
CA ARG C 603 15.86 21.41 19.15
C ARG C 603 14.40 21.72 18.87
N ILE C 604 13.51 20.93 19.44
CA ILE C 604 12.07 21.07 19.20
C ILE C 604 11.51 22.31 19.86
N ASN C 605 11.79 22.47 21.15
CA ASN C 605 11.36 23.68 21.86
C ASN C 605 11.86 24.92 21.15
N GLN C 606 13.12 24.85 20.72
CA GLN C 606 13.75 25.96 20.02
C GLN C 606 13.01 26.26 18.74
N ARG C 607 12.66 25.23 17.99
CA ARG C 607 11.91 25.45 16.74
C ARG C 607 10.56 26.10 17.03
N ASN C 608 9.96 25.76 18.16
CA ASN C 608 8.71 26.38 18.59
C ASN C 608 8.93 27.87 18.82
N ALA C 609 9.99 28.19 19.55
CA ALA C 609 10.39 29.58 19.81
C ALA C 609 10.63 30.37 18.53
N THR C 610 11.48 29.87 17.64
CA THR C 610 11.74 30.60 16.39
C THR C 610 10.48 30.76 15.53
N GLU C 611 9.47 29.94 15.79
CA GLU C 611 8.22 30.06 15.05
C GLU C 611 7.25 31.07 15.70
N ALA C 612 7.45 31.31 16.98
CA ALA C 612 6.70 32.38 17.63
C ALA C 612 7.15 33.76 17.09
N LEU C 613 8.43 33.87 16.73
CA LEU C 613 8.94 35.12 16.15
C LEU C 613 8.30 35.45 14.82
N SER C 614 7.97 34.43 14.05
CA SER C 614 7.51 34.64 12.68
C SER C 614 6.47 35.76 12.53
N ASP C 615 5.67 36.00 13.56
CA ASP C 615 4.64 37.03 13.45
C ASP C 615 5.20 38.45 13.37
N LEU C 616 6.42 38.64 13.84
CA LEU C 616 7.02 39.97 13.84
C LEU C 616 7.56 40.31 12.47
N LEU C 617 7.47 39.37 11.53
CA LEU C 617 8.02 39.58 10.18
C LEU C 617 6.91 39.64 9.15
N ASP C 618 5.67 39.63 9.62
CA ASP C 618 4.50 39.68 8.74
C ASP C 618 4.17 41.12 8.37
N TRP C 619 3.65 41.34 7.17
CA TRP C 619 3.29 42.68 6.73
C TRP C 619 2.32 43.41 7.67
N LYS C 620 1.50 42.66 8.39
CA LYS C 620 0.53 43.26 9.30
C LYS C 620 1.24 44.09 10.38
N ARG C 621 2.55 43.90 10.50
CA ARG C 621 3.34 44.68 11.44
C ARG C 621 4.46 45.50 10.76
N MET C 622 5.12 44.91 9.79
CA MET C 622 6.19 45.61 9.07
C MET C 622 5.61 46.75 8.26
N GLY C 623 4.33 46.61 7.94
CA GLY C 623 3.64 47.57 7.10
C GLY C 623 3.30 48.87 7.80
N LEU C 624 3.31 48.85 9.12
CA LEU C 624 3.11 50.08 9.87
C LEU C 624 4.20 51.07 9.52
N GLU C 625 5.43 50.57 9.35
CA GLU C 625 6.56 51.41 8.99
C GLU C 625 6.34 52.15 7.66
N TYR C 626 5.77 51.49 6.67
CA TYR C 626 5.39 52.17 5.43
C TYR C 626 4.44 53.35 5.70
N VAL C 627 3.46 53.13 6.58
CA VAL C 627 2.52 54.18 6.94
C VAL C 627 3.21 55.42 7.55
N LYS C 628 4.19 55.20 8.42
CA LYS C 628 4.95 56.31 9.03
C LYS C 628 5.67 57.13 7.97
N ALA C 629 6.13 56.47 6.91
CA ALA C 629 6.85 57.13 5.83
C ALA C 629 5.94 57.90 4.88
N ARG C 630 4.69 57.50 4.78
CA ARG C 630 3.76 58.24 3.94
C ARG C 630 3.21 59.44 4.71
N GLN C 631 2.97 59.25 6.01
CA GLN C 631 2.55 60.36 6.85
C GLN C 631 3.61 61.47 6.83
N LEU C 632 4.87 61.08 7.06
CA LEU C 632 5.98 62.02 7.09
C LEU C 632 6.18 62.79 5.79
N ALA C 633 5.91 62.16 4.66
CA ALA C 633 6.01 62.84 3.36
C ALA C 633 4.92 63.89 3.20
N LEU C 634 3.74 63.59 3.72
CA LEU C 634 2.61 64.53 3.71
C LEU C 634 2.86 65.68 4.70
N ARG C 635 3.64 65.40 5.74
CA ARG C 635 4.00 66.42 6.72
C ARG C 635 5.04 67.36 6.13
N ARG C 636 6.06 66.80 5.50
CA ARG C 636 7.08 67.61 4.86
C ARG C 636 6.52 68.39 3.68
N GLY C 637 5.77 67.71 2.83
CA GLY C 637 5.22 68.31 1.63
C GLY C 637 4.19 69.41 1.85
N TYR C 638 3.23 69.17 2.73
CA TYR C 638 2.20 70.18 3.01
C TYR C 638 2.16 70.56 4.48
N PRO C 639 3.18 71.31 4.93
CA PRO C 639 3.28 71.66 6.35
C PRO C 639 2.05 72.41 6.82
N ASP C 640 1.49 73.22 5.94
CA ASP C 640 0.34 74.07 6.28
C ASP C 640 -0.95 73.26 6.44
N GLN C 641 -1.36 72.58 5.38
CA GLN C 641 -2.55 71.74 5.42
C GLN C 641 -2.48 70.75 6.59
N PHE C 642 -1.25 70.41 6.99
CA PHE C 642 -1.03 69.40 8.02
C PHE C 642 -1.24 69.95 9.41
N ARG C 643 -0.48 70.97 9.78
CA ARG C 643 -0.69 71.64 11.07
C ARG C 643 -2.18 71.90 11.26
N GLU C 644 -2.82 72.44 10.23
CA GLU C 644 -4.26 72.64 10.21
C GLU C 644 -4.98 71.46 10.82
N LEU C 645 -4.68 70.27 10.28
CA LEU C 645 -5.37 69.04 10.63
C LEU C 645 -5.08 68.55 12.06
N VAL C 646 -3.82 68.65 12.48
CA VAL C 646 -3.40 68.12 13.77
C VAL C 646 -3.51 69.11 14.93
N GLY C 647 -3.29 70.40 14.66
CA GLY C 647 -3.39 71.43 15.69
C GLY C 647 -2.05 72.04 16.13
N GLU C 648 -0.96 71.47 15.65
CA GLU C 648 0.38 71.96 15.96
C GLU C 648 1.37 71.46 14.92
N GLU C 649 2.49 72.16 14.77
CA GLU C 649 3.59 71.68 13.92
C GLU C 649 4.20 70.44 14.56
N LEU C 650 4.02 69.29 13.92
CA LEU C 650 4.54 68.04 14.47
C LEU C 650 5.98 67.82 14.06
N ASN C 651 6.74 67.14 14.91
CA ASN C 651 8.18 67.00 14.67
C ASN C 651 8.46 66.23 13.40
N ASP C 652 9.02 66.90 12.39
CA ASP C 652 9.21 66.25 11.10
C ASP C 652 10.65 65.87 10.77
N SER C 653 11.47 65.60 11.78
CA SER C 653 12.86 65.25 11.52
C SER C 653 13.07 63.77 11.22
N ASN C 654 12.13 62.93 11.65
CA ASN C 654 12.19 61.47 11.49
C ASN C 654 10.88 60.91 11.03
N MET C 655 10.90 59.65 10.62
CA MET C 655 9.68 58.89 10.54
C MET C 655 9.26 58.60 11.97
N ASP C 656 10.22 58.14 12.76
CA ASP C 656 9.96 57.77 14.14
C ASP C 656 9.55 58.97 14.98
N ALA C 657 10.12 60.14 14.70
CA ALA C 657 9.87 61.32 15.53
C ALA C 657 8.45 61.84 15.37
N LEU C 658 7.95 61.73 14.14
CA LEU C 658 6.60 62.18 13.83
C LEU C 658 5.54 61.28 14.49
N ALA C 659 5.76 59.97 14.45
CA ALA C 659 4.84 59.02 15.09
C ALA C 659 5.02 59.01 16.61
N GLY C 660 6.28 59.09 17.05
CA GLY C 660 6.62 59.16 18.46
C GLY C 660 5.90 58.16 19.35
N GLY C 661 5.56 57.01 18.77
CA GLY C 661 4.84 55.98 19.51
C GLY C 661 5.70 55.32 20.58
N LYS C 662 6.23 54.15 20.24
CA LYS C 662 7.10 53.42 21.16
C LYS C 662 7.81 52.26 20.45
N LYS C 663 9.02 51.95 20.89
CA LYS C 663 9.78 50.85 20.33
C LYS C 663 9.32 49.53 20.91
N LEU C 664 9.17 48.54 20.02
CA LEU C 664 8.84 47.18 20.39
C LEU C 664 10.14 46.40 20.53
N LYS C 665 10.26 45.65 21.64
CA LYS C 665 11.37 44.71 21.83
C LYS C 665 10.85 43.36 22.33
N VAL C 666 11.60 42.30 22.03
CA VAL C 666 11.19 40.95 22.43
C VAL C 666 12.10 40.35 23.50
N ALA C 667 11.47 39.71 24.49
CA ALA C 667 12.22 39.10 25.60
C ALA C 667 11.77 37.66 25.85
N SER D 22 18.75 6.06 71.07
CA SER D 22 19.31 6.95 70.06
C SER D 22 19.37 6.27 68.70
N ARG D 23 18.71 6.88 67.71
CA ARG D 23 18.66 6.33 66.35
C ARG D 23 18.89 7.42 65.28
N ASP D 24 19.00 7.01 64.02
CA ASP D 24 19.23 7.96 62.93
C ASP D 24 17.95 8.22 62.14
N LEU D 25 17.62 9.50 61.99
CA LEU D 25 16.40 9.90 61.28
C LEU D 25 16.70 10.22 59.82
N GLN D 26 17.95 10.55 59.53
CA GLN D 26 18.37 10.91 58.18
C GLN D 26 18.48 9.66 57.32
N ASN D 27 19.20 8.67 57.84
CA ASN D 27 19.32 7.37 57.20
C ASN D 27 18.42 6.38 57.90
N HIS D 28 17.13 6.45 57.62
CA HIS D 28 16.15 5.60 58.29
C HIS D 28 15.65 4.45 57.41
N LEU D 29 14.69 3.70 57.94
CA LEU D 29 14.10 2.59 57.21
C LEU D 29 12.65 2.88 56.89
N LEU D 30 12.08 2.13 55.97
CA LEU D 30 10.71 2.34 55.53
C LEU D 30 10.03 1.03 55.17
N PHE D 31 8.86 0.80 55.76
CA PHE D 31 8.08 -0.40 55.49
C PHE D 31 6.65 -0.03 55.16
N GLU D 32 6.15 -0.52 54.02
CA GLU D 32 4.81 -0.21 53.59
C GLU D 32 3.95 -1.47 53.57
N THR D 33 2.83 -1.42 54.30
CA THR D 33 1.97 -2.58 54.46
C THR D 33 0.57 -2.32 53.93
N ALA D 34 0.06 -3.28 53.16
CA ALA D 34 -1.32 -3.25 52.69
C ALA D 34 -1.72 -4.63 52.19
N THR D 35 -3.03 -4.88 52.13
CA THR D 35 -3.54 -6.15 51.65
C THR D 35 -3.11 -6.47 50.22
N GLU D 36 -3.07 -5.44 49.38
CA GLU D 36 -2.82 -5.62 47.94
C GLU D 36 -1.36 -5.45 47.52
N VAL D 37 -0.45 -6.23 48.09
CA VAL D 37 0.96 -6.07 47.76
C VAL D 37 1.42 -6.98 46.62
N ALA D 38 0.66 -8.04 46.36
CA ALA D 38 1.00 -8.94 45.27
C ALA D 38 -0.22 -9.23 44.42
N ASN D 39 -1.40 -9.02 45.01
CA ASN D 39 -2.65 -9.36 44.34
C ASN D 39 -3.53 -8.14 44.04
N ARG D 40 -3.80 -7.91 42.77
CA ARG D 40 -4.70 -6.84 42.36
C ARG D 40 -6.06 -7.08 42.98
N VAL D 41 -6.47 -6.17 43.86
CA VAL D 41 -7.79 -6.25 44.50
C VAL D 41 -8.47 -4.88 44.50
N GLY D 42 -7.92 -3.94 43.73
CA GLY D 42 -8.55 -2.64 43.60
C GLY D 42 -7.60 -1.45 43.53
N GLY D 43 -8.15 -0.27 43.85
CA GLY D 43 -7.41 0.97 43.76
C GLY D 43 -6.02 0.94 44.37
N ILE D 44 -5.88 0.29 45.51
CA ILE D 44 -4.62 0.33 46.25
C ILE D 44 -3.45 -0.31 45.49
N TYR D 45 -3.73 -1.41 44.80
CA TYR D 45 -2.72 -2.09 44.00
C TYR D 45 -1.98 -1.10 43.10
N SER D 46 -2.74 -0.36 42.29
CA SER D 46 -2.17 0.52 41.29
C SER D 46 -1.36 1.64 41.93
N VAL D 47 -1.77 2.07 43.12
CA VAL D 47 -1.09 3.13 43.83
C VAL D 47 0.29 2.67 44.28
N LEU D 48 0.35 1.54 44.97
CA LEU D 48 1.63 0.99 45.41
C LEU D 48 2.53 0.68 44.23
N LYS D 49 1.94 0.11 43.18
CA LYS D 49 2.66 -0.29 41.97
C LYS D 49 3.39 0.87 41.29
N SER D 50 2.72 2.02 41.16
CA SER D 50 3.30 3.15 40.42
C SER D 50 4.17 4.04 41.29
N LYS D 51 3.99 3.96 42.60
CA LYS D 51 4.79 4.76 43.53
C LYS D 51 6.12 4.09 43.83
N ALA D 52 6.25 2.82 43.46
CA ALA D 52 7.52 2.13 43.65
C ALA D 52 8.71 2.95 43.12
N PRO D 53 8.72 3.26 41.81
CA PRO D 53 9.86 3.92 41.17
C PRO D 53 10.35 5.17 41.91
N ILE D 54 9.44 5.92 42.51
CA ILE D 54 9.79 7.17 43.17
C ILE D 54 10.29 6.97 44.61
N THR D 55 9.85 5.90 45.28
CA THR D 55 10.29 5.65 46.65
C THR D 55 11.51 4.73 46.71
N VAL D 56 11.68 3.89 45.69
CA VAL D 56 12.86 3.03 45.58
C VAL D 56 14.09 3.84 45.21
N ALA D 57 13.87 4.96 44.55
CA ALA D 57 14.96 5.83 44.14
C ALA D 57 15.50 6.63 45.33
N GLN D 58 14.63 6.92 46.28
CA GLN D 58 15.02 7.68 47.47
C GLN D 58 15.68 6.79 48.53
N TYR D 59 15.36 5.50 48.51
CA TYR D 59 15.86 4.58 49.53
C TYR D 59 16.71 3.34 49.23
N LYS D 60 16.43 2.69 48.10
CA LYS D 60 17.25 1.59 47.59
C LYS D 60 17.04 0.32 48.42
N ASP D 61 17.89 0.12 49.43
CA ASP D 61 17.85 -1.08 50.26
C ASP D 61 16.85 -0.92 51.39
N HIS D 62 16.73 0.32 51.86
CA HIS D 62 16.03 0.60 53.12
C HIS D 62 14.52 0.52 53.02
N TYR D 63 14.01 0.17 51.83
CA TYR D 63 12.57 0.15 51.59
C TYR D 63 12.04 -1.25 51.32
N HIS D 64 10.97 -1.62 52.02
CA HIS D 64 10.34 -2.92 51.86
C HIS D 64 8.81 -2.86 51.84
N LEU D 65 8.20 -3.74 51.06
CA LEU D 65 6.74 -3.86 51.02
C LEU D 65 6.29 -5.13 51.74
N ILE D 66 5.13 -5.06 52.40
CA ILE D 66 4.65 -6.18 53.20
C ILE D 66 3.18 -6.49 52.96
N GLY D 67 2.84 -7.76 52.80
CA GLY D 67 1.46 -8.16 52.60
C GLY D 67 1.20 -9.65 52.66
N PRO D 68 -0.09 -10.05 52.71
CA PRO D 68 -0.50 -11.46 52.72
C PRO D 68 -0.05 -12.16 51.45
N LEU D 69 0.26 -13.45 51.56
CA LEU D 69 0.70 -14.24 50.43
C LEU D 69 -0.48 -14.83 49.67
N ASN D 70 -0.68 -14.36 48.44
CA ASN D 70 -1.75 -14.90 47.61
C ASN D 70 -1.29 -16.18 46.94
N LYS D 71 -1.55 -17.31 47.58
CA LYS D 71 -1.08 -18.60 47.10
C LYS D 71 -1.35 -18.82 45.62
N ALA D 72 -2.45 -18.27 45.13
CA ALA D 72 -2.84 -18.44 43.73
C ALA D 72 -1.94 -17.67 42.75
N THR D 73 -1.86 -16.36 42.94
CA THR D 73 -1.25 -15.48 41.95
C THR D 73 0.23 -15.14 42.20
N TYR D 74 0.61 -15.01 43.45
CA TYR D 74 1.95 -14.53 43.80
C TYR D 74 3.04 -15.20 42.95
N GLN D 75 2.80 -16.45 42.56
CA GLN D 75 3.76 -17.20 41.76
C GLN D 75 4.09 -16.46 40.47
N ASN D 76 3.15 -15.66 40.00
CA ASN D 76 3.28 -14.93 38.74
C ASN D 76 3.85 -13.52 38.91
N GLU D 77 3.55 -12.89 40.05
CA GLU D 77 3.92 -11.50 40.30
C GLU D 77 5.32 -11.33 40.90
N VAL D 78 5.74 -12.31 41.69
CA VAL D 78 6.94 -12.15 42.51
C VAL D 78 8.18 -12.85 41.96
N ASP D 79 9.35 -12.28 42.26
CA ASP D 79 10.62 -12.88 41.90
C ASP D 79 11.19 -13.60 43.14
N ILE D 80 10.61 -14.76 43.47
CA ILE D 80 11.02 -15.51 44.65
C ILE D 80 12.54 -15.70 44.67
N LEU D 81 13.16 -15.35 45.79
CA LEU D 81 14.62 -15.41 45.88
C LEU D 81 15.14 -16.01 47.18
N ASP D 82 16.48 -16.08 47.28
CA ASP D 82 17.15 -16.64 48.44
C ASP D 82 17.56 -15.55 49.43
N TRP D 83 16.82 -15.47 50.53
CA TRP D 83 17.06 -14.49 51.59
C TRP D 83 18.16 -14.98 52.53
N LYS D 84 18.66 -16.18 52.26
CA LYS D 84 19.67 -16.83 53.10
C LYS D 84 21.07 -16.35 52.74
N LYS D 85 21.37 -16.25 51.44
CA LYS D 85 22.65 -15.76 50.97
C LYS D 85 23.12 -14.55 51.76
N PRO D 86 24.44 -14.37 51.84
CA PRO D 86 25.03 -13.23 52.55
C PRO D 86 24.91 -11.96 51.70
N GLU D 87 25.11 -12.11 50.39
CA GLU D 87 25.01 -10.99 49.47
C GLU D 87 23.57 -10.47 49.37
N ALA D 88 22.61 -11.32 49.74
CA ALA D 88 21.19 -10.97 49.70
C ALA D 88 20.86 -9.72 50.54
N PHE D 89 21.88 -9.17 51.19
CA PHE D 89 21.75 -7.91 51.93
C PHE D 89 23.11 -7.24 52.02
N SER D 90 23.17 -6.12 52.75
CA SER D 90 24.43 -5.48 53.07
C SER D 90 24.70 -5.67 54.56
N ASP D 91 25.71 -5.00 55.08
CA ASP D 91 26.02 -5.11 56.51
C ASP D 91 25.08 -4.28 57.36
N GLU D 92 24.78 -3.06 56.93
CA GLU D 92 23.86 -2.19 57.66
C GLU D 92 22.39 -2.59 57.46
N MET D 93 22.18 -3.61 56.62
CA MET D 93 20.83 -4.12 56.37
C MET D 93 20.69 -5.59 56.78
N ARG D 94 21.74 -6.13 57.38
CA ARG D 94 21.68 -7.48 57.95
C ARG D 94 20.51 -7.63 58.91
N PRO D 95 20.33 -6.66 59.83
CA PRO D 95 19.26 -6.70 60.84
C PRO D 95 17.97 -7.37 60.35
N VAL D 96 17.51 -6.99 59.17
CA VAL D 96 16.28 -7.56 58.63
C VAL D 96 16.44 -9.06 58.36
N GLN D 97 17.60 -9.44 57.85
CA GLN D 97 17.90 -10.84 57.57
C GLN D 97 17.82 -11.69 58.85
N HIS D 98 18.34 -11.14 59.94
CA HIS D 98 18.31 -11.81 61.24
C HIS D 98 16.92 -11.77 61.85
N ALA D 99 16.06 -10.90 61.33
CA ALA D 99 14.68 -10.85 61.76
C ALA D 99 13.82 -11.79 60.93
N LEU D 100 14.43 -12.40 59.91
CA LEU D 100 13.73 -13.39 59.09
C LEU D 100 13.98 -14.80 59.60
N GLN D 101 15.07 -14.98 60.33
CA GLN D 101 15.30 -16.22 61.04
C GLN D 101 14.40 -16.25 62.26
N THR D 102 14.22 -15.09 62.88
CA THR D 102 13.37 -14.94 64.06
C THR D 102 11.91 -15.31 63.74
N MET D 103 11.62 -15.47 62.46
CA MET D 103 10.29 -15.94 62.04
C MET D 103 10.43 -17.33 61.43
N GLU D 104 11.57 -17.58 60.78
CA GLU D 104 11.86 -18.87 60.16
C GLU D 104 11.96 -20.00 61.20
N SER D 105 12.39 -19.64 62.40
CA SER D 105 12.50 -20.59 63.51
C SER D 105 11.13 -20.98 64.05
N ARG D 106 10.23 -19.99 64.13
CA ARG D 106 8.92 -20.17 64.75
C ARG D 106 7.92 -20.87 63.83
N GLY D 107 8.41 -21.35 62.68
CA GLY D 107 7.59 -22.09 61.74
C GLY D 107 6.77 -21.22 60.81
N VAL D 108 6.92 -19.89 60.95
CA VAL D 108 6.16 -18.93 60.15
C VAL D 108 6.74 -18.77 58.74
N HIS D 109 6.15 -19.47 57.77
CA HIS D 109 6.64 -19.43 56.39
C HIS D 109 6.37 -18.06 55.74
N PHE D 110 7.23 -17.66 54.82
CA PHE D 110 7.12 -16.36 54.17
C PHE D 110 7.92 -16.32 52.88
N VAL D 111 7.42 -15.57 51.90
CA VAL D 111 8.14 -15.39 50.64
C VAL D 111 8.95 -14.09 50.64
N TYR D 112 9.99 -14.03 49.83
CA TYR D 112 10.85 -12.85 49.76
C TYR D 112 11.51 -12.77 48.39
N GLY D 113 11.59 -11.56 47.85
CA GLY D 113 12.22 -11.34 46.56
C GLY D 113 12.02 -9.95 45.97
N ARG D 114 11.32 -9.91 44.83
CA ARG D 114 11.08 -8.65 44.13
C ARG D 114 9.74 -8.66 43.40
N TRP D 115 9.11 -7.48 43.34
CA TRP D 115 7.92 -7.31 42.52
C TRP D 115 8.37 -7.14 41.08
N LEU D 116 7.73 -7.84 40.15
CA LEU D 116 8.11 -7.80 38.74
C LEU D 116 7.51 -6.60 38.01
N ILE D 117 7.73 -5.42 38.56
CA ILE D 117 7.23 -4.16 38.01
C ILE D 117 8.39 -3.18 37.87
N GLU D 118 8.13 -2.06 37.23
CA GLU D 118 9.15 -1.02 37.15
C GLU D 118 9.51 -0.57 38.57
N GLY D 119 10.81 -0.51 38.85
CA GLY D 119 11.30 -0.10 40.16
C GLY D 119 11.72 -1.29 41.02
N ALA D 120 11.07 -2.43 40.80
CA ALA D 120 11.37 -3.68 41.51
C ALA D 120 11.69 -3.49 42.99
N PRO D 121 10.65 -3.22 43.80
CA PRO D 121 10.82 -3.04 45.24
C PRO D 121 10.96 -4.42 45.90
N LYS D 122 11.55 -4.45 47.10
CA LYS D 122 11.66 -5.71 47.83
C LYS D 122 10.34 -6.08 48.51
N VAL D 123 9.93 -7.34 48.35
CA VAL D 123 8.63 -7.80 48.82
C VAL D 123 8.72 -8.86 49.92
N ILE D 124 7.90 -8.72 50.95
CA ILE D 124 7.80 -9.72 52.01
C ILE D 124 6.35 -10.16 52.22
N LEU D 125 6.04 -11.36 51.73
CA LEU D 125 4.68 -11.90 51.83
C LEU D 125 4.57 -12.98 52.90
N PHE D 126 3.72 -12.73 53.89
CA PHE D 126 3.56 -13.67 55.01
C PHE D 126 2.46 -14.69 54.77
N ASP D 127 2.86 -15.92 54.49
CA ASP D 127 1.93 -17.04 54.32
C ASP D 127 1.04 -17.16 55.56
N LEU D 128 -0.14 -16.56 55.51
CA LEU D 128 -1.05 -16.57 56.64
C LEU D 128 -1.49 -17.99 57.01
N ASP D 129 -1.50 -18.87 56.01
CA ASP D 129 -1.87 -20.28 56.23
C ASP D 129 -1.09 -20.87 57.41
N SER D 130 0.24 -20.81 57.34
CA SER D 130 1.10 -21.34 58.38
C SER D 130 1.20 -20.37 59.56
N VAL D 131 0.05 -19.98 60.10
CA VAL D 131 -0.04 -19.08 61.24
C VAL D 131 -1.43 -19.17 61.86
N ARG D 132 -2.39 -19.62 61.05
CA ARG D 132 -3.79 -19.65 61.45
C ARG D 132 -4.03 -20.20 62.86
N GLY D 133 -3.32 -21.27 63.21
CA GLY D 133 -3.46 -21.91 64.50
C GLY D 133 -3.55 -20.94 65.67
N TYR D 134 -2.73 -19.90 65.65
CA TYR D 134 -2.69 -18.91 66.72
C TYR D 134 -4.00 -18.12 66.80
N SER D 135 -5.00 -18.58 66.06
CA SER D 135 -6.28 -17.87 65.93
C SER D 135 -6.89 -17.45 67.26
N ASN D 136 -7.60 -18.38 67.89
CA ASN D 136 -8.40 -18.05 69.08
C ASN D 136 -7.67 -17.26 70.17
N GLU D 137 -6.35 -17.41 70.23
CA GLU D 137 -5.57 -16.61 71.17
C GLU D 137 -5.63 -15.14 70.78
N TRP D 138 -5.10 -14.82 69.60
CA TRP D 138 -5.03 -13.45 69.12
C TRP D 138 -6.40 -12.78 69.19
N LYS D 139 -7.38 -13.41 68.56
CA LYS D 139 -8.75 -12.87 68.52
C LYS D 139 -9.18 -12.36 69.90
N GLY D 140 -9.12 -13.24 70.90
CA GLY D 140 -9.53 -12.90 72.25
C GLY D 140 -8.67 -11.82 72.88
N ASP D 141 -7.36 -11.89 72.62
CA ASP D 141 -6.42 -10.89 73.12
C ASP D 141 -6.83 -9.51 72.65
N LEU D 142 -7.20 -9.45 71.38
CA LEU D 142 -7.64 -8.20 70.76
C LEU D 142 -8.94 -7.72 71.42
N TRP D 143 -9.87 -8.66 71.58
CA TRP D 143 -11.20 -8.39 72.12
C TRP D 143 -11.15 -7.88 73.57
N SER D 144 -10.16 -8.31 74.33
CA SER D 144 -9.97 -7.80 75.70
C SER D 144 -8.77 -6.85 75.81
N LEU D 145 -8.26 -6.40 74.66
CA LEU D 145 -7.20 -5.39 74.61
C LEU D 145 -7.69 -4.04 74.11
N VAL D 146 -8.39 -4.06 72.97
CA VAL D 146 -8.91 -2.83 72.38
C VAL D 146 -10.44 -2.81 72.35
N GLY D 147 -11.05 -3.99 72.45
CA GLY D 147 -12.50 -4.08 72.55
C GLY D 147 -13.18 -4.32 71.21
N ILE D 148 -12.68 -5.31 70.48
CA ILE D 148 -13.14 -5.57 69.12
C ILE D 148 -13.80 -6.95 69.20
N PRO D 149 -15.06 -7.06 68.73
CA PRO D 149 -15.72 -8.37 68.60
C PRO D 149 -15.06 -9.12 67.44
N SER D 150 -15.56 -10.31 67.12
CA SER D 150 -15.01 -11.06 66.00
C SER D 150 -15.92 -12.16 65.49
N PRO D 151 -17.15 -11.81 65.08
CA PRO D 151 -18.07 -12.77 64.46
C PRO D 151 -17.37 -13.71 63.49
N GLU D 152 -16.89 -14.83 64.04
CA GLU D 152 -16.22 -15.90 63.31
C GLU D 152 -16.25 -15.85 61.78
N ASN D 153 -17.44 -16.00 61.20
CA ASN D 153 -17.59 -16.22 59.74
C ASN D 153 -17.13 -15.08 58.84
N ASP D 154 -16.56 -14.03 59.42
CA ASP D 154 -16.00 -12.94 58.64
C ASP D 154 -14.59 -13.30 58.20
N PHE D 155 -14.49 -14.06 57.11
CA PHE D 155 -13.18 -14.50 56.60
C PHE D 155 -12.19 -13.35 56.42
N GLU D 156 -12.70 -12.18 56.01
CA GLU D 156 -11.86 -11.01 55.79
C GLU D 156 -11.15 -10.52 57.06
N THR D 157 -11.92 -10.25 58.12
CA THR D 157 -11.33 -9.78 59.38
C THR D 157 -10.37 -10.81 59.95
N ASN D 158 -10.72 -12.08 59.84
CA ASN D 158 -9.81 -13.14 60.27
C ASN D 158 -8.44 -12.96 59.63
N ASP D 159 -8.39 -13.11 58.31
CA ASP D 159 -7.15 -12.94 57.57
C ASP D 159 -6.59 -11.53 57.69
N ALA D 160 -7.30 -10.66 58.40
CA ALA D 160 -6.81 -9.32 58.67
C ALA D 160 -6.09 -9.28 60.00
N ILE D 161 -6.67 -9.95 60.99
CA ILE D 161 -6.06 -10.04 62.32
C ILE D 161 -4.77 -10.85 62.25
N LEU D 162 -4.80 -11.97 61.54
CA LEU D 162 -3.60 -12.73 61.29
C LEU D 162 -2.50 -11.79 60.82
N LEU D 163 -2.78 -11.07 59.73
CA LEU D 163 -1.82 -10.16 59.11
C LEU D 163 -1.27 -9.14 60.09
N GLY D 164 -2.15 -8.39 60.74
CA GLY D 164 -1.72 -7.38 61.70
C GLY D 164 -0.76 -7.92 62.75
N TYR D 165 -1.12 -9.02 63.39
CA TYR D 165 -0.30 -9.61 64.44
C TYR D 165 1.04 -10.14 63.93
N THR D 166 1.01 -10.81 62.79
CA THR D 166 2.23 -11.30 62.17
C THR D 166 3.18 -10.15 61.84
N VAL D 167 2.61 -9.01 61.48
CA VAL D 167 3.41 -7.86 61.09
C VAL D 167 3.92 -7.09 62.31
N ALA D 168 3.04 -6.88 63.29
CA ALA D 168 3.43 -6.27 64.56
C ALA D 168 4.51 -7.13 65.19
N TRP D 169 4.40 -8.45 64.97
CA TRP D 169 5.39 -9.42 65.40
C TRP D 169 6.75 -9.14 64.75
N PHE D 170 6.76 -9.14 63.42
CA PHE D 170 7.97 -8.91 62.64
C PHE D 170 8.63 -7.56 62.93
N LEU D 171 7.83 -6.49 62.96
CA LEU D 171 8.35 -5.14 63.20
C LEU D 171 9.06 -5.01 64.55
N GLY D 172 8.38 -5.44 65.62
CA GLY D 172 8.96 -5.40 66.95
C GLY D 172 10.32 -6.08 67.02
N GLU D 173 10.45 -7.21 66.33
CA GLU D 173 11.70 -7.96 66.32
C GLU D 173 12.76 -7.34 65.41
N VAL D 174 12.34 -6.42 64.54
CA VAL D 174 13.28 -5.71 63.68
C VAL D 174 13.83 -4.47 64.39
N ALA D 175 12.98 -3.83 65.19
CA ALA D 175 13.40 -2.68 65.97
C ALA D 175 14.43 -3.13 67.00
N HIS D 176 14.32 -4.39 67.42
CA HIS D 176 15.18 -4.95 68.44
C HIS D 176 16.58 -5.31 67.92
N LEU D 177 16.62 -6.00 66.78
CA LEU D 177 17.88 -6.48 66.19
C LEU D 177 18.55 -5.43 65.31
N ASP D 178 18.20 -4.16 65.53
CA ASP D 178 18.71 -3.06 64.73
C ASP D 178 18.69 -1.79 65.57
N SER D 179 19.78 -1.03 65.52
CA SER D 179 19.96 0.13 66.39
C SER D 179 20.25 1.42 65.60
N GLN D 180 20.92 1.27 64.47
CA GLN D 180 21.41 2.41 63.69
C GLN D 180 20.32 3.25 63.04
N HIS D 181 19.41 2.58 62.33
CA HIS D 181 18.36 3.26 61.59
C HIS D 181 17.14 3.51 62.46
N ALA D 182 16.43 4.60 62.17
CA ALA D 182 15.08 4.77 62.67
C ALA D 182 14.21 3.80 61.90
N ILE D 183 12.93 3.70 62.24
CA ILE D 183 12.06 2.78 61.54
C ILE D 183 10.67 3.36 61.33
N VAL D 184 10.29 3.49 60.06
CA VAL D 184 8.97 3.98 59.69
C VAL D 184 8.13 2.85 59.07
N ALA D 185 6.86 2.79 59.45
CA ALA D 185 5.96 1.76 58.90
C ALA D 185 4.64 2.38 58.46
N HIS D 186 4.38 2.30 57.16
CA HIS D 186 3.21 2.89 56.56
C HIS D 186 2.16 1.81 56.32
N PHE D 187 0.91 2.09 56.67
CA PHE D 187 -0.14 1.09 56.55
C PHE D 187 -1.32 1.62 55.75
N HIS D 188 -1.73 0.85 54.74
CA HIS D 188 -2.79 1.26 53.82
C HIS D 188 -4.10 0.51 54.00
N GLU D 189 -5.17 1.28 54.22
CA GLU D 189 -6.52 0.75 54.39
C GLU D 189 -6.66 -0.07 55.67
N TRP D 190 -7.90 -0.27 56.11
CA TRP D 190 -8.14 -0.93 57.38
C TRP D 190 -7.73 -2.41 57.40
N LEU D 191 -7.90 -3.08 56.27
CA LEU D 191 -7.50 -4.49 56.16
C LEU D 191 -6.06 -4.76 56.63
N ALA D 192 -5.27 -3.69 56.81
CA ALA D 192 -3.88 -3.84 57.21
C ALA D 192 -3.53 -2.96 58.40
N GLY D 193 -4.56 -2.46 59.08
CA GLY D 193 -4.37 -1.57 60.22
C GLY D 193 -4.41 -2.29 61.56
N VAL D 194 -4.69 -3.59 61.51
CA VAL D 194 -4.66 -4.43 62.69
C VAL D 194 -3.40 -4.14 63.50
N ALA D 195 -2.24 -4.19 62.83
CA ALA D 195 -0.95 -4.08 63.49
C ALA D 195 -0.63 -2.70 64.08
N LEU D 196 -1.51 -1.73 63.87
CA LEU D 196 -1.22 -0.35 64.27
C LEU D 196 -1.51 0.00 65.74
N PRO D 197 -2.63 -0.49 66.29
CA PRO D 197 -2.92 -0.31 67.73
C PRO D 197 -1.95 -1.08 68.62
N LEU D 198 -1.45 -2.20 68.11
CA LEU D 198 -0.46 -3.01 68.82
C LEU D 198 0.83 -2.22 69.06
N CYS D 199 1.31 -1.53 68.04
CA CYS D 199 2.56 -0.79 68.14
C CYS D 199 2.51 0.41 69.11
N ARG D 200 1.31 0.87 69.43
CA ARG D 200 1.16 1.94 70.41
C ARG D 200 1.04 1.38 71.83
N LYS D 201 0.17 0.40 72.00
CA LYS D 201 0.02 -0.30 73.27
C LYS D 201 1.32 -0.99 73.71
N ARG D 202 2.06 -1.56 72.75
CA ARG D 202 3.31 -2.26 73.03
C ARG D 202 4.52 -1.32 73.08
N ARG D 203 4.33 -0.09 72.64
CA ARG D 203 5.38 0.93 72.70
C ARG D 203 6.63 0.61 71.86
N ILE D 204 6.51 -0.32 70.92
CA ILE D 204 7.62 -0.64 70.03
C ILE D 204 8.26 0.65 69.51
N ASP D 205 9.54 0.58 69.16
CA ASP D 205 10.25 1.76 68.65
C ASP D 205 10.26 1.83 67.13
N VAL D 206 9.09 2.07 66.57
CA VAL D 206 8.92 2.30 65.14
C VAL D 206 7.85 3.37 64.98
N VAL D 207 8.06 4.27 64.02
CA VAL D 207 7.06 5.30 63.77
C VAL D 207 6.04 4.78 62.76
N THR D 208 4.76 5.03 63.05
CA THR D 208 3.68 4.49 62.25
C THR D 208 2.90 5.57 61.53
N ILE D 209 2.49 5.28 60.30
CA ILE D 209 1.56 6.12 59.57
C ILE D 209 0.39 5.27 59.08
N PHE D 210 -0.82 5.83 59.15
CA PHE D 210 -1.97 5.14 58.60
C PHE D 210 -2.64 6.00 57.54
N THR D 211 -2.88 5.40 56.39
CA THR D 211 -3.52 6.06 55.27
C THR D 211 -4.79 5.33 54.90
N THR D 212 -5.92 6.03 54.92
CA THR D 212 -7.18 5.38 54.56
C THR D 212 -7.73 5.91 53.24
N HIS D 213 -7.85 5.03 52.25
CA HIS D 213 -8.30 5.41 50.92
C HIS D 213 -9.82 5.47 50.82
N ALA D 214 -10.47 5.42 51.98
CA ALA D 214 -11.91 5.61 52.09
C ALA D 214 -12.29 5.49 53.55
N THR D 215 -13.59 5.32 53.82
CA THR D 215 -14.05 4.98 55.17
C THR D 215 -15.18 3.97 55.08
N LEU D 216 -15.18 3.02 56.02
CA LEU D 216 -16.18 1.96 56.02
C LEU D 216 -17.59 2.49 56.04
N LEU D 217 -17.89 3.40 56.97
CA LEU D 217 -19.21 4.02 57.00
C LEU D 217 -19.53 4.67 55.65
N GLY D 218 -18.59 5.48 55.18
CA GLY D 218 -18.72 6.21 53.92
C GLY D 218 -19.35 5.40 52.81
N ARG D 219 -18.74 4.27 52.46
CA ARG D 219 -19.28 3.43 51.40
C ARG D 219 -20.72 3.04 51.72
N TYR D 220 -20.90 2.38 52.86
CA TYR D 220 -22.17 1.72 53.21
C TYR D 220 -23.35 2.69 53.34
N LEU D 221 -23.12 3.87 53.89
CA LEU D 221 -24.18 4.86 54.00
C LEU D 221 -24.65 5.27 52.59
N CYS D 222 -23.73 5.17 51.64
CA CYS D 222 -23.97 5.57 50.26
C CYS D 222 -24.38 4.39 49.36
N ALA D 223 -24.97 3.37 49.97
CA ALA D 223 -25.52 2.26 49.20
C ALA D 223 -27.02 2.14 49.48
N SER D 224 -27.76 3.18 49.11
CA SER D 224 -29.20 3.25 49.36
C SER D 224 -29.81 4.49 48.68
N GLY D 225 -30.08 5.52 49.48
CA GLY D 225 -30.64 6.76 48.98
C GLY D 225 -30.80 7.81 50.07
N ASP D 228 -29.57 11.83 52.10
CA ASP D 228 -28.41 12.71 51.97
C ASP D 228 -27.20 12.00 52.57
N PHE D 229 -26.02 12.62 52.43
CA PHE D 229 -24.80 12.10 53.03
C PHE D 229 -23.76 13.20 53.34
N TYR D 230 -23.51 14.10 52.39
CA TYR D 230 -22.48 15.13 52.59
C TYR D 230 -22.99 16.31 53.44
N ASN D 231 -24.25 16.21 53.86
CA ASN D 231 -24.84 17.24 54.70
C ASN D 231 -25.22 16.71 56.09
N CYS D 232 -25.82 15.53 56.13
CA CYS D 232 -26.19 14.90 57.40
C CYS D 232 -25.19 13.81 57.81
N LEU D 233 -23.97 14.20 58.13
CA LEU D 233 -22.94 13.22 58.51
C LEU D 233 -22.12 13.70 59.70
N GLU D 234 -22.21 15.00 60.00
CA GLU D 234 -21.55 15.55 61.17
C GLU D 234 -22.37 15.19 62.40
N SER D 235 -23.63 14.83 62.16
CA SER D 235 -24.55 14.48 63.22
C SER D 235 -24.64 12.97 63.48
N VAL D 236 -24.67 12.15 62.42
CA VAL D 236 -24.90 10.71 62.55
C VAL D 236 -24.14 10.04 63.69
N ASP D 237 -24.79 9.08 64.31
CA ASP D 237 -24.23 8.34 65.44
C ASP D 237 -23.41 7.14 64.94
N VAL D 238 -22.09 7.26 65.01
CA VAL D 238 -21.17 6.28 64.39
C VAL D 238 -21.40 4.82 64.78
N ASP D 239 -21.62 4.55 66.06
CA ASP D 239 -21.72 3.18 66.53
C ASP D 239 -23.01 2.47 66.13
N HIS D 240 -24.14 3.17 66.22
CA HIS D 240 -25.43 2.58 65.91
C HIS D 240 -25.54 2.20 64.43
N GLU D 241 -24.70 2.81 63.59
CA GLU D 241 -24.72 2.55 62.15
C GLU D 241 -23.89 1.32 61.80
N ALA D 242 -22.69 1.24 62.37
CA ALA D 242 -21.84 0.07 62.16
C ALA D 242 -22.63 -1.17 62.52
N GLY D 243 -23.29 -1.13 63.68
CA GLY D 243 -24.15 -2.21 64.10
C GLY D 243 -25.26 -2.44 63.10
N ARG D 244 -25.91 -1.35 62.69
CA ARG D 244 -27.03 -1.43 61.74
C ARG D 244 -26.66 -2.22 60.48
N PHE D 245 -25.51 -1.92 59.89
CA PHE D 245 -25.08 -2.57 58.65
C PHE D 245 -24.43 -3.94 58.90
N GLY D 246 -24.22 -4.28 60.17
CA GLY D 246 -23.59 -5.53 60.55
C GLY D 246 -22.10 -5.52 60.28
N ILE D 247 -21.47 -4.41 60.65
CA ILE D 247 -20.06 -4.16 60.33
C ILE D 247 -19.35 -3.53 61.53
N TYR D 248 -19.92 -3.69 62.71
CA TYR D 248 -19.30 -3.12 63.90
C TYR D 248 -17.89 -3.67 64.10
N HIS D 249 -17.75 -4.99 63.94
CA HIS D 249 -16.46 -5.63 64.13
C HIS D 249 -15.37 -5.08 63.20
N ARG D 250 -15.72 -4.81 61.95
CA ARG D 250 -14.78 -4.20 61.02
C ARG D 250 -14.53 -2.74 61.38
N TYR D 251 -15.60 -1.95 61.43
CA TYR D 251 -15.47 -0.53 61.73
C TYR D 251 -14.54 -0.27 62.90
N CYS D 252 -14.50 -1.22 63.83
CA CYS D 252 -13.64 -1.08 65.00
C CYS D 252 -12.19 -0.98 64.58
N ILE D 253 -11.73 -1.97 63.83
CA ILE D 253 -10.33 -2.02 63.41
C ILE D 253 -9.87 -0.76 62.68
N GLU D 254 -10.81 -0.06 62.04
CA GLU D 254 -10.47 1.17 61.34
C GLU D 254 -10.27 2.32 62.32
N ARG D 255 -11.18 2.44 63.28
CA ARG D 255 -11.06 3.47 64.29
C ARG D 255 -9.74 3.29 65.04
N ALA D 256 -9.45 2.04 65.41
CA ALA D 256 -8.21 1.72 66.11
C ALA D 256 -7.00 2.26 65.37
N ALA D 257 -6.78 1.73 64.17
CA ALA D 257 -5.65 2.12 63.34
C ALA D 257 -5.55 3.63 63.15
N ALA D 258 -6.70 4.30 63.06
CA ALA D 258 -6.74 5.73 62.81
C ALA D 258 -6.34 6.55 64.04
N HIS D 259 -6.22 5.88 65.18
CA HIS D 259 -5.87 6.55 66.42
C HIS D 259 -4.46 6.18 66.88
N SER D 260 -4.12 4.91 66.76
CA SER D 260 -2.85 4.39 67.28
C SER D 260 -1.65 4.78 66.44
N ALA D 261 -1.88 5.49 65.35
CA ALA D 261 -0.80 5.86 64.45
C ALA D 261 -0.24 7.23 64.79
N ASP D 262 1.06 7.39 64.58
CA ASP D 262 1.71 8.69 64.76
C ASP D 262 0.99 9.72 63.90
N VAL D 263 1.01 9.49 62.59
CA VAL D 263 0.34 10.37 61.63
C VAL D 263 -0.85 9.65 60.98
N PHE D 264 -1.95 10.37 60.82
CA PHE D 264 -3.14 9.83 60.16
C PHE D 264 -3.46 10.67 58.92
N THR D 265 -3.63 10.00 57.78
CA THR D 265 -3.93 10.70 56.53
C THR D 265 -4.94 9.93 55.67
N THR D 266 -5.66 10.67 54.82
CA THR D 266 -6.49 10.06 53.81
C THR D 266 -5.95 10.46 52.44
N VAL D 267 -6.72 10.22 51.39
CA VAL D 267 -6.23 10.48 50.03
C VAL D 267 -6.63 11.85 49.46
N SER D 268 -7.62 12.50 50.07
CA SER D 268 -8.07 13.79 49.57
C SER D 268 -8.84 14.59 50.62
N GLN D 269 -8.98 15.90 50.39
CA GLN D 269 -9.77 16.75 51.27
C GLN D 269 -11.14 16.16 51.62
N ILE D 270 -11.98 15.93 50.61
CA ILE D 270 -13.35 15.48 50.86
C ILE D 270 -13.42 14.25 51.73
N THR D 271 -12.39 13.42 51.67
CA THR D 271 -12.33 12.23 52.51
C THR D 271 -11.74 12.55 53.88
N ALA D 272 -11.00 13.65 53.97
CA ALA D 272 -10.51 14.11 55.26
C ALA D 272 -11.70 14.55 56.09
N PHE D 273 -12.54 15.39 55.49
CA PHE D 273 -13.79 15.82 56.11
C PHE D 273 -14.59 14.60 56.54
N GLU D 274 -14.99 13.80 55.56
CA GLU D 274 -15.70 12.56 55.82
C GLU D 274 -15.12 11.73 56.98
N ALA D 275 -13.78 11.64 57.03
CA ALA D 275 -13.13 10.81 58.05
C ALA D 275 -13.03 11.49 59.41
N GLU D 276 -13.19 12.82 59.43
CA GLU D 276 -13.14 13.57 60.69
C GLU D 276 -14.36 13.24 61.55
N HIS D 277 -15.54 13.29 60.95
CA HIS D 277 -16.79 13.05 61.67
C HIS D 277 -17.21 11.58 61.61
N LEU D 278 -16.31 10.70 61.20
CA LEU D 278 -16.66 9.28 61.12
C LEU D 278 -15.61 8.37 61.74
N LEU D 279 -14.41 8.89 61.93
CA LEU D 279 -13.37 8.17 62.66
C LEU D 279 -12.90 9.03 63.85
N LYS D 280 -13.48 10.22 63.95
CA LYS D 280 -13.15 11.16 65.02
C LYS D 280 -11.64 11.39 65.13
N ARG D 281 -11.02 11.88 64.06
CA ARG D 281 -9.65 12.36 64.12
C ARG D 281 -9.25 13.08 62.84
N LYS D 282 -9.34 14.42 62.87
CA LYS D 282 -8.84 15.24 61.78
C LYS D 282 -7.50 14.70 61.30
N PRO D 283 -7.40 14.45 59.98
CA PRO D 283 -6.15 13.93 59.41
C PRO D 283 -5.04 14.98 59.44
N ASP D 284 -3.83 14.53 59.71
CA ASP D 284 -2.67 15.39 59.80
C ASP D 284 -2.06 15.66 58.43
N GLY D 285 -2.87 15.65 57.38
CA GLY D 285 -2.40 15.87 56.03
C GLY D 285 -3.08 15.01 54.97
N ILE D 286 -2.74 15.26 53.70
CA ILE D 286 -3.33 14.56 52.57
C ILE D 286 -2.27 13.78 51.78
N LEU D 287 -2.59 12.56 51.37
CA LEU D 287 -1.69 11.79 50.51
C LEU D 287 -2.33 11.46 49.15
N PRO D 288 -2.34 12.44 48.24
CA PRO D 288 -2.98 12.33 46.92
C PRO D 288 -2.33 11.24 46.08
N ASN D 289 -3.14 10.49 45.33
CA ASN D 289 -2.64 9.42 44.48
C ASN D 289 -2.02 9.93 43.17
N GLY D 290 -0.73 9.69 43.01
CA GLY D 290 -0.03 10.11 41.81
C GLY D 290 -0.04 9.03 40.75
N LEU D 291 0.47 9.37 39.58
CA LEU D 291 0.60 8.41 38.50
C LEU D 291 2.02 8.41 37.96
N ASN D 292 2.45 7.25 37.47
CA ASN D 292 3.73 7.16 36.79
C ASN D 292 3.58 7.60 35.35
N VAL D 293 3.49 8.91 35.15
CA VAL D 293 3.27 9.47 33.82
C VAL D 293 4.46 9.17 32.93
N ILE D 294 4.18 8.86 31.67
CA ILE D 294 5.24 8.62 30.71
C ILE D 294 5.19 9.72 29.66
N LYS D 295 6.19 10.60 29.67
CA LYS D 295 6.22 11.69 28.71
C LYS D 295 6.80 11.28 27.37
N PHE D 296 6.34 11.96 26.32
CA PHE D 296 6.85 11.72 24.98
C PHE D 296 8.00 12.67 24.75
N GLN D 297 8.95 12.28 23.91
CA GLN D 297 10.04 13.17 23.58
C GLN D 297 9.53 14.56 23.17
N ALA D 298 8.64 14.61 22.19
CA ALA D 298 8.01 15.87 21.78
C ALA D 298 6.76 16.12 22.60
N PHE D 299 6.50 17.37 22.97
CA PHE D 299 5.33 17.64 23.80
C PHE D 299 4.04 17.44 23.03
N HIS D 300 4.05 17.87 21.77
CA HIS D 300 2.85 17.83 20.95
C HIS D 300 2.52 16.43 20.43
N GLU D 301 3.31 15.43 20.83
CA GLU D 301 3.05 14.06 20.38
C GLU D 301 1.66 13.57 20.79
N PHE D 302 1.29 13.76 22.04
CA PHE D 302 -0.03 13.36 22.49
C PHE D 302 -1.08 13.89 21.51
N GLN D 303 -0.82 15.08 20.98
CA GLN D 303 -1.74 15.71 20.05
C GLN D 303 -1.90 14.88 18.76
N ASN D 304 -0.82 14.29 18.28
CA ASN D 304 -0.90 13.40 17.13
C ASN D 304 -1.66 12.13 17.46
N LEU D 305 -1.28 11.48 18.55
CA LEU D 305 -2.01 10.35 19.09
C LEU D 305 -3.53 10.58 19.16
N HIS D 306 -3.95 11.79 19.50
CA HIS D 306 -5.37 12.04 19.59
C HIS D 306 -6.01 11.91 18.22
N ALA D 307 -5.34 12.39 17.19
CA ALA D 307 -5.93 12.39 15.86
C ALA D 307 -5.86 11.00 15.29
N LEU D 308 -4.83 10.27 15.70
CA LEU D 308 -4.66 8.90 15.26
C LEU D 308 -5.75 8.00 15.81
N LYS D 309 -5.95 8.07 17.13
CA LYS D 309 -7.00 7.28 17.81
C LYS D 309 -8.40 7.74 17.44
N LYS D 310 -8.61 9.04 17.29
CA LYS D 310 -9.96 9.50 16.96
C LYS D 310 -10.41 8.96 15.60
N GLU D 311 -9.46 8.55 14.77
CA GLU D 311 -9.86 7.99 13.49
C GLU D 311 -10.40 6.58 13.63
N LYS D 312 -9.98 5.86 14.66
CA LYS D 312 -10.55 4.56 14.95
C LYS D 312 -11.98 4.68 15.48
N ILE D 313 -12.21 5.54 16.47
CA ILE D 313 -13.55 5.79 16.96
C ILE D 313 -14.47 6.20 15.81
N ASN D 314 -13.93 6.97 14.88
CA ASN D 314 -14.65 7.37 13.68
C ASN D 314 -15.12 6.16 12.90
N ASP D 315 -14.22 5.19 12.78
CA ASP D 315 -14.51 4.00 12.00
C ASP D 315 -15.65 3.22 12.63
N PHE D 316 -15.59 3.04 13.95
CA PHE D 316 -16.68 2.44 14.66
C PHE D 316 -17.96 3.22 14.41
N VAL D 317 -17.88 4.54 14.49
CA VAL D 317 -19.08 5.35 14.40
C VAL D 317 -19.77 5.20 13.05
N ARG D 318 -19.00 5.17 11.97
CA ARG D 318 -19.58 5.06 10.64
C ARG D 318 -20.32 3.75 10.55
N GLY D 319 -19.71 2.71 11.09
CA GLY D 319 -20.31 1.38 11.09
C GLY D 319 -21.62 1.37 11.86
N HIS D 320 -21.62 1.97 13.05
CA HIS D 320 -22.79 1.89 13.91
C HIS D 320 -23.96 2.64 13.29
N PHE D 321 -23.65 3.78 12.67
CA PHE D 321 -24.65 4.62 12.01
C PHE D 321 -24.76 4.35 10.51
N HIS D 322 -24.39 3.15 10.07
CA HIS D 322 -24.57 2.80 8.67
C HIS D 322 -26.03 3.01 8.30
N GLY D 323 -26.28 3.63 7.15
CA GLY D 323 -27.66 3.88 6.73
C GLY D 323 -28.37 5.07 7.36
N CYS D 324 -27.88 5.58 8.50
CA CYS D 324 -28.44 6.78 9.11
C CYS D 324 -27.34 7.80 9.35
N PHE D 325 -26.40 7.91 8.42
CA PHE D 325 -25.25 8.78 8.59
C PHE D 325 -25.54 10.19 8.06
N ASP D 326 -26.18 11.00 8.89
CA ASP D 326 -26.68 12.33 8.53
C ASP D 326 -25.82 13.48 9.03
N PHE D 327 -24.70 13.18 9.68
CA PHE D 327 -23.87 14.25 10.23
C PHE D 327 -22.43 14.23 9.74
N ASP D 328 -21.66 15.22 10.18
CA ASP D 328 -20.27 15.36 9.78
C ASP D 328 -19.34 15.05 10.95
N LEU D 329 -18.41 14.12 10.75
CA LEU D 329 -17.49 13.75 11.83
C LEU D 329 -16.44 14.81 12.12
N ASP D 330 -16.20 15.70 11.15
CA ASP D 330 -15.28 16.81 11.35
C ASP D 330 -15.91 17.84 12.28
N ASN D 331 -17.19 17.67 12.54
CA ASN D 331 -17.93 18.58 13.39
C ASN D 331 -18.69 17.77 14.44
N THR D 332 -18.01 16.78 15.02
CA THR D 332 -18.61 15.88 15.99
C THR D 332 -17.67 15.69 17.18
N LEU D 333 -18.23 15.66 18.38
CA LEU D 333 -17.42 15.55 19.58
C LEU D 333 -17.78 14.29 20.34
N TYR D 334 -16.78 13.66 20.96
CA TYR D 334 -16.99 12.40 21.64
C TYR D 334 -16.90 12.60 23.13
N PHE D 335 -18.01 12.41 23.84
CA PHE D 335 -18.01 12.43 25.31
C PHE D 335 -18.01 10.98 25.75
N PHE D 336 -17.48 10.72 26.93
CA PHE D 336 -17.58 9.39 27.47
C PHE D 336 -17.52 9.42 28.98
N ILE D 337 -18.23 8.49 29.60
CA ILE D 337 -18.12 8.18 31.01
C ILE D 337 -17.59 6.75 31.06
N ALA D 338 -17.01 6.35 32.19
CA ALA D 338 -16.42 5.01 32.32
C ALA D 338 -16.25 4.65 33.79
N GLY D 339 -15.93 3.40 34.05
CA GLY D 339 -15.72 2.94 35.42
C GLY D 339 -16.65 1.80 35.77
N ARG D 340 -16.55 1.32 37.00
CA ARG D 340 -17.43 0.24 37.44
C ARG D 340 -18.88 0.66 37.30
N TYR D 341 -19.75 -0.32 37.06
CA TYR D 341 -21.18 -0.06 36.95
C TYR D 341 -21.74 0.26 38.31
N GLU D 342 -21.75 1.54 38.66
CA GLU D 342 -22.43 2.04 39.86
C GLU D 342 -23.35 3.20 39.51
N TYR D 343 -24.53 2.88 38.98
CA TYR D 343 -25.48 3.85 38.50
C TYR D 343 -25.48 5.20 39.25
N LYS D 344 -25.42 5.13 40.58
CA LYS D 344 -25.54 6.33 41.41
C LYS D 344 -24.21 7.02 41.70
N ASN D 345 -23.29 6.28 42.30
CA ASN D 345 -22.02 6.85 42.71
C ASN D 345 -21.17 7.39 41.58
N LYS D 346 -21.15 6.70 40.43
CA LYS D 346 -20.34 7.15 39.31
C LYS D 346 -21.05 8.24 38.51
N GLY D 347 -22.35 8.40 38.77
CA GLY D 347 -23.13 9.46 38.19
C GLY D 347 -23.70 9.19 36.82
N ALA D 348 -23.91 7.93 36.50
CA ALA D 348 -24.52 7.61 35.22
C ALA D 348 -25.88 8.29 35.11
N ASP D 349 -26.57 8.40 36.24
CA ASP D 349 -27.90 9.03 36.26
C ASP D 349 -27.88 10.53 35.85
N MET D 350 -26.97 11.32 36.43
CA MET D 350 -26.84 12.73 36.05
C MET D 350 -26.34 12.83 34.63
N PHE D 351 -25.33 12.02 34.31
CA PHE D 351 -24.73 12.05 32.99
C PHE D 351 -25.79 11.96 31.91
N ILE D 352 -26.73 11.03 32.08
CA ILE D 352 -27.74 10.77 31.06
C ILE D 352 -28.80 11.86 31.04
N GLU D 353 -29.23 12.31 32.22
CA GLU D 353 -30.23 13.37 32.30
C GLU D 353 -29.66 14.63 31.69
N ALA D 354 -28.41 14.89 32.05
CA ALA D 354 -27.68 16.02 31.53
C ALA D 354 -27.68 15.98 29.99
N LEU D 355 -27.25 14.86 29.42
CA LEU D 355 -27.23 14.69 27.97
C LEU D 355 -28.57 14.94 27.29
N ALA D 356 -29.67 14.62 27.98
CA ALA D 356 -31.00 14.80 27.40
C ALA D 356 -31.36 16.28 27.38
N ARG D 357 -30.91 16.98 28.41
CA ARG D 357 -31.05 18.43 28.48
C ARG D 357 -30.13 19.10 27.44
N LEU D 358 -28.87 18.68 27.38
CA LEU D 358 -27.95 19.23 26.40
C LEU D 358 -28.56 19.10 25.01
N ASN D 359 -29.16 17.95 24.75
CA ASN D 359 -29.78 17.67 23.45
C ASN D 359 -30.81 18.72 23.06
N TYR D 360 -31.71 19.03 24.00
CA TYR D 360 -32.70 20.07 23.78
C TYR D 360 -32.03 21.43 23.47
N ARG D 361 -31.11 21.83 24.34
CA ARG D 361 -30.40 23.10 24.21
C ARG D 361 -29.68 23.27 22.87
N LEU D 362 -29.34 22.15 22.24
CA LEU D 362 -28.64 22.20 20.97
C LEU D 362 -29.61 22.30 19.81
N LYS D 363 -30.70 21.54 19.86
CA LYS D 363 -31.75 21.65 18.86
C LYS D 363 -32.27 23.09 18.84
N VAL D 364 -32.40 23.65 20.02
CA VAL D 364 -32.93 25.01 20.13
C VAL D 364 -31.94 26.00 19.54
N SER D 365 -30.71 26.00 20.03
CA SER D 365 -29.73 26.98 19.53
C SER D 365 -29.36 26.70 18.07
N GLY D 366 -30.13 25.83 17.43
CA GLY D 366 -29.89 25.48 16.04
C GLY D 366 -28.46 25.08 15.71
N SER D 367 -27.74 24.60 16.72
CA SER D 367 -26.35 24.17 16.56
C SER D 367 -26.19 23.19 15.41
N LYS D 368 -25.01 23.15 14.82
CA LYS D 368 -24.75 22.21 13.75
C LYS D 368 -23.81 21.10 14.22
N LYS D 369 -23.34 21.20 15.46
CA LYS D 369 -22.48 20.18 16.02
C LYS D 369 -23.24 18.94 16.46
N THR D 370 -22.50 17.91 16.82
CA THR D 370 -23.08 16.65 17.20
C THR D 370 -22.22 16.01 18.28
N VAL D 371 -22.88 15.50 19.31
CA VAL D 371 -22.17 14.81 20.36
C VAL D 371 -22.53 13.34 20.38
N VAL D 372 -21.53 12.48 20.23
CA VAL D 372 -21.71 11.07 20.47
C VAL D 372 -21.16 10.77 21.85
N ALA D 373 -22.00 10.21 22.70
CA ALA D 373 -21.60 9.95 24.08
C ALA D 373 -21.50 8.46 24.29
N PHE D 374 -20.32 7.99 24.72
CA PHE D 374 -20.16 6.58 25.07
C PHE D 374 -20.28 6.31 26.56
N ILE D 375 -21.16 5.38 26.93
CA ILE D 375 -21.13 4.81 28.27
C ILE D 375 -20.39 3.47 28.24
N VAL D 376 -19.40 3.33 29.11
CA VAL D 376 -18.55 2.15 29.13
C VAL D 376 -18.51 1.60 30.55
N MET D 377 -19.46 0.74 30.87
CA MET D 377 -19.59 0.17 32.20
C MET D 377 -19.96 -1.28 32.10
N PRO D 378 -19.12 -2.16 32.65
CA PRO D 378 -19.32 -3.61 32.49
C PRO D 378 -20.68 -4.04 33.00
N ALA D 379 -21.48 -4.68 32.15
CA ALA D 379 -22.76 -5.22 32.59
C ALA D 379 -22.97 -6.60 31.98
N LYS D 380 -23.69 -7.47 32.67
CA LYS D 380 -23.92 -8.84 32.20
C LYS D 380 -24.44 -8.87 30.76
N ASN D 381 -23.71 -9.52 29.86
CA ASN D 381 -24.12 -9.59 28.48
C ASN D 381 -23.78 -10.92 27.80
N ASN D 382 -24.42 -11.19 26.66
CA ASN D 382 -24.05 -12.32 25.79
C ASN D 382 -23.30 -11.83 24.55
N SER D 383 -22.26 -11.05 24.78
CA SER D 383 -21.39 -10.58 23.70
C SER D 383 -22.06 -9.61 22.73
N PHE D 384 -21.35 -9.23 21.68
CA PHE D 384 -21.85 -8.28 20.71
C PHE D 384 -23.11 -8.73 20.00
N THR D 385 -23.75 -7.81 19.30
CA THR D 385 -24.95 -8.17 18.55
C THR D 385 -24.63 -8.49 17.09
N VAL D 386 -25.55 -9.12 16.39
CA VAL D 386 -25.35 -9.34 14.98
C VAL D 386 -25.28 -8.00 14.24
N GLU D 387 -26.17 -7.07 14.58
CA GLU D 387 -26.23 -5.76 13.92
C GLU D 387 -24.91 -5.01 14.06
N ALA D 388 -24.31 -5.09 15.23
CA ALA D 388 -23.02 -4.49 15.47
C ALA D 388 -21.98 -5.03 14.51
N LEU D 389 -21.84 -6.36 14.47
CA LEU D 389 -20.80 -6.99 13.69
C LEU D 389 -21.09 -6.86 12.20
N LYS D 390 -22.37 -6.98 11.85
CA LYS D 390 -22.78 -6.97 10.47
C LYS D 390 -22.50 -5.59 9.86
N GLY D 391 -22.82 -4.55 10.61
CA GLY D 391 -22.56 -3.19 10.19
C GLY D 391 -21.10 -2.88 9.96
N GLN D 392 -20.20 -3.21 10.89
CA GLN D 392 -18.78 -2.95 10.66
C GLN D 392 -18.28 -3.67 9.42
N ALA D 393 -18.86 -4.83 9.12
CA ALA D 393 -18.42 -5.62 7.97
C ALA D 393 -18.90 -5.03 6.66
N GLU D 394 -20.14 -4.55 6.64
CA GLU D 394 -20.69 -3.97 5.43
C GLU D 394 -19.93 -2.68 5.07
N VAL D 395 -19.38 -2.00 6.08
CA VAL D 395 -18.61 -0.79 5.83
C VAL D 395 -17.20 -1.14 5.39
N ARG D 396 -16.63 -2.17 5.99
CA ARG D 396 -15.33 -2.69 5.62
C ARG D 396 -15.34 -3.11 4.13
N ALA D 397 -16.46 -3.64 3.68
CA ALA D 397 -16.66 -4.01 2.28
C ALA D 397 -16.82 -2.81 1.35
N LEU D 398 -17.53 -1.78 1.78
CA LEU D 398 -17.62 -0.57 0.99
C LEU D 398 -16.21 -0.04 0.79
N GLU D 399 -15.48 0.11 1.89
CA GLU D 399 -14.06 0.47 1.86
C GLU D 399 -13.25 -0.29 0.80
N ASN D 400 -13.32 -1.61 0.83
CA ASN D 400 -12.53 -2.40 -0.11
C ASN D 400 -12.96 -2.17 -1.54
N THR D 401 -14.25 -2.07 -1.77
CA THR D 401 -14.69 -1.80 -3.13
C THR D 401 -14.22 -0.44 -3.64
N VAL D 402 -14.33 0.58 -2.80
CA VAL D 402 -13.90 1.93 -3.16
C VAL D 402 -12.42 1.93 -3.52
N HIS D 403 -11.61 1.27 -2.70
CA HIS D 403 -10.18 1.14 -2.96
C HIS D 403 -9.85 0.40 -4.27
N GLU D 404 -10.69 -0.55 -4.69
CA GLU D 404 -10.50 -1.18 -5.99
C GLU D 404 -10.83 -0.20 -7.09
N VAL D 405 -11.96 0.47 -6.94
CA VAL D 405 -12.39 1.43 -7.94
C VAL D 405 -11.35 2.53 -8.16
N THR D 406 -10.73 3.01 -7.07
CA THR D 406 -9.80 4.10 -7.20
C THR D 406 -8.48 3.72 -7.85
N THR D 407 -8.03 2.47 -7.72
CA THR D 407 -6.81 2.12 -8.46
C THR D 407 -7.10 1.98 -9.95
N SER D 408 -8.31 1.52 -10.29
CA SER D 408 -8.79 1.59 -11.66
C SER D 408 -8.80 3.03 -12.16
N ILE D 409 -9.40 3.92 -11.36
CA ILE D 409 -9.45 5.33 -11.70
C ILE D 409 -8.04 5.87 -11.93
N GLY D 410 -7.10 5.44 -11.08
CA GLY D 410 -5.74 5.91 -11.16
C GLY D 410 -5.10 5.55 -12.48
N LYS D 411 -5.32 4.32 -12.92
CA LYS D 411 -4.75 3.84 -14.18
C LYS D 411 -5.21 4.68 -15.37
N ARG D 412 -6.42 5.20 -15.30
CA ARG D 412 -6.96 6.04 -16.36
C ARG D 412 -6.45 7.48 -16.30
N ILE D 413 -6.32 8.01 -15.10
CA ILE D 413 -5.71 9.32 -14.91
C ILE D 413 -4.27 9.30 -15.40
N PHE D 414 -3.55 8.24 -15.05
CA PHE D 414 -2.16 8.11 -15.43
C PHE D 414 -2.01 8.03 -16.95
N ASP D 415 -2.98 7.39 -17.59
CA ASP D 415 -2.92 7.26 -19.03
C ASP D 415 -3.09 8.62 -19.68
N HIS D 416 -4.12 9.34 -19.28
CA HIS D 416 -4.36 10.62 -19.88
C HIS D 416 -3.11 11.47 -19.72
N ALA D 417 -2.55 11.46 -18.52
CA ALA D 417 -1.40 12.28 -18.19
C ALA D 417 -0.17 12.01 -19.08
N ILE D 418 0.15 10.73 -19.28
CA ILE D 418 1.37 10.31 -19.94
C ILE D 418 1.26 10.51 -21.44
N ARG D 419 0.02 10.66 -21.91
CA ARG D 419 -0.31 10.66 -23.33
C ARG D 419 -0.50 12.07 -23.88
N TYR D 420 -0.87 13.00 -23.02
CA TYR D 420 -1.05 14.40 -23.42
C TYR D 420 0.23 14.92 -24.04
N PRO D 421 0.10 15.67 -25.14
CA PRO D 421 -1.17 16.13 -25.72
C PRO D 421 -1.60 15.39 -26.98
N HIS D 422 -1.42 14.08 -27.02
CA HIS D 422 -1.51 13.40 -28.30
C HIS D 422 -2.93 12.99 -28.76
N ASN D 423 -3.21 11.69 -28.79
CA ASN D 423 -4.36 11.14 -29.51
C ASN D 423 -5.73 11.79 -29.27
N GLY D 424 -5.89 13.04 -29.70
CA GLY D 424 -7.15 13.75 -29.50
C GLY D 424 -7.20 14.50 -28.19
N LEU D 425 -6.32 14.15 -27.25
CA LEU D 425 -6.31 14.75 -25.93
C LEU D 425 -5.96 16.23 -25.98
N THR D 426 -6.94 17.07 -25.66
CA THR D 426 -6.80 18.52 -25.78
C THR D 426 -6.53 19.18 -24.43
N THR D 427 -7.03 18.58 -23.36
CA THR D 427 -6.80 19.09 -22.01
C THR D 427 -5.78 18.23 -21.26
N GLU D 428 -5.09 18.82 -20.29
CA GLU D 428 -4.07 18.10 -19.53
C GLU D 428 -4.67 16.97 -18.72
N LEU D 429 -5.74 17.26 -18.00
CA LEU D 429 -6.39 16.29 -17.16
C LEU D 429 -7.73 15.86 -17.72
N PRO D 430 -8.25 14.71 -17.28
CA PRO D 430 -9.63 14.37 -17.63
C PRO D 430 -10.55 15.44 -17.07
N THR D 431 -11.70 15.66 -17.72
CA THR D 431 -12.62 16.72 -17.31
C THR D 431 -14.04 16.19 -17.13
N ASP D 432 -14.19 14.87 -17.21
CA ASP D 432 -15.51 14.28 -17.28
C ASP D 432 -15.54 12.92 -16.59
N LEU D 433 -16.27 12.82 -15.48
CA LEU D 433 -16.25 11.62 -14.66
C LEU D 433 -16.45 10.30 -15.42
N GLY D 434 -17.28 10.32 -16.46
CA GLY D 434 -17.55 9.11 -17.23
C GLY D 434 -16.29 8.54 -17.88
N GLU D 435 -15.26 9.36 -17.95
CA GLU D 435 -13.98 8.95 -18.50
C GLU D 435 -13.19 8.11 -17.49
N LEU D 436 -13.53 8.24 -16.20
CA LEU D 436 -12.80 7.56 -15.13
C LEU D 436 -13.62 6.47 -14.45
N LEU D 437 -14.86 6.79 -14.11
CA LEU D 437 -15.79 5.80 -13.60
C LEU D 437 -16.53 5.13 -14.75
N LYS D 438 -16.24 3.85 -14.97
CA LYS D 438 -16.91 3.09 -16.01
C LYS D 438 -18.16 2.43 -15.45
N SER D 439 -18.98 1.85 -16.31
CA SER D 439 -20.22 1.21 -15.87
C SER D 439 -19.96 0.13 -14.83
N SER D 440 -18.97 -0.72 -15.10
CA SER D 440 -18.67 -1.85 -14.24
C SER D 440 -18.43 -1.43 -12.79
N ASP D 441 -17.74 -0.31 -12.60
CA ASP D 441 -17.41 0.20 -11.27
C ASP D 441 -18.66 0.74 -10.55
N LYS D 442 -19.42 1.56 -11.27
CA LYS D 442 -20.68 2.08 -10.75
C LYS D 442 -21.56 0.99 -10.16
N VAL D 443 -21.52 -0.21 -10.73
CA VAL D 443 -22.45 -1.26 -10.30
C VAL D 443 -22.13 -1.84 -8.91
N MET D 444 -20.85 -2.09 -8.62
CA MET D 444 -20.51 -2.68 -7.33
C MET D 444 -20.59 -1.65 -6.20
N LEU D 445 -20.15 -0.43 -6.45
CA LEU D 445 -20.41 0.61 -5.47
C LEU D 445 -21.91 0.68 -5.11
N LYS D 446 -22.79 0.63 -6.10
CA LYS D 446 -24.21 0.77 -5.81
C LYS D 446 -24.71 -0.36 -4.93
N ARG D 447 -24.13 -1.55 -5.13
CA ARG D 447 -24.49 -2.73 -4.35
C ARG D 447 -23.99 -2.66 -2.92
N ARG D 448 -22.82 -2.07 -2.73
CA ARG D 448 -22.30 -1.84 -1.39
C ARG D 448 -23.21 -0.90 -0.62
N ILE D 449 -23.54 0.23 -1.25
CA ILE D 449 -24.45 1.17 -0.65
C ILE D 449 -25.75 0.48 -0.24
N LEU D 450 -26.34 -0.28 -1.14
CA LEU D 450 -27.58 -0.97 -0.84
C LEU D 450 -27.47 -1.87 0.39
N ALA D 451 -26.29 -2.44 0.60
CA ALA D 451 -26.07 -3.30 1.76
C ALA D 451 -26.02 -2.49 3.06
N LEU D 452 -25.70 -1.20 2.96
CA LEU D 452 -25.61 -0.34 4.13
C LEU D 452 -26.97 0.16 4.63
N ARG D 453 -27.95 0.14 3.73
CA ARG D 453 -29.30 0.63 4.00
C ARG D 453 -30.04 -0.19 5.05
N ARG D 454 -30.63 0.47 6.04
CA ARG D 454 -31.32 -0.29 7.07
C ARG D 454 -32.85 -0.24 6.98
N PRO D 455 -33.51 -1.32 7.43
CA PRO D 455 -34.96 -1.57 7.34
C PRO D 455 -35.74 -0.32 7.68
N GLU D 456 -36.84 -0.07 6.99
CA GLU D 456 -37.53 1.23 7.11
C GLU D 456 -37.86 1.69 8.54
N GLY D 457 -37.34 2.87 8.89
CA GLY D 457 -37.58 3.45 10.20
C GLY D 457 -36.80 2.82 11.36
N GLN D 458 -35.84 1.95 11.07
CA GLN D 458 -34.98 1.46 12.13
C GLN D 458 -33.94 2.52 12.45
N LEU D 459 -33.54 2.60 13.72
CA LEU D 459 -32.56 3.58 14.16
C LEU D 459 -31.30 2.94 14.72
N PRO D 460 -30.16 3.64 14.64
CA PRO D 460 -28.92 3.11 15.21
C PRO D 460 -29.14 2.80 16.70
N PRO D 461 -28.84 1.57 17.13
CA PRO D 461 -29.17 1.15 18.49
C PRO D 461 -28.47 2.00 19.54
N ILE D 462 -28.93 1.93 20.78
CA ILE D 462 -28.32 2.68 21.87
C ILE D 462 -27.39 1.79 22.64
N VAL D 463 -27.21 0.57 22.12
CA VAL D 463 -26.44 -0.44 22.84
C VAL D 463 -25.80 -1.37 21.82
N THR D 464 -24.58 -1.82 22.11
CA THR D 464 -23.80 -2.58 21.15
C THR D 464 -23.85 -4.08 21.44
N HIS D 465 -24.32 -4.43 22.62
CA HIS D 465 -24.28 -5.81 23.08
C HIS D 465 -25.67 -6.41 23.27
N ASN D 466 -25.74 -7.73 23.23
CA ASN D 466 -26.93 -8.43 23.71
C ASN D 466 -26.87 -8.47 25.23
N MET D 467 -27.89 -7.93 25.87
CA MET D 467 -27.91 -7.79 27.32
C MET D 467 -28.61 -8.96 27.97
N VAL D 468 -27.99 -9.52 29.01
CA VAL D 468 -28.61 -10.63 29.72
C VAL D 468 -29.99 -10.17 30.21
N ASP D 469 -30.01 -9.25 31.17
CA ASP D 469 -31.29 -8.71 31.66
C ASP D 469 -31.51 -7.26 31.27
N ASP D 470 -31.98 -7.05 30.05
CA ASP D 470 -32.10 -5.72 29.48
C ASP D 470 -33.28 -4.86 29.97
N ALA D 471 -34.42 -5.48 30.29
CA ALA D 471 -35.56 -4.71 30.80
C ALA D 471 -35.27 -4.14 32.17
N ASN D 472 -34.34 -4.75 32.90
CA ASN D 472 -34.05 -4.31 34.27
C ASN D 472 -32.80 -3.46 34.47
N ASP D 473 -32.01 -3.30 33.42
CA ASP D 473 -30.76 -2.56 33.48
C ASP D 473 -31.01 -1.08 33.81
N LEU D 474 -30.20 -0.53 34.70
CA LEU D 474 -30.43 0.84 35.13
C LEU D 474 -30.10 1.88 34.05
N ILE D 475 -28.92 1.76 33.44
CA ILE D 475 -28.56 2.62 32.32
C ILE D 475 -29.64 2.59 31.25
N LEU D 476 -30.02 1.40 30.78
CA LEU D 476 -30.96 1.32 29.67
C LEU D 476 -32.34 1.85 30.03
N ASN D 477 -32.75 1.69 31.28
CA ASN D 477 -34.04 2.23 31.70
C ASN D 477 -34.01 3.74 31.68
N LYS D 478 -32.94 4.31 32.23
CA LYS D 478 -32.74 5.75 32.25
C LYS D 478 -32.73 6.34 30.84
N ILE D 479 -32.02 5.74 29.93
CA ILE D 479 -32.00 6.22 28.58
C ILE D 479 -33.32 6.26 27.86
N ARG D 480 -34.19 5.33 28.17
CA ARG D 480 -35.46 5.17 27.50
C ARG D 480 -36.45 6.16 28.04
N GLN D 481 -36.29 6.49 29.29
CA GLN D 481 -37.12 7.47 29.90
C GLN D 481 -36.92 8.84 29.31
N VAL D 482 -35.67 9.17 29.02
CA VAL D 482 -35.33 10.45 28.47
C VAL D 482 -35.41 10.38 26.98
N GLN D 483 -35.57 9.19 26.45
CA GLN D 483 -35.90 9.03 25.06
C GLN D 483 -34.85 9.44 24.09
N LEU D 484 -33.61 9.23 24.45
CA LEU D 484 -32.47 9.38 23.54
C LEU D 484 -32.29 8.13 22.67
N PHE D 485 -32.88 8.13 21.49
CA PHE D 485 -32.88 6.94 20.65
C PHE D 485 -32.14 7.14 19.33
N ASN D 486 -31.16 8.03 19.34
CA ASN D 486 -30.34 8.25 18.14
C ASN D 486 -31.12 8.57 16.88
N SER D 487 -32.26 9.24 17.01
CA SER D 487 -32.99 9.68 15.82
C SER D 487 -32.18 10.78 15.12
N PRO D 488 -32.46 11.01 13.83
CA PRO D 488 -31.62 11.87 13.01
C PRO D 488 -31.71 13.33 13.44
N SER D 489 -32.81 13.70 14.10
CA SER D 489 -33.03 15.07 14.54
C SER D 489 -32.40 15.32 15.91
N ASP D 490 -31.70 14.33 16.46
CA ASP D 490 -31.07 14.49 17.74
C ASP D 490 -29.61 14.88 17.60
N ARG D 491 -29.19 15.89 18.35
CA ARG D 491 -27.82 16.36 18.24
C ARG D 491 -26.94 15.59 19.21
N VAL D 492 -27.56 14.86 20.13
CA VAL D 492 -26.81 14.00 21.02
C VAL D 492 -27.15 12.56 20.72
N LYS D 493 -26.12 11.78 20.40
CA LYS D 493 -26.27 10.38 20.06
C LYS D 493 -25.78 9.61 21.26
N MET D 494 -26.18 8.36 21.36
CA MET D 494 -26.02 7.65 22.59
C MET D 494 -25.62 6.20 22.34
N ILE D 495 -24.55 5.76 22.99
CA ILE D 495 -24.00 4.42 22.77
C ILE D 495 -23.54 3.77 24.04
N PHE D 496 -24.31 2.81 24.54
CA PHE D 496 -23.94 2.05 25.72
C PHE D 496 -23.10 0.84 25.31
N HIS D 497 -21.90 0.70 25.87
CA HIS D 497 -20.99 -0.39 25.51
C HIS D 497 -20.62 -1.14 26.76
N PRO D 498 -21.49 -2.06 27.18
CA PRO D 498 -21.46 -2.67 28.52
C PRO D 498 -20.24 -3.57 28.79
N GLU D 499 -19.04 -3.14 28.39
CA GLU D 499 -17.89 -4.01 28.45
C GLU D 499 -16.63 -3.19 28.53
N PHE D 500 -15.67 -3.63 29.34
CA PHE D 500 -14.35 -3.03 29.35
C PHE D 500 -13.80 -2.98 27.93
N LEU D 501 -13.22 -1.84 27.55
CA LEU D 501 -12.62 -1.73 26.23
C LEU D 501 -11.37 -2.58 26.13
N ASN D 502 -11.13 -3.14 24.96
CA ASN D 502 -10.00 -4.03 24.74
C ASN D 502 -9.70 -4.08 23.25
N ALA D 503 -8.42 -3.93 22.90
CA ALA D 503 -8.02 -3.88 21.49
C ALA D 503 -8.26 -5.20 20.75
N ASN D 504 -8.64 -6.24 21.51
CA ASN D 504 -9.00 -7.50 20.88
C ASN D 504 -10.39 -7.50 20.30
N ASN D 505 -11.29 -6.75 20.93
CA ASN D 505 -12.65 -6.59 20.42
C ASN D 505 -12.71 -6.37 18.91
N PRO D 506 -13.72 -6.95 18.26
CA PRO D 506 -13.89 -6.85 16.82
C PRO D 506 -14.58 -5.56 16.43
N ILE D 507 -15.12 -4.83 17.40
CA ILE D 507 -15.95 -3.68 17.07
C ILE D 507 -15.28 -2.33 17.36
N LEU D 508 -14.88 -2.14 18.61
CA LEU D 508 -14.17 -0.95 18.97
C LEU D 508 -12.80 -1.44 19.39
N GLY D 509 -11.97 -1.69 18.39
CA GLY D 509 -10.71 -2.39 18.62
C GLY D 509 -9.61 -1.57 19.25
N LEU D 510 -9.92 -0.87 20.35
CA LEU D 510 -8.96 -0.01 21.03
C LEU D 510 -8.82 -0.37 22.50
N ASP D 511 -7.62 -0.22 23.06
CA ASP D 511 -7.44 -0.37 24.51
C ASP D 511 -8.05 0.85 25.21
N TYR D 512 -8.33 0.75 26.51
CA TYR D 512 -8.97 1.86 27.20
C TYR D 512 -8.24 3.20 27.04
N ASP D 513 -6.93 3.19 27.22
CA ASP D 513 -6.17 4.42 27.10
C ASP D 513 -6.12 4.96 25.66
N GLU D 514 -6.15 4.08 24.67
CA GLU D 514 -6.19 4.54 23.27
C GLU D 514 -7.49 5.26 23.00
N PHE D 515 -8.57 4.72 23.55
CA PHE D 515 -9.91 5.26 23.31
C PHE D 515 -10.06 6.64 23.93
N VAL D 516 -9.48 6.84 25.11
CA VAL D 516 -9.60 8.11 25.82
C VAL D 516 -8.90 9.21 25.03
N ARG D 517 -7.62 8.99 24.75
CA ARG D 517 -6.86 9.85 23.85
C ARG D 517 -7.70 10.33 22.68
N GLY D 518 -8.43 9.42 22.04
CA GLY D 518 -9.24 9.74 20.88
C GLY D 518 -10.52 10.53 21.14
N CYS D 519 -10.91 10.65 22.40
CA CYS D 519 -12.13 11.40 22.72
C CYS D 519 -11.89 12.88 22.94
N HIS D 520 -12.96 13.61 23.21
CA HIS D 520 -12.85 15.03 23.42
C HIS D 520 -13.00 15.42 24.90
N LEU D 521 -13.99 14.86 25.56
CA LEU D 521 -14.28 15.25 26.95
C LEU D 521 -14.72 14.06 27.81
N GLY D 522 -13.97 13.78 28.88
CA GLY D 522 -14.42 12.80 29.87
C GLY D 522 -15.52 13.41 30.72
N VAL D 523 -16.41 12.58 31.27
CA VAL D 523 -17.49 13.12 32.12
C VAL D 523 -17.81 12.19 33.29
N PHE D 524 -17.35 12.55 34.48
CA PHE D 524 -17.41 11.66 35.63
C PHE D 524 -18.01 12.36 36.84
N PRO D 525 -19.33 12.55 36.80
CA PRO D 525 -20.11 13.25 37.80
C PRO D 525 -20.37 12.38 39.03
N SER D 526 -19.30 11.99 39.72
CA SER D 526 -19.39 11.11 40.88
C SER D 526 -20.16 11.64 42.11
N TYR D 527 -20.40 10.75 43.07
CA TYR D 527 -21.00 11.13 44.34
C TYR D 527 -20.23 10.53 45.51
N TYR D 528 -19.67 9.35 45.32
CA TYR D 528 -18.70 8.82 46.25
C TYR D 528 -17.45 8.39 45.49
N GLU D 529 -16.38 9.14 45.66
CA GLU D 529 -15.16 8.91 44.91
C GLU D 529 -14.03 9.46 45.74
N PRO D 530 -13.57 8.68 46.73
CA PRO D 530 -12.49 9.09 47.62
C PRO D 530 -11.33 9.65 46.82
N TRP D 531 -10.89 8.96 45.77
CA TRP D 531 -9.90 9.53 44.86
C TRP D 531 -10.39 9.76 43.43
N GLY D 532 -10.78 8.71 42.74
CA GLY D 532 -11.20 8.91 41.35
C GLY D 532 -10.02 8.92 40.39
N TYR D 533 -9.53 7.71 40.13
CA TYR D 533 -8.38 7.51 39.25
C TYR D 533 -8.78 7.84 37.82
N THR D 534 -10.09 7.87 37.56
CA THR D 534 -10.61 8.01 36.21
C THR D 534 -10.34 9.40 35.60
N PRO D 535 -10.78 10.48 36.28
CA PRO D 535 -10.50 11.80 35.71
C PRO D 535 -9.00 12.10 35.78
N ALA D 536 -8.32 11.52 36.76
CA ALA D 536 -6.89 11.69 36.87
C ALA D 536 -6.18 11.16 35.63
N GLU D 537 -6.46 9.91 35.27
CA GLU D 537 -5.83 9.32 34.11
C GLU D 537 -6.20 10.10 32.87
N CYS D 538 -7.47 10.47 32.79
CA CYS D 538 -7.99 11.22 31.66
C CYS D 538 -7.20 12.50 31.42
N THR D 539 -6.82 13.16 32.50
CA THR D 539 -6.04 14.39 32.42
C THR D 539 -4.61 14.11 31.89
N VAL D 540 -4.03 12.99 32.30
CA VAL D 540 -2.67 12.67 31.90
C VAL D 540 -2.60 12.40 30.41
N MET D 541 -3.71 11.94 29.84
CA MET D 541 -3.81 11.64 28.42
C MET D 541 -4.05 12.90 27.59
N GLY D 542 -4.20 14.03 28.27
CA GLY D 542 -4.43 15.28 27.58
C GLY D 542 -5.88 15.57 27.27
N VAL D 543 -6.79 14.86 27.95
CA VAL D 543 -8.21 15.02 27.68
C VAL D 543 -8.90 15.76 28.82
N PRO D 544 -9.68 16.80 28.48
CA PRO D 544 -10.50 17.59 29.41
C PRO D 544 -11.55 16.74 30.09
N SER D 545 -11.86 17.05 31.34
CA SER D 545 -12.78 16.21 32.11
C SER D 545 -13.66 17.01 33.04
N ILE D 546 -14.92 16.62 33.12
CA ILE D 546 -15.81 17.15 34.14
C ILE D 546 -15.81 16.22 35.38
N THR D 547 -15.69 16.80 36.55
CA THR D 547 -15.58 16.04 37.80
C THR D 547 -16.47 16.73 38.84
N THR D 548 -16.36 16.35 40.11
CA THR D 548 -17.20 16.97 41.13
C THR D 548 -16.41 17.36 42.36
N ASN D 549 -16.91 18.39 43.07
CA ASN D 549 -16.28 18.85 44.31
C ASN D 549 -16.42 17.83 45.43
N VAL D 550 -17.22 16.80 45.15
CA VAL D 550 -17.47 15.71 46.07
C VAL D 550 -16.54 14.53 45.76
N SER D 551 -15.92 14.58 44.60
CA SER D 551 -14.94 13.60 44.20
C SER D 551 -13.57 13.97 44.76
N GLY D 552 -12.77 12.96 45.07
CA GLY D 552 -11.45 13.20 45.60
C GLY D 552 -10.55 13.97 44.67
N PHE D 553 -10.70 13.76 43.37
CA PHE D 553 -9.87 14.40 42.36
C PHE D 553 -10.32 15.85 42.14
N GLY D 554 -11.62 16.09 42.25
CA GLY D 554 -12.13 17.43 42.11
C GLY D 554 -11.75 18.30 43.30
N SER D 555 -11.75 17.70 44.49
CA SER D 555 -11.45 18.43 45.71
C SER D 555 -9.99 18.81 45.76
N TYR D 556 -9.14 17.94 45.23
CA TYR D 556 -7.71 18.21 45.18
C TYR D 556 -7.39 19.25 44.11
N MET D 557 -8.27 19.38 43.13
CA MET D 557 -8.04 20.24 41.98
C MET D 557 -8.65 21.61 42.20
N GLU D 558 -9.61 21.66 43.11
CA GLU D 558 -10.37 22.86 43.40
C GLU D 558 -9.58 23.74 44.36
N ASP D 559 -8.63 23.12 45.06
CA ASP D 559 -7.76 23.81 46.00
C ASP D 559 -6.42 24.12 45.35
N LEU D 560 -6.38 24.05 44.02
CA LEU D 560 -5.17 24.34 43.26
C LEU D 560 -5.37 25.39 42.20
N ILE D 561 -6.64 25.73 41.94
CA ILE D 561 -6.99 26.63 40.85
C ILE D 561 -8.39 27.15 41.11
N GLU D 562 -8.59 28.46 41.08
CA GLU D 562 -9.93 28.97 41.31
C GLU D 562 -10.86 28.40 40.23
N THR D 563 -12.05 27.99 40.64
CA THR D 563 -12.94 27.16 39.79
C THR D 563 -13.38 27.80 38.46
N ASN D 564 -12.98 29.04 38.21
CA ASN D 564 -13.16 29.60 36.87
C ASN D 564 -11.87 29.50 36.05
N GLN D 565 -10.73 29.72 36.72
CA GLN D 565 -9.43 29.53 36.07
C GLN D 565 -9.33 28.14 35.46
N ALA D 566 -9.61 27.13 36.27
CA ALA D 566 -9.45 25.72 35.91
C ALA D 566 -10.11 25.30 34.59
N LYS D 567 -11.30 25.80 34.31
CA LYS D 567 -11.97 25.47 33.06
C LYS D 567 -11.09 25.72 31.81
N ASP D 568 -10.21 26.70 31.89
CA ASP D 568 -9.30 26.96 30.77
C ASP D 568 -8.23 25.90 30.70
N TYR D 569 -8.02 25.21 31.81
CA TYR D 569 -7.10 24.09 31.87
C TYR D 569 -7.82 22.77 31.60
N GLY D 570 -9.08 22.85 31.17
CA GLY D 570 -9.84 21.67 30.86
C GLY D 570 -10.32 20.89 32.06
N ILE D 571 -10.37 21.53 33.22
CA ILE D 571 -10.93 20.86 34.38
C ILE D 571 -12.19 21.52 34.87
N TYR D 572 -13.32 20.90 34.56
CA TYR D 572 -14.61 21.37 35.00
C TYR D 572 -15.01 20.67 36.30
N ILE D 573 -15.45 21.44 37.30
CA ILE D 573 -15.80 20.87 38.59
C ILE D 573 -17.25 21.20 38.93
N VAL D 574 -18.09 20.16 38.96
CA VAL D 574 -19.50 20.34 39.29
C VAL D 574 -19.64 20.32 40.80
N ASP D 575 -20.48 21.21 41.32
CA ASP D 575 -20.76 21.26 42.73
C ASP D 575 -21.89 20.29 43.11
N ARG D 576 -21.54 19.24 43.85
CA ARG D 576 -22.52 18.25 44.30
C ARG D 576 -22.76 18.37 45.79
N ARG D 577 -21.96 19.20 46.46
CA ARG D 577 -22.03 19.42 47.90
C ARG D 577 -23.11 20.42 48.30
N PHE D 578 -23.02 21.64 47.75
CA PHE D 578 -23.84 22.75 48.19
C PHE D 578 -24.85 23.22 47.14
N LYS D 579 -25.36 22.28 46.35
CA LYS D 579 -26.39 22.61 45.36
C LYS D 579 -27.44 21.52 45.33
N ALA D 580 -28.67 21.93 45.04
CA ALA D 580 -29.77 20.99 44.86
C ALA D 580 -29.52 20.10 43.64
N PRO D 581 -29.91 18.82 43.74
CA PRO D 581 -29.68 17.84 42.69
C PRO D 581 -30.06 18.35 41.30
N ASP D 582 -31.05 19.22 41.21
CA ASP D 582 -31.45 19.74 39.92
C ASP D 582 -30.52 20.87 39.45
N GLU D 583 -29.95 21.59 40.40
CA GLU D 583 -29.01 22.65 40.03
C GLU D 583 -27.67 22.05 39.60
N SER D 584 -27.30 20.92 40.23
CA SER D 584 -26.09 20.20 39.85
C SER D 584 -26.17 19.76 38.38
N VAL D 585 -27.31 19.23 37.97
CA VAL D 585 -27.47 18.80 36.59
C VAL D 585 -27.27 19.96 35.63
N GLU D 586 -28.03 21.02 35.84
CA GLU D 586 -27.93 22.24 35.05
C GLU D 586 -26.50 22.80 35.00
N GLN D 587 -25.76 22.68 36.08
CA GLN D 587 -24.37 23.07 36.03
C GLN D 587 -23.60 22.17 35.05
N LEU D 588 -23.89 20.87 35.08
CA LEU D 588 -23.26 19.91 34.17
C LEU D 588 -23.61 20.24 32.73
N VAL D 589 -24.89 20.46 32.46
CA VAL D 589 -25.27 20.88 31.13
C VAL D 589 -24.49 22.13 30.69
N ASP D 590 -24.44 23.17 31.54
CA ASP D 590 -23.77 24.43 31.20
C ASP D 590 -22.36 24.17 30.69
N TYR D 591 -21.58 23.48 31.51
CA TYR D 591 -20.23 23.01 31.15
C TYR D 591 -20.16 22.27 29.79
N MET D 592 -21.09 21.36 29.53
CA MET D 592 -21.03 20.64 28.27
C MET D 592 -21.28 21.62 27.15
N GLU D 593 -22.29 22.46 27.33
CA GLU D 593 -22.70 23.38 26.27
C GLU D 593 -21.56 24.36 25.99
N GLU D 594 -20.91 24.80 27.07
CA GLU D 594 -19.72 25.62 26.96
C GLU D 594 -18.70 24.93 26.05
N PHE D 595 -18.33 23.71 26.42
CA PHE D 595 -17.36 22.93 25.66
C PHE D 595 -17.74 22.67 24.20
N VAL D 596 -19.01 22.42 23.92
CA VAL D 596 -19.44 22.16 22.54
C VAL D 596 -19.20 23.38 21.65
N LYS D 597 -19.30 24.57 22.24
CA LYS D 597 -19.24 25.79 21.47
C LYS D 597 -17.81 26.16 21.07
N LYS D 598 -16.82 25.56 21.72
CA LYS D 598 -15.43 25.81 21.37
C LYS D 598 -15.15 25.53 19.87
N THR D 599 -14.08 26.12 19.36
CA THR D 599 -13.64 25.89 17.99
C THR D 599 -12.54 24.82 18.00
N ARG D 600 -12.10 24.38 16.83
CA ARG D 600 -10.99 23.43 16.83
C ARG D 600 -9.74 24.01 17.50
N ARG D 601 -9.39 25.26 17.18
CA ARG D 601 -8.21 25.87 17.80
C ARG D 601 -8.38 25.93 19.32
N GLN D 602 -9.53 26.40 19.78
CA GLN D 602 -9.77 26.45 21.21
C GLN D 602 -9.61 25.08 21.87
N ARG D 603 -10.15 24.04 21.24
CA ARG D 603 -10.02 22.67 21.77
C ARG D 603 -8.56 22.23 21.84
N ILE D 604 -7.82 22.49 20.77
CA ILE D 604 -6.40 22.14 20.71
C ILE D 604 -5.62 22.86 21.80
N ASN D 605 -5.95 24.13 22.03
CA ASN D 605 -5.32 24.89 23.09
C ASN D 605 -5.67 24.34 24.45
N GLN D 606 -6.97 24.14 24.67
CA GLN D 606 -7.40 23.60 25.95
C GLN D 606 -6.71 22.27 26.24
N ARG D 607 -6.54 21.45 25.20
CA ARG D 607 -5.86 20.17 25.40
C ARG D 607 -4.40 20.36 25.80
N ASN D 608 -3.71 21.28 25.15
CA ASN D 608 -2.32 21.55 25.52
C ASN D 608 -2.25 21.96 26.98
N ALA D 609 -3.22 22.78 27.37
CA ALA D 609 -3.31 23.27 28.73
C ALA D 609 -3.45 22.12 29.70
N THR D 610 -4.48 21.30 29.50
CA THR D 610 -4.76 20.24 30.44
C THR D 610 -3.58 19.29 30.51
N GLU D 611 -2.86 19.18 29.41
CA GLU D 611 -1.76 18.23 29.35
C GLU D 611 -0.60 18.71 30.21
N ALA D 612 -0.33 20.00 30.16
CA ALA D 612 0.67 20.60 31.05
C ALA D 612 0.37 20.35 32.53
N LEU D 613 -0.90 20.46 32.92
CA LEU D 613 -1.32 20.07 34.26
C LEU D 613 -0.82 18.70 34.70
N SER D 614 -0.68 17.78 33.75
CA SER D 614 -0.40 16.40 34.11
C SER D 614 0.94 16.23 34.83
N ASP D 615 1.89 17.13 34.58
CA ASP D 615 3.19 17.01 35.24
C ASP D 615 3.04 17.25 36.74
N LEU D 616 1.79 17.43 37.16
CA LEU D 616 1.45 17.80 38.52
C LEU D 616 0.67 16.68 39.22
N LEU D 617 0.30 15.67 38.45
CA LEU D 617 -0.29 14.44 39.01
C LEU D 617 0.75 13.33 39.06
N ASP D 618 2.00 13.67 38.74
CA ASP D 618 3.10 12.69 38.63
C ASP D 618 3.68 12.42 40.01
N TRP D 619 4.12 11.20 40.26
CA TRP D 619 4.75 10.88 41.54
C TRP D 619 5.98 11.74 41.81
N LYS D 620 6.51 12.36 40.77
CA LYS D 620 7.68 13.21 40.91
C LYS D 620 7.35 14.55 41.57
N ARG D 621 6.07 14.76 41.88
CA ARG D 621 5.64 15.92 42.64
C ARG D 621 4.68 15.52 43.75
N MET D 622 4.02 14.38 43.56
CA MET D 622 3.02 13.91 44.51
C MET D 622 3.70 13.05 45.56
N GLY D 623 4.85 12.50 45.18
CA GLY D 623 5.66 11.69 46.07
C GLY D 623 6.36 12.53 47.11
N LEU D 624 6.23 13.86 46.99
CA LEU D 624 6.78 14.80 47.97
C LEU D 624 5.86 14.89 49.20
N GLU D 625 4.62 14.45 49.04
CA GLU D 625 3.67 14.44 50.15
C GLU D 625 3.80 13.17 50.98
N TYR D 626 4.37 12.14 50.36
CA TYR D 626 4.74 10.93 51.09
C TYR D 626 6.07 11.17 51.79
N VAL D 627 6.65 12.35 51.59
CA VAL D 627 7.88 12.73 52.27
C VAL D 627 7.54 13.59 53.48
N LYS D 628 6.58 14.50 53.32
CA LYS D 628 6.15 15.34 54.43
C LYS D 628 5.53 14.49 55.53
N ALA D 629 4.85 13.42 55.14
CA ALA D 629 4.22 12.53 56.10
C ALA D 629 5.24 11.68 56.83
N ARG D 630 6.26 11.22 56.11
CA ARG D 630 7.31 10.40 56.70
C ARG D 630 8.16 11.18 57.70
N GLN D 631 8.15 12.50 57.61
CA GLN D 631 8.94 13.33 58.51
C GLN D 631 8.08 13.99 59.60
N LEU D 632 6.77 14.07 59.37
CA LEU D 632 5.87 14.48 60.43
C LEU D 632 5.67 13.30 61.36
N ALA D 633 6.36 12.20 61.07
CA ALA D 633 6.33 11.02 61.92
C ALA D 633 7.72 10.73 62.48
N LEU D 634 8.72 11.46 61.99
CA LEU D 634 10.07 11.41 62.55
C LEU D 634 10.26 12.61 63.48
N ARG D 635 9.27 13.50 63.48
CA ARG D 635 9.28 14.69 64.32
C ARG D 635 8.34 14.48 65.51
N ARG D 636 7.36 13.60 65.33
CA ARG D 636 6.40 13.30 66.40
C ARG D 636 6.84 12.10 67.24
N GLY D 637 7.85 11.37 66.75
CA GLY D 637 8.31 10.17 67.42
C GLY D 637 9.57 10.38 68.25
N TYR D 638 10.54 11.08 67.68
CA TYR D 638 11.78 11.41 68.37
C TYR D 638 11.96 12.93 68.41
N PRO D 639 11.04 13.65 69.10
CA PRO D 639 10.98 15.12 69.05
C PRO D 639 12.32 15.77 69.36
N ASP D 640 13.26 15.00 69.91
CA ASP D 640 14.54 15.55 70.37
C ASP D 640 15.63 15.54 69.30
N GLN D 641 15.96 14.35 68.78
CA GLN D 641 16.96 14.26 67.73
C GLN D 641 16.58 15.10 66.50
N PHE D 642 15.35 15.61 66.51
CA PHE D 642 14.84 16.50 65.47
C PHE D 642 14.93 17.93 65.98
N ARG D 643 16.05 18.23 66.62
CA ARG D 643 16.33 19.53 67.19
C ARG D 643 17.83 19.56 67.37
N GLU D 644 18.46 18.44 67.01
CA GLU D 644 19.91 18.28 67.03
C GLU D 644 20.40 18.10 65.59
N LEU D 645 19.47 17.79 64.69
CA LEU D 645 19.74 17.66 63.26
C LEU D 645 19.11 18.83 62.50
N VAL D 646 18.06 19.41 63.07
CA VAL D 646 17.44 20.62 62.54
C VAL D 646 17.77 21.80 63.44
N GLY D 647 18.28 21.50 64.64
CA GLY D 647 18.75 22.50 65.57
C GLY D 647 17.66 23.17 66.39
N GLU D 648 16.42 22.92 66.01
CA GLU D 648 15.28 23.64 66.59
C GLU D 648 14.02 22.78 66.57
N GLU D 649 12.87 23.42 66.77
CA GLU D 649 11.59 22.76 66.56
C GLU D 649 10.63 23.62 65.76
N LEU D 650 10.00 23.02 64.75
CA LEU D 650 8.97 23.68 63.96
C LEU D 650 7.60 23.16 64.35
N ASN D 651 6.63 24.08 64.47
CA ASN D 651 5.24 23.76 64.77
C ASN D 651 4.79 22.48 64.04
N ASP D 652 4.40 21.45 64.80
CA ASP D 652 4.05 20.16 64.21
C ASP D 652 2.65 19.64 64.56
N SER D 653 1.61 20.36 64.13
CA SER D 653 0.24 19.88 64.25
C SER D 653 -0.32 19.50 62.88
N ASN D 654 0.34 20.00 61.83
CA ASN D 654 0.01 19.69 60.44
C ASN D 654 1.22 19.18 59.68
N MET D 655 0.97 18.51 58.56
CA MET D 655 2.05 18.15 57.66
C MET D 655 2.58 19.39 56.98
N ASP D 656 1.67 20.30 56.65
CA ASP D 656 1.99 21.53 55.93
C ASP D 656 2.51 22.63 56.85
N ALA D 657 2.39 22.40 58.17
CA ALA D 657 2.91 23.32 59.17
C ALA D 657 4.39 23.04 59.48
N LEU D 658 4.80 21.80 59.20
CA LEU D 658 6.19 21.38 59.41
C LEU D 658 7.09 21.82 58.25
N ALA D 659 6.51 22.46 57.25
CA ALA D 659 7.26 22.97 56.11
C ALA D 659 6.61 24.23 55.55
#